data_8YHE
#
_entry.id   8YHE
#
_cell.length_a   1.00
_cell.length_b   1.00
_cell.length_c   1.00
_cell.angle_alpha   90.00
_cell.angle_beta   90.00
_cell.angle_gamma   90.00
#
_symmetry.space_group_name_H-M   'P 1'
#
loop_
_entity.id
_entity.type
_entity.pdbx_description
1 polymer 'protein structure'
2 polymer 'protein structure'
3 polymer 'protein structure'
4 polymer 'RNA (46-MER)'
5 polymer 'RNA (29-MER)'
6 non-polymer 'ZINC ION'
#
loop_
_entity_poly.entity_id
_entity_poly.type
_entity_poly.pdbx_seq_one_letter_code
_entity_poly.pdbx_strand_id
1 'polypeptide(L)'
;MAKTMKKIYVTMKTLSPLYTGEVRREDKEAAQKRVNFPVRKTATNKVLIPFKGALRSALEIMLKAKGENVCDTGESRARP
CGRCVTCSLFGSMGRAGRASVDFLISNDTKEQIVRESTHLRIERQTKSASDTFKGEEVIEGATFTATITISNPQEKDLSL
IQSALKFIEENGIGGWLNKGYGRVSFEVKSEDVATDRFLK
;
A,B,C,D,E,F,J
2 'polypeptide(L)'
;MKEIKGILESITGFSIPLDNGEYALYPAGRHLRGAIGYIAFNLDLPISSKFLDFDFDDIIFRDLLPISKCGKIFYPEKNS
NSLKCPSCNEIYGSSVLRNIMARGLSYKEVIEGKKYRLSIIVKDEKYLNEMEAIIRYILSYGIYLGNKVSKGYGKFKIKE
YSIVDILPVKDSEVLLLSDAIIDNGEKDIVFSKKEISSSKFEIIRKRGKAKGDIIRDNNHNGFYIGKYGGLGFGEIISLK
;
G
3 'polypeptide(L)'
;MIKFIGGASKVTGSAFLLETGAKILIDCGIEQEKGIEKDNNEIIEKKINEIGKADICILTHAHLDHSGLVPLLVKKRKVN
KIISTPATKELCRLLFNDFQRIQEENNDIPLYSYDDIESSFEIWDEIDDRNTIELFDTKITFYNNSHIIGSVSVFIETHN
GNYLFSGDIGSKLQQLMDYPPDMPDGNVDYLILESTYGNKSHDSSDRDRLLEIAKTTCENGGKVLIPSFAIGRLQEVLYT
FSNYNFNFPVYIDSPMGSKVTNLIKEYNIYLKKKLRRLSITDDLFNNKYIAINTSNQSKELSNSKEPAVIISASGMLEGG
RILNHLEQIKNDENSTLIFVGYQAQNTRGRKILDGEEKVRCRIEKLNSFSAHADQDELIDYIERLKYTPYKVFLVHGEKE
QREILAKRIISKKIRVELPENYSQGKEILIEKKVVLNINTDNMCNFASYRLMPFSGFIVEKDDRIEINDKNWFDMIWNEE
YNKMRSQIVAEDFSTDQNEDSMALPDMSHDKIIENIEYLFNIKILSKNRIKEFWEEFCKGQKAAIKYITQVHRKNPNTGR
RNWNPPEGDFTDNEIEKLYETAYNTLLSLIKYDKNKVYNILINFNPKL
;
H,I,K,L
4 'polyribonucleotide' GUUAAAACUCUUCUCAUGCUGGAUUCGAAAUUAGGUGCGCUUCGCGUU M
5 'polyribonucleotide' GAACACCCAAUAGCGAAGCGCACCUAAUUUCGAAUCCAGCAUGAGAAGCUAA N
#
# COMPACT_ATOMS: atom_id res chain seq x y z
N LYS A 3 25.30 -3.31 -73.65
CA LYS A 3 24.05 -3.49 -74.37
C LYS A 3 24.17 -4.56 -75.44
N THR A 4 25.36 -4.69 -76.02
CA THR A 4 25.63 -5.67 -77.05
C THR A 4 26.79 -6.56 -76.63
N MET A 5 26.78 -7.79 -77.16
CA MET A 5 27.85 -8.76 -76.93
C MET A 5 28.41 -9.20 -78.27
N LYS A 6 29.62 -9.76 -78.24
CA LYS A 6 30.29 -10.22 -79.44
C LYS A 6 30.40 -11.74 -79.40
N LYS A 7 29.84 -12.40 -80.40
CA LYS A 7 29.90 -13.85 -80.53
C LYS A 7 30.90 -14.18 -81.63
N ILE A 8 32.07 -14.68 -81.24
CA ILE A 8 33.09 -15.10 -82.17
C ILE A 8 33.04 -16.63 -82.22
N TYR A 9 32.39 -17.17 -83.25
CA TYR A 9 32.33 -18.61 -83.44
C TYR A 9 33.61 -19.05 -84.16
N VAL A 10 34.45 -19.81 -83.45
CA VAL A 10 35.77 -20.18 -83.94
C VAL A 10 35.77 -21.68 -84.19
N THR A 11 36.01 -22.06 -85.44
CA THR A 11 36.22 -23.45 -85.80
C THR A 11 37.71 -23.69 -85.98
N MET A 12 38.19 -24.83 -85.50
CA MET A 12 39.61 -25.17 -85.56
C MET A 12 39.76 -26.50 -86.29
N LYS A 13 40.43 -26.45 -87.43
CA LYS A 13 40.76 -27.64 -88.20
C LYS A 13 42.24 -27.97 -88.02
N THR A 14 42.52 -29.24 -87.76
CA THR A 14 43.88 -29.67 -87.48
C THR A 14 44.61 -30.05 -88.77
N ASN A 45 31.44 -38.26 -75.03
CA ASN A 45 32.84 -38.64 -75.16
C ASN A 45 33.49 -37.90 -76.34
N LYS A 46 34.28 -36.88 -76.03
CA LYS A 46 34.97 -36.09 -77.04
C LYS A 46 36.32 -35.68 -76.48
N VAL A 47 36.96 -34.73 -77.16
CA VAL A 47 38.27 -34.21 -76.77
C VAL A 47 38.14 -32.75 -76.40
N LEU A 48 38.81 -32.34 -75.34
CA LEU A 48 38.76 -30.98 -74.84
C LEU A 48 40.17 -30.37 -74.82
N ILE A 49 40.29 -29.18 -75.38
CA ILE A 49 41.56 -28.45 -75.45
C ILE A 49 41.34 -27.04 -74.95
N PRO A 50 42.12 -26.55 -73.98
CA PRO A 50 41.99 -25.15 -73.55
C PRO A 50 42.41 -24.17 -74.64
N PHE A 51 41.72 -23.04 -74.67
CA PHE A 51 41.91 -21.99 -75.67
C PHE A 51 42.18 -20.64 -75.01
N LYS A 52 41.61 -20.39 -73.84
CA LYS A 52 41.69 -19.08 -73.20
C LYS A 52 43.11 -18.79 -72.71
N GLY A 53 43.77 -19.79 -72.13
CA GLY A 53 45.16 -19.64 -71.74
C GLY A 53 46.09 -19.46 -72.93
N ALA A 54 45.81 -20.17 -74.02
CA ALA A 54 46.59 -20.01 -75.25
C ALA A 54 46.44 -18.62 -75.85
N LEU A 55 45.20 -18.11 -75.89
CA LEU A 55 44.96 -16.77 -76.42
C LEU A 55 45.57 -15.69 -75.53
N ARG A 56 45.47 -15.87 -74.21
CA ARG A 56 46.07 -14.94 -73.26
C ARG A 56 47.59 -14.91 -73.37
N SER A 57 48.19 -16.08 -73.53
CA SER A 57 49.64 -16.11 -73.66
C SER A 57 50.02 -15.43 -74.95
N ALA A 58 49.38 -15.83 -76.03
CA ALA A 58 49.73 -15.29 -77.34
C ALA A 58 49.61 -13.76 -77.37
N LEU A 59 48.55 -13.20 -76.76
CA LEU A 59 48.44 -11.75 -76.65
C LEU A 59 49.48 -11.14 -75.72
N GLU A 60 49.89 -11.84 -74.65
CA GLU A 60 50.96 -11.32 -73.80
C GLU A 60 52.28 -11.25 -74.56
N ILE A 61 52.58 -12.30 -75.34
CA ILE A 61 53.80 -12.34 -76.14
C ILE A 61 53.76 -11.28 -77.25
N MET A 62 52.61 -11.15 -77.91
CA MET A 62 52.43 -10.16 -78.98
C MET A 62 52.55 -8.73 -78.46
N LEU A 63 51.88 -8.43 -77.35
CA LEU A 63 51.93 -7.09 -76.77
C LEU A 63 53.29 -6.78 -76.17
N LYS A 64 54.03 -7.80 -75.71
CA LYS A 64 55.39 -7.56 -75.24
C LYS A 64 56.34 -7.32 -76.40
N ALA A 65 56.15 -8.02 -77.53
CA ALA A 65 57.03 -7.84 -78.68
C ALA A 65 56.78 -6.51 -79.38
N LYS A 66 55.50 -6.15 -79.58
CA LYS A 66 55.19 -4.90 -80.26
C LYS A 66 55.44 -3.69 -79.37
N GLY A 67 55.34 -3.87 -78.05
CA GLY A 67 55.59 -2.81 -77.11
C GLY A 67 54.32 -2.21 -76.54
N GLU A 68 53.93 -2.69 -75.36
CA GLU A 68 52.72 -2.26 -74.65
C GLU A 68 52.82 -2.77 -73.23
N ASN A 69 51.95 -2.26 -72.38
CA ASN A 69 51.81 -2.79 -71.02
C ASN A 69 51.16 -4.15 -71.09
N VAL A 70 51.91 -5.20 -70.76
CA VAL A 70 51.40 -6.57 -70.77
C VAL A 70 51.83 -7.25 -69.48
N CYS A 71 50.85 -7.73 -68.72
CA CYS A 71 51.13 -8.42 -67.47
C CYS A 71 51.56 -9.84 -67.76
N ASP A 72 52.79 -10.19 -67.38
CA ASP A 72 53.35 -11.51 -67.65
C ASP A 72 52.76 -12.50 -66.65
N THR A 73 51.69 -13.19 -67.07
CA THR A 73 51.05 -14.18 -66.21
C THR A 73 51.66 -15.57 -66.44
N GLY A 74 52.93 -15.68 -66.09
CA GLY A 74 53.65 -16.94 -66.20
C GLY A 74 54.45 -17.28 -64.96
N GLU A 75 54.55 -16.33 -64.04
CA GLU A 75 55.32 -16.53 -62.82
C GLU A 75 54.53 -17.38 -61.82
N SER A 76 55.20 -17.75 -60.73
CA SER A 76 54.54 -18.49 -59.66
C SER A 76 53.54 -17.64 -58.92
N ARG A 77 53.83 -16.34 -58.75
CA ARG A 77 52.90 -15.38 -58.17
C ARG A 77 52.52 -14.41 -59.28
N ALA A 78 51.50 -14.79 -60.06
CA ALA A 78 51.07 -14.03 -61.22
C ALA A 78 49.84 -13.21 -60.85
N ARG A 79 50.06 -11.96 -60.47
CA ARG A 79 48.96 -11.04 -60.20
C ARG A 79 48.88 -10.04 -61.33
N PRO A 80 47.88 -10.10 -62.20
CA PRO A 80 47.73 -9.09 -63.25
C PRO A 80 47.32 -7.75 -62.66
N CYS A 81 47.76 -6.68 -63.34
CA CYS A 81 47.60 -5.33 -62.80
C CYS A 81 46.15 -4.86 -62.89
N GLY A 82 45.45 -5.19 -63.97
CA GLY A 82 44.09 -4.75 -64.17
C GLY A 82 43.93 -3.59 -65.14
N ARG A 83 45.02 -3.05 -65.68
CA ARG A 83 44.96 -1.96 -66.63
C ARG A 83 45.51 -2.32 -68.00
N CYS A 84 45.99 -3.55 -68.20
CA CYS A 84 46.51 -3.97 -69.49
C CYS A 84 45.37 -4.30 -70.45
N VAL A 85 45.72 -4.45 -71.73
CA VAL A 85 44.75 -4.92 -72.72
C VAL A 85 44.39 -6.37 -72.46
N THR A 86 45.39 -7.20 -72.15
CA THR A 86 45.12 -8.58 -71.76
C THR A 86 44.46 -8.65 -70.39
N CYS A 87 44.68 -7.66 -69.53
CA CYS A 87 43.97 -7.59 -68.25
C CYS A 87 42.50 -7.23 -68.45
N SER A 88 42.16 -6.63 -69.57
CA SER A 88 40.77 -6.34 -69.77
C SER A 88 40.13 -7.50 -70.48
N LEU A 89 40.75 -7.96 -71.55
CA LEU A 89 40.12 -9.00 -72.35
C LEU A 89 40.03 -10.31 -71.58
N PHE A 90 41.10 -10.69 -70.88
CA PHE A 90 41.16 -11.99 -70.23
C PHE A 90 40.96 -11.94 -68.72
N GLY A 91 41.14 -10.78 -68.09
CA GLY A 91 40.85 -10.61 -66.68
C GLY A 91 42.10 -10.39 -65.86
N SER A 92 41.87 -10.16 -64.56
CA SER A 92 42.94 -9.91 -63.60
C SER A 92 42.53 -10.56 -62.28
N MET A 93 43.27 -10.24 -61.21
CA MET A 93 42.93 -10.74 -59.89
C MET A 93 41.64 -10.11 -59.39
N GLY A 94 41.57 -8.78 -59.39
CA GLY A 94 40.29 -8.11 -59.35
C GLY A 94 39.70 -8.01 -60.75
N ARG A 95 38.37 -7.94 -60.81
CA ARG A 95 37.55 -7.93 -62.03
C ARG A 95 37.70 -9.21 -62.87
N ALA A 96 36.87 -9.34 -63.89
CA ALA A 96 36.89 -10.54 -64.72
C ALA A 96 37.17 -10.18 -66.16
N GLY A 97 37.35 -11.21 -66.98
CA GLY A 97 37.59 -11.00 -68.39
C GLY A 97 36.31 -10.67 -69.14
N ARG A 98 36.45 -9.77 -70.12
CA ARG A 98 35.34 -9.44 -70.99
C ARG A 98 34.97 -10.61 -71.90
N ALA A 99 35.96 -11.38 -72.33
CA ALA A 99 35.75 -12.48 -73.27
C ALA A 99 35.81 -13.80 -72.51
N SER A 100 34.68 -14.50 -72.53
CA SER A 100 34.62 -15.82 -71.96
C SER A 100 34.95 -16.70 -73.13
N VAL A 101 35.81 -17.67 -72.93
CA VAL A 101 36.29 -18.51 -74.01
C VAL A 101 35.96 -19.96 -73.69
N ASP A 102 35.18 -20.60 -74.56
CA ASP A 102 34.81 -21.99 -74.36
C ASP A 102 35.96 -22.92 -74.77
N PHE A 103 35.78 -24.21 -74.48
CA PHE A 103 36.77 -25.21 -74.81
C PHE A 103 36.68 -25.57 -76.29
N LEU A 104 37.65 -26.37 -76.75
CA LEU A 104 37.68 -26.85 -78.13
C LEU A 104 37.06 -28.25 -78.16
N ILE A 105 35.73 -28.28 -78.20
CA ILE A 105 34.98 -29.54 -78.20
C ILE A 105 34.87 -30.02 -79.63
N SER A 106 35.34 -31.24 -79.88
CA SER A 106 35.28 -31.84 -81.21
C SER A 106 33.86 -32.30 -81.53
N THR A 143 37.98 -31.34 -86.40
CA THR A 143 37.17 -30.13 -86.33
C THR A 143 36.68 -29.89 -84.89
N PHE A 144 37.14 -28.81 -84.28
CA PHE A 144 36.74 -28.45 -82.92
C PHE A 144 36.04 -27.09 -82.97
N THR A 145 34.88 -27.01 -82.33
CA THR A 145 34.09 -25.79 -82.31
C THR A 145 34.22 -25.09 -80.97
N ALA A 146 34.25 -23.75 -81.00
CA ALA A 146 34.27 -22.95 -79.78
C ALA A 146 33.52 -21.66 -80.05
N THR A 147 33.05 -21.04 -78.97
CA THR A 147 32.30 -19.78 -79.06
C THR A 147 32.85 -18.82 -78.01
N ILE A 148 33.52 -17.77 -78.47
CA ILE A 148 34.01 -16.72 -77.59
C ILE A 148 32.88 -15.70 -77.41
N THR A 149 32.45 -15.52 -76.16
CA THR A 149 31.40 -14.56 -75.83
C THR A 149 32.05 -13.37 -75.15
N ILE A 150 32.08 -12.22 -75.83
CA ILE A 150 32.77 -11.04 -75.37
C ILE A 150 31.74 -10.01 -74.90
N SER A 151 32.12 -9.26 -73.87
CA SER A 151 31.31 -8.19 -73.27
C SER A 151 31.39 -6.93 -74.12
N ASN A 152 31.09 -5.77 -73.50
CA ASN A 152 31.26 -4.44 -74.09
C ASN A 152 32.65 -4.30 -74.71
N PRO A 153 32.75 -4.29 -76.04
CA PRO A 153 34.01 -4.51 -76.76
C PRO A 153 34.84 -3.25 -76.95
N LYS A 156 38.20 -3.46 -81.09
CA LYS A 156 39.63 -3.87 -81.27
C LYS A 156 39.81 -5.29 -80.73
N ASP A 157 38.94 -5.71 -79.80
CA ASP A 157 39.05 -7.06 -79.18
C ASP A 157 38.87 -8.13 -80.27
N LEU A 158 37.97 -7.87 -81.22
CA LEU A 158 37.74 -8.85 -82.32
C LEU A 158 39.06 -9.11 -83.05
N SER A 159 39.78 -8.04 -83.41
CA SER A 159 41.07 -8.18 -84.12
C SER A 159 42.07 -8.93 -83.23
N LEU A 160 42.01 -8.69 -81.92
CA LEU A 160 42.93 -9.37 -80.97
C LEU A 160 42.67 -10.88 -81.03
N ILE A 161 41.40 -11.29 -81.10
CA ILE A 161 41.08 -12.74 -81.24
C ILE A 161 41.56 -13.18 -82.63
N GLN A 162 41.39 -12.33 -83.64
CA GLN A 162 41.89 -12.66 -85.00
C GLN A 162 43.41 -12.86 -84.91
N SER A 163 44.11 -11.91 -84.29
CA SER A 163 45.57 -12.05 -84.11
C SER A 163 45.86 -13.33 -83.32
N ALA A 164 45.30 -13.43 -82.11
CA ALA A 164 45.48 -14.62 -81.28
C ALA A 164 45.48 -15.88 -82.12
N LEU A 165 44.52 -15.99 -83.05
CA LEU A 165 44.45 -17.16 -83.93
C LEU A 165 45.66 -17.23 -84.86
N LYS A 166 46.15 -16.08 -85.31
CA LYS A 166 47.35 -16.04 -86.15
C LYS A 166 48.59 -16.46 -85.36
N PHE A 167 48.70 -16.04 -84.09
CA PHE A 167 49.84 -16.45 -83.28
C PHE A 167 49.74 -17.91 -82.87
N ILE A 168 48.52 -18.43 -82.73
CA ILE A 168 48.32 -19.86 -82.49
C ILE A 168 48.71 -20.64 -83.74
N GLU A 169 48.46 -20.09 -84.92
CA GLU A 169 48.96 -20.67 -86.16
C GLU A 169 50.47 -20.58 -86.25
N GLU A 170 51.08 -19.56 -85.64
CA GLU A 170 52.52 -19.42 -85.62
C GLU A 170 53.16 -20.40 -84.66
N SER A 185 43.91 -24.31 -87.21
CA SER A 185 43.31 -23.45 -88.26
C SER A 185 42.57 -22.27 -87.61
N PHE A 186 42.15 -21.29 -88.41
CA PHE A 186 41.38 -20.14 -87.88
C PHE A 186 40.05 -20.03 -88.63
N GLU A 187 38.94 -19.94 -87.90
CA GLU A 187 37.61 -19.80 -88.53
C GLU A 187 36.72 -18.96 -87.60
N VAL A 188 36.99 -17.66 -87.50
CA VAL A 188 36.20 -16.78 -86.58
C VAL A 188 34.96 -16.25 -87.30
N LYS A 189 33.89 -17.06 -87.36
CA LYS A 189 32.62 -16.56 -87.95
C LYS A 189 31.92 -15.71 -86.89
N SER A 190 32.60 -14.67 -86.39
CA SER A 190 32.03 -13.82 -85.32
C SER A 190 30.71 -13.18 -85.76
N GLU A 191 29.82 -12.88 -84.81
CA GLU A 191 28.52 -12.22 -85.13
C GLU A 191 28.05 -11.45 -83.89
N ASP A 192 27.94 -10.12 -83.99
CA ASP A 192 27.54 -9.29 -82.82
C ASP A 192 26.17 -9.75 -82.34
N VAL A 193 26.00 -9.93 -81.03
CA VAL A 193 24.71 -10.46 -80.49
C VAL A 193 24.22 -9.55 -79.37
N ALA A 194 22.93 -9.19 -79.37
CA ALA A 194 22.36 -8.37 -78.27
C ALA A 194 22.25 -9.23 -77.00
N THR A 195 22.50 -8.63 -75.83
CA THR A 195 22.46 -9.38 -74.56
C THR A 195 21.05 -9.93 -74.30
N ASP A 196 20.02 -9.19 -74.70
CA ASP A 196 18.62 -9.61 -74.43
C ASP A 196 18.09 -10.45 -75.60
N ARG A 197 18.98 -11.02 -76.41
CA ARG A 197 18.55 -11.90 -77.54
C ARG A 197 17.98 -13.20 -76.99
N PHE A 198 17.14 -13.14 -75.97
CA PHE A 198 16.53 -14.31 -75.36
C PHE A 198 15.11 -14.05 -74.87
N LEU A 199 14.69 -12.79 -74.82
CA LEU A 199 13.31 -12.47 -74.47
C LEU A 199 12.39 -12.84 -75.63
N ALA B 2 -1.69 -17.74 -53.60
CA ALA B 2 -2.94 -17.62 -54.33
C ALA B 2 -3.58 -18.98 -54.52
N LYS B 3 -4.58 -19.06 -55.40
CA LYS B 3 -5.25 -20.33 -55.63
C LYS B 3 -4.40 -21.29 -56.45
N THR B 4 -3.43 -20.78 -57.20
CA THR B 4 -2.57 -21.62 -58.03
C THR B 4 -1.11 -21.19 -57.86
N MET B 5 -0.22 -22.10 -58.24
CA MET B 5 1.22 -21.89 -58.09
C MET B 5 1.95 -22.61 -59.21
N LYS B 6 3.02 -22.01 -59.72
CA LYS B 6 3.75 -22.58 -60.83
C LYS B 6 4.88 -23.47 -60.33
N LYS B 7 5.11 -24.56 -61.02
CA LYS B 7 6.19 -25.42 -60.67
C LYS B 7 6.96 -25.70 -61.93
N ILE B 8 8.21 -25.29 -61.98
CA ILE B 8 9.09 -25.45 -63.14
C ILE B 8 10.19 -26.44 -62.75
N TYR B 9 10.08 -27.65 -63.26
CA TYR B 9 11.12 -28.66 -63.09
C TYR B 9 12.16 -28.48 -64.18
N VAL B 10 13.36 -28.07 -63.79
CA VAL B 10 14.46 -27.88 -64.74
C VAL B 10 15.49 -28.98 -64.54
N THR B 11 16.06 -29.44 -65.65
CA THR B 11 17.10 -30.45 -65.66
C THR B 11 18.30 -29.93 -66.44
N MET B 12 19.47 -30.08 -65.84
CA MET B 12 20.76 -29.67 -66.37
C MET B 12 21.56 -30.86 -66.85
N LYS B 13 22.16 -30.71 -68.03
CA LYS B 13 23.08 -31.68 -68.60
C LYS B 13 24.33 -30.92 -69.01
N THR B 14 25.46 -31.26 -68.39
CA THR B 14 26.68 -30.47 -68.57
C THR B 14 27.39 -30.88 -69.86
N LEU B 15 27.64 -29.90 -70.72
CA LEU B 15 28.41 -30.06 -71.96
C LEU B 15 29.89 -29.80 -71.73
N SER B 16 30.20 -28.83 -70.91
CA SER B 16 31.49 -28.42 -70.40
C SER B 16 31.63 -28.89 -68.96
N PRO B 17 32.85 -29.11 -68.44
CA PRO B 17 32.97 -29.42 -67.01
C PRO B 17 32.64 -28.19 -66.17
N LEU B 18 32.15 -28.43 -64.97
CA LEU B 18 31.64 -27.35 -64.12
C LEU B 18 32.39 -27.35 -62.80
N TYR B 19 32.53 -26.16 -62.21
CA TYR B 19 33.18 -26.03 -60.91
C TYR B 19 32.41 -25.03 -60.07
N THR B 20 32.02 -25.46 -58.87
CA THR B 20 31.55 -24.56 -57.82
C THR B 20 32.31 -24.89 -56.55
N GLY B 21 32.94 -23.89 -55.94
CA GLY B 21 33.82 -24.14 -54.83
C GLY B 21 33.11 -24.49 -53.54
N GLU B 22 33.88 -25.08 -52.62
CA GLU B 22 33.37 -25.48 -51.32
C GLU B 22 33.13 -24.24 -50.47
N VAL B 23 31.87 -24.00 -50.11
CA VAL B 23 31.58 -22.84 -49.28
C VAL B 23 31.90 -23.16 -47.83
N ARG B 24 31.72 -24.42 -47.43
CA ARG B 24 31.94 -24.83 -46.05
C ARG B 24 33.42 -24.80 -45.74
N ARG B 25 33.76 -24.26 -44.56
CA ARG B 25 35.16 -24.17 -44.17
C ARG B 25 35.76 -25.54 -43.91
N GLU B 26 35.02 -26.39 -43.18
CA GLU B 26 35.59 -27.61 -42.63
C GLU B 26 35.86 -28.64 -43.72
N ASP B 27 34.95 -28.76 -44.68
CA ASP B 27 35.16 -29.66 -45.82
C ASP B 27 36.28 -29.15 -46.73
N LYS B 28 36.47 -27.82 -46.77
CA LYS B 28 37.54 -27.25 -47.58
C LYS B 28 38.90 -27.54 -46.96
N GLU B 29 39.05 -27.40 -45.64
CA GLU B 29 40.32 -27.77 -45.03
C GLU B 29 40.51 -29.29 -44.97
N ALA B 30 39.42 -30.06 -44.95
CA ALA B 30 39.58 -31.51 -45.09
C ALA B 30 40.06 -31.87 -46.49
N ALA B 31 39.61 -31.13 -47.50
CA ALA B 31 40.02 -31.37 -48.88
C ALA B 31 41.35 -30.71 -49.24
N GLN B 32 41.83 -29.74 -48.44
CA GLN B 32 43.01 -28.97 -48.81
C GLN B 32 44.30 -29.79 -48.78
N LYS B 33 44.31 -30.93 -48.07
CA LYS B 33 45.47 -31.79 -48.08
C LYS B 33 45.64 -32.52 -49.40
N ARG B 34 44.60 -32.59 -50.23
CA ARG B 34 44.66 -33.25 -51.53
C ARG B 34 44.20 -32.37 -52.68
N VAL B 35 43.15 -31.57 -52.48
CA VAL B 35 42.53 -30.79 -53.55
C VAL B 35 42.58 -29.32 -53.18
N ASN B 36 43.15 -28.50 -54.07
CA ASN B 36 43.22 -27.06 -53.82
C ASN B 36 41.88 -26.37 -54.06
N PHE B 37 41.09 -26.83 -55.02
CA PHE B 37 39.82 -26.22 -55.37
C PHE B 37 38.74 -27.30 -55.39
N PRO B 38 38.11 -27.57 -54.24
CA PRO B 38 37.11 -28.65 -54.19
C PRO B 38 35.82 -28.23 -54.86
N VAL B 39 35.21 -29.16 -55.60
CA VAL B 39 33.83 -28.99 -56.01
C VAL B 39 32.94 -29.09 -54.78
N ARG B 40 31.85 -28.31 -54.78
CA ARG B 40 30.91 -28.31 -53.67
C ARG B 40 30.21 -29.66 -53.53
N LYS B 41 30.17 -30.15 -52.30
CA LYS B 41 29.61 -31.46 -52.02
C LYS B 41 28.69 -31.37 -50.81
N THR B 42 27.88 -32.40 -50.64
CA THR B 42 26.93 -32.51 -49.54
C THR B 42 27.38 -33.60 -48.56
N ALA B 43 26.62 -33.74 -47.48
CA ALA B 43 26.87 -34.84 -46.55
C ALA B 43 26.38 -36.17 -47.12
N THR B 44 25.39 -36.14 -48.01
CA THR B 44 24.88 -37.34 -48.66
C THR B 44 25.60 -37.64 -49.98
N ASN B 45 26.89 -37.30 -50.06
CA ASN B 45 27.79 -37.38 -51.24
C ASN B 45 27.07 -37.05 -52.55
N LYS B 46 26.68 -35.79 -52.66
CA LYS B 46 25.99 -35.28 -53.83
C LYS B 46 26.55 -33.91 -54.17
N VAL B 47 26.39 -33.48 -55.42
CA VAL B 47 26.98 -32.24 -55.92
C VAL B 47 25.88 -31.18 -55.99
N LEU B 48 26.12 -30.03 -55.38
CA LEU B 48 25.12 -28.99 -55.20
C LEU B 48 25.57 -27.69 -55.86
N ILE B 49 24.69 -27.08 -56.63
CA ILE B 49 25.01 -25.90 -57.44
C ILE B 49 24.13 -24.76 -56.96
N PRO B 50 24.68 -23.59 -56.65
CA PRO B 50 23.83 -22.41 -56.40
C PRO B 50 23.16 -21.94 -57.67
N PHE B 51 21.89 -21.54 -57.55
CA PHE B 51 21.08 -21.28 -58.74
C PHE B 51 20.34 -19.95 -58.73
N LYS B 52 19.97 -19.47 -57.54
CA LYS B 52 19.11 -18.27 -57.45
C LYS B 52 19.84 -17.03 -57.91
N GLY B 53 21.10 -16.87 -57.49
CA GLY B 53 21.88 -15.72 -57.91
C GLY B 53 22.21 -15.73 -59.38
N ALA B 54 22.29 -16.93 -59.99
CA ALA B 54 22.56 -17.03 -61.42
C ALA B 54 21.41 -16.48 -62.25
N LEU B 55 20.18 -16.89 -61.93
CA LEU B 55 19.01 -16.37 -62.63
C LEU B 55 18.75 -14.91 -62.30
N ARG B 56 18.99 -14.51 -61.06
CA ARG B 56 18.84 -13.10 -60.67
C ARG B 56 19.82 -12.21 -61.44
N SER B 57 21.08 -12.61 -61.51
CA SER B 57 22.09 -11.86 -62.25
C SER B 57 21.80 -11.85 -63.74
N ALA B 58 21.33 -12.99 -64.27
CA ALA B 58 21.00 -13.10 -65.70
C ALA B 58 19.88 -12.14 -66.09
N LEU B 59 18.76 -12.19 -65.35
CA LEU B 59 17.65 -11.29 -65.66
C LEU B 59 18.00 -9.83 -65.39
N GLU B 60 18.87 -9.56 -64.42
CA GLU B 60 19.30 -8.18 -64.20
C GLU B 60 20.14 -7.64 -65.36
N ILE B 61 21.03 -8.46 -65.91
CA ILE B 61 21.83 -8.02 -67.07
C ILE B 61 20.96 -7.79 -68.30
N MET B 62 20.06 -8.74 -68.60
CA MET B 62 19.24 -8.56 -69.80
C MET B 62 18.20 -7.45 -69.66
N LEU B 63 17.53 -7.34 -68.52
CA LEU B 63 16.57 -6.24 -68.41
C LEU B 63 17.21 -4.91 -68.01
N LYS B 64 18.52 -4.88 -67.74
CA LYS B 64 19.21 -3.60 -67.67
C LYS B 64 19.73 -3.16 -69.03
N ALA B 65 20.18 -4.12 -69.85
CA ALA B 65 20.64 -3.78 -71.19
C ALA B 65 19.49 -3.52 -72.16
N LYS B 66 18.31 -4.09 -71.92
CA LYS B 66 17.17 -3.81 -72.79
C LYS B 66 16.63 -2.41 -72.54
N GLY B 67 16.55 -2.00 -71.27
CA GLY B 67 16.18 -0.64 -70.96
C GLY B 67 15.03 -0.45 -69.98
N GLU B 68 14.71 -1.49 -69.21
CA GLU B 68 13.66 -1.39 -68.20
C GLU B 68 14.27 -1.03 -66.85
N ASN B 69 13.40 -0.57 -65.95
CA ASN B 69 13.81 -0.22 -64.58
C ASN B 69 14.06 -1.56 -63.88
N VAL B 70 15.33 -1.92 -63.76
CA VAL B 70 15.76 -3.12 -63.03
C VAL B 70 17.03 -2.76 -62.26
N CYS B 71 17.08 -3.12 -60.98
CA CYS B 71 18.19 -2.75 -60.13
C CYS B 71 19.45 -3.53 -60.48
N ASP B 72 20.57 -3.05 -59.96
CA ASP B 72 21.85 -3.74 -59.99
C ASP B 72 22.22 -3.95 -58.52
N THR B 73 21.76 -5.07 -57.96
CA THR B 73 22.01 -5.39 -56.56
C THR B 73 23.33 -6.12 -56.34
N GLY B 74 24.20 -6.16 -57.35
CA GLY B 74 25.53 -6.71 -57.17
C GLY B 74 26.54 -5.75 -56.58
N GLU B 75 26.19 -4.48 -56.46
CA GLU B 75 27.10 -3.48 -55.92
C GLU B 75 27.28 -3.67 -54.41
N SER B 76 28.23 -2.93 -53.85
CA SER B 76 28.62 -3.09 -52.45
C SER B 76 27.52 -2.57 -51.54
N ARG B 77 26.90 -3.49 -50.81
CA ARG B 77 25.81 -3.15 -49.89
C ARG B 77 24.67 -2.50 -50.64
N ALA B 78 24.34 -3.05 -51.79
CA ALA B 78 23.26 -2.50 -52.60
C ALA B 78 21.90 -2.91 -52.04
N ARG B 79 20.94 -1.99 -52.10
CA ARG B 79 19.59 -2.24 -51.62
C ARG B 79 18.66 -2.47 -52.78
N PRO B 80 17.98 -3.62 -52.82
CA PRO B 80 16.94 -3.86 -53.83
C PRO B 80 15.81 -2.84 -53.73
N CYS B 81 15.23 -2.49 -54.89
CA CYS B 81 14.22 -1.43 -54.92
C CYS B 81 12.90 -1.91 -54.34
N GLY B 82 12.45 -3.10 -54.73
CA GLY B 82 11.15 -3.59 -54.39
C GLY B 82 10.05 -3.28 -55.38
N ARG B 83 10.35 -2.53 -56.45
CA ARG B 83 9.34 -2.17 -57.44
C ARG B 83 9.63 -2.75 -58.83
N CYS B 84 10.81 -3.29 -59.05
CA CYS B 84 11.12 -3.87 -60.34
C CYS B 84 10.50 -5.25 -60.48
N VAL B 85 10.63 -5.87 -61.64
CA VAL B 85 10.09 -7.22 -61.83
C VAL B 85 11.07 -8.30 -61.40
N THR B 86 12.38 -8.03 -61.40
CA THR B 86 13.32 -9.00 -60.82
C THR B 86 13.29 -8.94 -59.30
N CYS B 87 13.00 -7.77 -58.74
CA CYS B 87 12.77 -7.66 -57.31
C CYS B 87 11.45 -8.31 -56.92
N SER B 88 10.46 -8.24 -57.81
CA SER B 88 9.19 -8.88 -57.55
C SER B 88 9.31 -10.40 -57.64
N LEU B 89 10.06 -10.89 -58.62
CA LEU B 89 10.17 -12.33 -58.83
C LEU B 89 11.14 -12.98 -57.85
N PHE B 90 12.35 -12.45 -57.74
CA PHE B 90 13.40 -13.09 -56.94
C PHE B 90 13.44 -12.59 -55.50
N GLY B 91 13.37 -11.29 -55.27
CA GLY B 91 13.26 -10.81 -53.92
C GLY B 91 13.73 -9.39 -53.74
N SER B 92 13.33 -8.81 -52.62
CA SER B 92 13.78 -7.51 -52.17
C SER B 92 13.72 -7.47 -50.65
N MET B 93 14.30 -6.42 -50.08
CA MET B 93 14.08 -6.12 -48.67
C MET B 93 12.63 -5.74 -48.43
N GLY B 94 12.09 -6.19 -47.31
CA GLY B 94 10.68 -6.01 -47.03
C GLY B 94 9.83 -7.12 -47.66
N ARG B 95 9.23 -6.84 -48.80
CA ARG B 95 8.48 -7.88 -49.45
C ARG B 95 9.50 -8.86 -49.93
N ALA B 96 9.14 -10.12 -49.88
CA ALA B 96 10.05 -11.17 -50.29
C ALA B 96 9.77 -11.60 -51.73
N GLY B 97 10.52 -12.60 -52.18
CA GLY B 97 10.42 -13.04 -53.55
C GLY B 97 9.26 -13.97 -53.81
N ARG B 98 8.96 -14.12 -55.10
CA ARG B 98 7.93 -15.04 -55.56
C ARG B 98 8.53 -16.22 -56.30
N ALA B 99 9.79 -16.55 -56.07
CA ALA B 99 10.44 -17.66 -56.77
C ALA B 99 11.33 -18.41 -55.77
N SER B 100 10.76 -19.44 -55.15
CA SER B 100 11.56 -20.36 -54.36
C SER B 100 12.37 -21.22 -55.32
N VAL B 101 13.61 -20.81 -55.57
CA VAL B 101 14.51 -21.53 -56.46
C VAL B 101 15.35 -22.45 -55.59
N ASP B 102 15.25 -23.75 -55.83
CA ASP B 102 16.00 -24.70 -55.03
C ASP B 102 17.36 -24.97 -55.63
N PHE B 103 18.24 -25.59 -54.85
CA PHE B 103 19.58 -25.88 -55.32
C PHE B 103 19.55 -26.99 -56.36
N LEU B 104 20.50 -26.83 -57.33
CA LEU B 104 20.65 -27.79 -58.41
C LEU B 104 21.38 -29.00 -57.91
N ILE B 105 20.65 -29.94 -57.35
CA ILE B 105 21.19 -31.17 -56.78
C ILE B 105 21.33 -32.22 -57.88
N SER B 106 22.50 -32.85 -57.95
CA SER B 106 22.79 -33.89 -58.94
C SER B 106 22.07 -35.18 -58.58
N ASN B 107 21.72 -35.92 -59.63
CA ASN B 107 21.10 -37.20 -59.44
C ASN B 107 22.16 -38.23 -59.08
N ASP B 108 23.33 -38.17 -59.74
CA ASP B 108 24.34 -39.16 -59.46
C ASP B 108 25.13 -38.78 -58.22
N THR B 109 25.71 -39.79 -57.56
CA THR B 109 26.49 -39.55 -56.36
C THR B 109 27.84 -38.92 -56.71
N LYS B 110 28.59 -38.60 -55.66
CA LYS B 110 29.87 -37.90 -55.83
C LYS B 110 30.90 -38.76 -56.56
N GLU B 111 30.94 -40.06 -56.25
CA GLU B 111 31.96 -40.96 -56.79
C GLU B 111 31.79 -41.25 -58.27
N GLN B 112 30.67 -40.86 -58.88
CA GLN B 112 30.42 -41.11 -60.28
C GLN B 112 30.62 -39.90 -61.18
N ILE B 113 30.62 -38.69 -60.64
CA ILE B 113 30.69 -37.50 -61.48
C ILE B 113 31.86 -36.59 -61.18
N VAL B 114 32.52 -36.66 -60.03
CA VAL B 114 33.61 -35.73 -59.74
C VAL B 114 34.88 -36.35 -60.31
N ARG B 115 35.79 -35.50 -60.78
CA ARG B 115 37.07 -35.92 -61.32
C ARG B 115 38.13 -34.97 -60.82
N GLU B 116 39.25 -35.53 -60.36
CA GLU B 116 40.38 -34.76 -59.88
C GLU B 116 41.29 -34.44 -61.06
N SER B 117 41.51 -33.15 -61.32
CA SER B 117 42.36 -32.70 -62.40
C SER B 117 43.39 -31.73 -61.84
N THR B 118 44.66 -31.93 -62.21
CA THR B 118 45.73 -31.02 -61.83
C THR B 118 45.92 -30.00 -62.93
N HIS B 119 45.61 -28.73 -62.64
CA HIS B 119 45.73 -27.66 -63.60
C HIS B 119 47.07 -26.95 -63.38
N LEU B 120 47.84 -26.78 -64.45
CA LEU B 120 49.13 -26.10 -64.38
C LEU B 120 49.00 -24.64 -64.76
N ASP B 131 51.84 -21.88 -60.72
CA ASP B 131 52.44 -23.07 -61.28
C ASP B 131 51.39 -24.13 -61.52
N THR B 132 51.06 -24.90 -60.48
CA THR B 132 50.02 -25.90 -60.61
C THR B 132 49.10 -25.90 -59.42
N PHE B 133 48.07 -26.74 -59.43
CA PHE B 133 47.09 -26.78 -58.37
C PHE B 133 46.05 -27.83 -58.74
N LYS B 134 45.69 -28.68 -57.78
CA LYS B 134 44.79 -29.79 -58.02
C LYS B 134 43.37 -29.37 -57.65
N GLY B 135 42.47 -29.38 -58.63
CA GLY B 135 41.07 -29.09 -58.41
C GLY B 135 40.21 -30.26 -58.84
N GLU B 136 38.90 -30.05 -58.73
CA GLU B 136 37.93 -31.05 -59.16
C GLU B 136 36.94 -30.43 -60.12
N GLU B 137 36.33 -31.30 -60.93
CA GLU B 137 35.30 -30.88 -61.87
C GLU B 137 34.22 -31.94 -61.93
N VAL B 138 33.09 -31.56 -62.47
CA VAL B 138 32.03 -32.51 -62.81
C VAL B 138 32.20 -32.90 -64.27
N ILE B 139 31.88 -34.16 -64.59
CA ILE B 139 32.12 -34.70 -65.90
C ILE B 139 30.96 -34.40 -66.84
N GLU B 140 31.20 -34.59 -68.14
CA GLU B 140 30.23 -34.23 -69.17
C GLU B 140 29.03 -35.16 -69.18
N GLY B 141 27.84 -34.56 -69.31
CA GLY B 141 26.61 -35.32 -69.29
C GLY B 141 26.07 -35.62 -67.92
N ALA B 142 26.66 -35.05 -66.87
CA ALA B 142 26.08 -35.15 -65.54
C ALA B 142 24.75 -34.41 -65.49
N THR B 143 23.77 -34.92 -64.97
CA THR B 143 22.48 -34.27 -64.94
C THR B 143 22.18 -33.75 -63.59
N PHE B 144 21.30 -32.89 -63.47
CA PHE B 144 20.90 -32.15 -62.29
C PHE B 144 19.42 -31.83 -62.38
N THR B 145 18.72 -31.82 -61.25
CA THR B 145 17.33 -31.37 -61.21
C THR B 145 17.12 -30.27 -60.18
N ALA B 146 16.29 -29.30 -60.54
CA ALA B 146 15.80 -28.31 -59.61
C ALA B 146 14.31 -28.14 -59.82
N THR B 147 13.63 -27.66 -58.78
CA THR B 147 12.23 -27.32 -58.85
C THR B 147 12.14 -25.85 -58.47
N ILE B 148 11.67 -25.03 -59.40
CA ILE B 148 11.42 -23.62 -59.12
C ILE B 148 9.94 -23.48 -58.80
N THR B 149 9.65 -23.00 -57.59
CA THR B 149 8.28 -22.87 -57.12
C THR B 149 7.90 -21.39 -57.14
N ILE B 150 7.02 -21.01 -58.05
CA ILE B 150 6.57 -19.63 -58.17
C ILE B 150 5.23 -19.50 -57.46
N SER B 151 5.18 -18.64 -56.45
CA SER B 151 3.95 -18.28 -55.76
C SER B 151 3.39 -17.00 -56.35
N ASN B 152 2.05 -16.96 -56.45
CA ASN B 152 1.24 -15.92 -57.10
C ASN B 152 1.73 -15.71 -58.52
N PRO B 153 1.50 -16.62 -59.47
CA PRO B 153 2.15 -16.52 -60.78
C PRO B 153 1.46 -15.53 -61.72
N GLN B 154 2.25 -14.81 -62.53
CA GLN B 154 1.69 -14.00 -63.60
C GLN B 154 2.17 -14.56 -64.94
N GLU B 155 1.82 -13.87 -66.03
CA GLU B 155 2.03 -14.42 -67.36
C GLU B 155 3.48 -14.32 -67.81
N LYS B 156 4.21 -13.29 -67.36
CA LYS B 156 5.57 -13.04 -67.82
C LYS B 156 6.63 -13.83 -67.04
N ASP B 157 6.22 -14.57 -66.00
CA ASP B 157 7.17 -15.27 -65.14
C ASP B 157 7.87 -16.40 -65.88
N LEU B 158 7.09 -17.20 -66.62
CA LEU B 158 7.65 -18.32 -67.36
C LEU B 158 8.58 -17.85 -68.47
N SER B 159 8.18 -16.81 -69.21
CA SER B 159 9.01 -16.28 -70.29
C SER B 159 10.29 -15.66 -69.76
N LEU B 160 10.20 -14.93 -68.64
CA LEU B 160 11.40 -14.35 -68.02
C LEU B 160 12.34 -15.43 -67.49
N ILE B 161 11.78 -16.50 -66.91
CA ILE B 161 12.61 -17.58 -66.38
C ILE B 161 13.32 -18.34 -67.49
N GLN B 162 12.60 -18.69 -68.58
CA GLN B 162 13.24 -19.35 -69.72
C GLN B 162 14.26 -18.46 -70.43
N SER B 163 14.01 -17.16 -70.48
CA SER B 163 14.99 -16.23 -71.02
C SER B 163 16.26 -16.17 -70.17
N ALA B 164 16.10 -16.17 -68.83
CA ALA B 164 17.26 -16.23 -67.94
C ALA B 164 18.00 -17.55 -68.08
N LEU B 165 17.26 -18.64 -68.30
CA LEU B 165 17.89 -19.94 -68.47
C LEU B 165 18.68 -19.99 -69.78
N LYS B 166 18.18 -19.33 -70.83
CA LYS B 166 18.92 -19.25 -72.09
C LYS B 166 20.18 -18.40 -71.94
N PHE B 167 20.12 -17.33 -71.14
CA PHE B 167 21.33 -16.55 -70.89
C PHE B 167 22.34 -17.37 -70.07
N ILE B 168 21.87 -18.20 -69.15
CA ILE B 168 22.77 -19.07 -68.41
C ILE B 168 23.31 -20.19 -69.31
N GLU B 169 22.51 -20.64 -70.29
CA GLU B 169 22.96 -21.57 -71.32
C GLU B 169 24.14 -21.01 -72.10
N GLU B 170 24.02 -19.76 -72.55
CA GLU B 170 25.10 -19.18 -73.36
C GLU B 170 26.30 -18.75 -72.51
N ASN B 171 26.07 -18.27 -71.28
CA ASN B 171 27.12 -17.63 -70.51
C ASN B 171 27.64 -18.49 -69.37
N GLY B 172 27.13 -19.70 -69.20
CA GLY B 172 27.65 -20.60 -68.20
C GLY B 172 27.10 -20.38 -66.80
N ILE B 173 27.37 -21.32 -65.91
CA ILE B 173 26.94 -21.24 -64.52
C ILE B 173 28.00 -21.91 -63.65
N GLY B 174 28.38 -21.24 -62.57
CA GLY B 174 29.39 -21.77 -61.67
C GLY B 174 30.64 -20.91 -61.60
N GLY B 175 31.80 -21.56 -61.67
CA GLY B 175 33.07 -20.87 -61.63
C GLY B 175 33.92 -21.18 -62.84
N TRP B 176 35.00 -20.38 -63.00
CA TRP B 176 35.93 -20.43 -64.13
C TRP B 176 35.20 -20.28 -65.47
N LEU B 177 34.26 -19.34 -65.53
CA LEU B 177 33.40 -19.17 -66.70
C LEU B 177 34.15 -18.68 -67.93
N ASN B 178 35.29 -18.03 -67.75
CA ASN B 178 36.08 -17.57 -68.88
C ASN B 178 37.00 -18.65 -69.43
N LYS B 179 37.34 -19.65 -68.63
CA LYS B 179 38.25 -20.71 -69.05
C LYS B 179 37.53 -21.85 -69.76
N GLY B 180 36.22 -21.74 -69.97
CA GLY B 180 35.46 -22.81 -70.59
C GLY B 180 34.66 -23.66 -69.63
N TYR B 181 34.59 -23.30 -68.35
CA TYR B 181 33.91 -24.10 -67.35
C TYR B 181 32.52 -23.53 -67.11
N GLY B 182 31.50 -24.27 -67.51
CA GLY B 182 30.14 -23.87 -67.20
C GLY B 182 29.11 -24.03 -68.31
N ARG B 183 29.53 -24.36 -69.53
CA ARG B 183 28.59 -24.43 -70.65
C ARG B 183 27.73 -25.67 -70.53
N VAL B 184 26.48 -25.49 -70.10
CA VAL B 184 25.54 -26.59 -69.86
C VAL B 184 24.25 -26.42 -70.67
N SER B 185 23.34 -27.39 -70.56
CA SER B 185 22.07 -27.38 -71.26
C SER B 185 20.94 -27.61 -70.27
N PHE B 186 19.77 -27.05 -70.58
CA PHE B 186 18.58 -27.14 -69.74
C PHE B 186 17.41 -27.72 -70.51
N GLU B 187 16.58 -28.47 -69.79
CA GLU B 187 15.26 -28.89 -70.24
C GLU B 187 14.25 -28.53 -69.16
N VAL B 188 13.11 -27.96 -69.58
CA VAL B 188 12.17 -27.32 -68.67
C VAL B 188 10.80 -27.94 -68.84
N LYS B 189 10.17 -28.31 -67.72
CA LYS B 189 8.79 -28.78 -67.71
C LYS B 189 8.04 -27.96 -66.66
N SER B 190 7.12 -27.11 -67.10
CA SER B 190 6.38 -26.23 -66.21
C SER B 190 4.92 -26.64 -66.12
N GLU B 191 4.34 -26.52 -64.93
CA GLU B 191 2.96 -26.93 -64.71
C GLU B 191 2.33 -26.06 -63.62
N ASP B 192 1.11 -25.58 -63.89
CA ASP B 192 0.35 -24.80 -62.93
C ASP B 192 -0.47 -25.74 -62.06
N VAL B 193 -0.25 -25.68 -60.74
CA VAL B 193 -0.89 -26.58 -59.80
C VAL B 193 -1.76 -25.77 -58.84
N ALA B 194 -2.65 -26.48 -58.14
CA ALA B 194 -3.44 -25.87 -57.10
C ALA B 194 -2.66 -25.89 -55.79
N THR B 195 -2.84 -24.85 -54.97
CA THR B 195 -2.13 -24.77 -53.70
C THR B 195 -2.66 -25.78 -52.68
N ASP B 196 -3.91 -26.19 -52.81
CA ASP B 196 -4.53 -27.16 -51.89
C ASP B 196 -4.45 -28.58 -52.44
N ARG B 197 -3.35 -28.93 -53.12
CA ARG B 197 -3.20 -30.29 -53.62
C ARG B 197 -2.92 -31.29 -52.50
N PHE B 198 -2.56 -30.83 -51.30
CA PHE B 198 -2.25 -31.70 -50.18
C PHE B 198 -3.44 -31.95 -49.26
N LEU B 199 -4.39 -31.01 -49.22
CA LEU B 199 -5.55 -31.11 -48.35
C LEU B 199 -6.47 -32.24 -48.78
N LYS B 200 -6.58 -33.27 -47.95
CA LYS B 200 -7.40 -34.43 -48.25
C LYS B 200 -8.57 -34.54 -47.29
N ALA C 2 -11.01 -34.61 -22.98
CA ALA C 2 -11.12 -35.88 -23.71
C ALA C 2 -10.37 -36.99 -22.99
N LYS C 3 -10.70 -38.23 -23.35
CA LYS C 3 -10.03 -39.40 -22.80
C LYS C 3 -8.84 -39.83 -23.63
N THR C 4 -8.80 -39.47 -24.91
CA THR C 4 -7.71 -39.83 -25.80
C THR C 4 -6.97 -38.59 -26.28
N MET C 5 -5.69 -38.80 -26.63
CA MET C 5 -4.83 -37.81 -27.25
C MET C 5 -4.08 -38.48 -28.40
N LYS C 6 -3.67 -37.67 -29.37
CA LYS C 6 -2.95 -38.13 -30.54
C LYS C 6 -1.50 -37.70 -30.44
N LYS C 7 -0.57 -38.65 -30.60
CA LYS C 7 0.85 -38.36 -30.63
C LYS C 7 1.34 -38.54 -32.06
N ILE C 8 1.93 -37.50 -32.62
CA ILE C 8 2.54 -37.55 -33.95
C ILE C 8 4.04 -37.36 -33.76
N TYR C 9 4.80 -38.43 -33.86
CA TYR C 9 6.26 -38.35 -33.87
C TYR C 9 6.68 -38.08 -35.30
N VAL C 10 7.17 -36.87 -35.57
CA VAL C 10 7.63 -36.49 -36.90
C VAL C 10 9.15 -36.51 -36.90
N THR C 11 9.71 -36.88 -38.04
CA THR C 11 11.16 -37.01 -38.21
C THR C 11 11.55 -36.35 -39.52
N MET C 12 12.38 -35.32 -39.43
CA MET C 12 12.85 -34.55 -40.57
C MET C 12 14.24 -34.99 -40.99
N LYS C 13 14.37 -35.34 -42.26
CA LYS C 13 15.66 -35.56 -42.89
C LYS C 13 15.86 -34.50 -43.96
N THR C 14 17.00 -33.81 -43.92
CA THR C 14 17.23 -32.64 -44.76
C THR C 14 17.88 -33.06 -46.07
N LEU C 15 17.18 -32.81 -47.18
CA LEU C 15 17.73 -33.07 -48.51
C LEU C 15 18.52 -31.88 -49.02
N SER C 16 18.06 -30.68 -48.72
CA SER C 16 18.68 -29.40 -49.02
C SER C 16 19.47 -28.94 -47.81
N PRO C 17 20.35 -27.94 -47.96
CA PRO C 17 20.93 -27.30 -46.76
C PRO C 17 19.86 -26.59 -45.96
N LEU C 18 20.16 -26.37 -44.69
CA LEU C 18 19.18 -25.84 -43.76
C LEU C 18 19.74 -24.64 -43.02
N TYR C 19 18.89 -23.63 -42.80
CA TYR C 19 19.29 -22.47 -42.02
C TYR C 19 18.09 -21.94 -41.26
N THR C 20 18.25 -21.77 -39.96
CA THR C 20 17.36 -20.98 -39.13
C THR C 20 18.22 -20.15 -38.18
N GLY C 21 18.02 -18.83 -38.19
CA GLY C 21 18.95 -17.95 -37.50
C GLY C 21 18.79 -18.01 -36.00
N GLU C 22 19.86 -17.65 -35.31
CA GLU C 22 19.88 -17.70 -33.85
C GLU C 22 19.07 -16.55 -33.29
N VAL C 23 18.21 -16.86 -32.32
CA VAL C 23 17.31 -15.84 -31.80
C VAL C 23 17.97 -15.04 -30.70
N ARG C 24 18.89 -15.66 -29.97
CA ARG C 24 19.35 -15.13 -28.70
C ARG C 24 20.40 -14.05 -28.95
N ARG C 25 20.23 -12.92 -28.25
CA ARG C 25 21.07 -11.75 -28.53
C ARG C 25 22.49 -11.94 -28.04
N GLU C 26 22.67 -12.60 -26.88
CA GLU C 26 24.02 -12.82 -26.35
C GLU C 26 24.79 -13.82 -27.21
N ASP C 27 24.13 -14.88 -27.67
CA ASP C 27 24.78 -15.86 -28.54
C ASP C 27 25.06 -15.27 -29.91
N LYS C 28 24.18 -14.39 -30.41
CA LYS C 28 24.45 -13.69 -31.66
C LYS C 28 25.64 -12.75 -31.52
N GLU C 29 25.74 -12.03 -30.41
CA GLU C 29 26.87 -11.13 -30.19
C GLU C 29 28.17 -11.89 -29.99
N ALA C 30 28.10 -13.09 -29.41
CA ALA C 30 29.30 -13.93 -29.30
C ALA C 30 29.71 -14.49 -30.66
N ALA C 31 28.74 -14.94 -31.46
CA ALA C 31 29.06 -15.58 -32.73
C ALA C 31 29.37 -14.60 -33.85
N GLN C 32 28.99 -13.33 -33.71
CA GLN C 32 29.15 -12.36 -34.79
C GLN C 32 30.60 -11.98 -35.06
N LYS C 33 31.51 -12.26 -34.13
CA LYS C 33 32.93 -12.07 -34.41
C LYS C 33 33.44 -13.09 -35.43
N ARG C 34 32.86 -14.29 -35.42
CA ARG C 34 33.26 -15.36 -36.33
C ARG C 34 32.29 -15.55 -37.50
N VAL C 35 31.00 -15.65 -37.22
CA VAL C 35 29.99 -16.00 -38.21
C VAL C 35 28.94 -14.89 -38.23
N ASN C 36 28.60 -14.38 -39.40
CA ASN C 36 27.62 -13.32 -39.49
C ASN C 36 26.21 -13.86 -39.43
N PHE C 37 26.01 -15.13 -39.76
CA PHE C 37 24.67 -15.72 -39.80
C PHE C 37 24.66 -17.03 -39.00
N PRO C 38 24.61 -16.94 -37.67
CA PRO C 38 24.69 -18.16 -36.86
C PRO C 38 23.37 -18.93 -36.85
N VAL C 39 23.49 -20.26 -36.93
CA VAL C 39 22.29 -21.07 -36.92
C VAL C 39 21.72 -21.12 -35.50
N ARG C 40 20.43 -21.37 -35.40
CA ARG C 40 19.80 -21.47 -34.08
C ARG C 40 20.26 -22.73 -33.36
N LYS C 41 20.73 -22.55 -32.13
CA LYS C 41 21.35 -23.63 -31.38
C LYS C 41 20.81 -23.62 -29.95
N THR C 42 20.77 -24.80 -29.35
CA THR C 42 20.44 -24.91 -27.94
C THR C 42 21.70 -24.72 -27.09
N ALA C 43 21.52 -24.75 -25.77
CA ALA C 43 22.68 -24.73 -24.89
C ALA C 43 23.34 -26.09 -24.78
N THR C 44 22.68 -27.14 -25.23
CA THR C 44 23.25 -28.48 -25.28
C THR C 44 23.90 -28.79 -26.64
N ASN C 45 24.21 -27.74 -27.41
CA ASN C 45 24.82 -27.83 -28.75
C ASN C 45 23.99 -28.66 -29.70
N LYS C 46 22.70 -28.33 -29.80
CA LYS C 46 21.76 -29.01 -30.68
C LYS C 46 20.92 -27.95 -31.36
N VAL C 47 20.42 -28.27 -32.55
CA VAL C 47 19.83 -27.27 -33.43
C VAL C 47 18.34 -27.16 -33.15
N LEU C 48 17.88 -25.94 -32.88
CA LEU C 48 16.48 -25.62 -32.68
C LEU C 48 15.87 -25.09 -33.97
N ILE C 49 14.68 -25.57 -34.31
CA ILE C 49 13.93 -25.07 -35.46
C ILE C 49 12.53 -24.71 -35.00
N PRO C 50 12.02 -23.50 -35.29
CA PRO C 50 10.62 -23.21 -34.98
C PRO C 50 9.66 -24.00 -35.84
N PHE C 51 8.91 -24.94 -35.25
CA PHE C 51 7.98 -25.76 -36.02
C PHE C 51 6.62 -25.14 -36.06
N LYS C 52 6.07 -24.80 -34.90
CA LYS C 52 4.78 -24.13 -34.91
C LYS C 52 4.94 -22.74 -35.51
N GLY C 53 3.99 -22.35 -36.35
CA GLY C 53 4.13 -21.14 -37.11
C GLY C 53 4.49 -21.46 -38.55
N ALA C 54 5.19 -22.58 -38.75
CA ALA C 54 5.38 -23.09 -40.10
C ALA C 54 4.22 -23.97 -40.52
N LEU C 55 3.78 -24.86 -39.62
CA LEU C 55 2.57 -25.64 -39.85
C LEU C 55 1.34 -24.76 -39.93
N ARG C 56 1.27 -23.73 -39.07
CA ARG C 56 0.14 -22.81 -39.06
C ARG C 56 0.07 -22.01 -40.36
N SER C 57 1.22 -21.54 -40.84
CA SER C 57 1.26 -20.78 -42.09
C SER C 57 0.94 -21.67 -43.29
N ALA C 58 1.44 -22.91 -43.28
CA ALA C 58 1.17 -23.85 -44.36
C ALA C 58 -0.31 -24.18 -44.46
N LEU C 59 -0.93 -24.49 -43.31
CA LEU C 59 -2.36 -24.75 -43.29
C LEU C 59 -3.16 -23.49 -43.60
N GLU C 60 -2.64 -22.31 -43.26
CA GLU C 60 -3.34 -21.07 -43.61
C GLU C 60 -3.38 -20.83 -45.11
N ILE C 61 -2.25 -21.04 -45.82
CA ILE C 61 -2.26 -20.88 -47.27
C ILE C 61 -3.13 -21.93 -47.95
N MET C 62 -3.03 -23.21 -47.55
CA MET C 62 -3.81 -24.20 -48.29
C MET C 62 -5.29 -24.16 -47.92
N LEU C 63 -5.65 -23.87 -46.66
CA LEU C 63 -7.07 -23.75 -46.34
C LEU C 63 -7.66 -22.43 -46.83
N LYS C 64 -6.85 -21.40 -47.07
CA LYS C 64 -7.37 -20.21 -47.72
C LYS C 64 -7.57 -20.44 -49.21
N ALA C 65 -6.64 -21.18 -49.85
CA ALA C 65 -6.76 -21.46 -51.27
C ALA C 65 -7.85 -22.47 -51.57
N LYS C 66 -8.21 -23.33 -50.60
CA LYS C 66 -9.38 -24.18 -50.79
C LYS C 66 -10.66 -23.37 -50.73
N GLY C 67 -10.70 -22.34 -49.89
CA GLY C 67 -11.87 -21.49 -49.76
C GLY C 67 -12.60 -21.59 -48.44
N GLU C 68 -12.07 -22.32 -47.47
CA GLU C 68 -12.70 -22.38 -46.16
C GLU C 68 -12.50 -21.07 -45.41
N ASN C 69 -13.44 -20.77 -44.51
CA ASN C 69 -13.43 -19.52 -43.76
C ASN C 69 -12.37 -19.62 -42.67
N VAL C 70 -11.13 -19.36 -43.06
CA VAL C 70 -9.98 -19.40 -42.15
C VAL C 70 -9.41 -17.99 -42.05
N CYS C 71 -8.83 -17.69 -40.89
CA CYS C 71 -8.23 -16.39 -40.68
C CYS C 71 -6.76 -16.41 -41.09
N ASP C 72 -6.17 -15.22 -41.13
CA ASP C 72 -4.76 -15.05 -41.46
C ASP C 72 -4.08 -14.42 -40.25
N THR C 73 -3.25 -15.19 -39.56
CA THR C 73 -2.52 -14.69 -38.41
C THR C 73 -1.17 -14.10 -38.80
N GLY C 74 -0.87 -14.00 -40.09
CA GLY C 74 0.40 -13.44 -40.51
C GLY C 74 0.44 -11.94 -40.57
N GLU C 75 -0.72 -11.28 -40.60
CA GLU C 75 -0.73 -9.83 -40.67
C GLU C 75 -0.38 -9.21 -39.32
N SER C 76 -0.14 -7.90 -39.33
CA SER C 76 0.37 -7.19 -38.16
C SER C 76 -0.69 -7.14 -37.07
N ARG C 77 -0.39 -7.76 -35.93
CA ARG C 77 -1.25 -7.86 -34.76
C ARG C 77 -2.61 -8.47 -35.10
N ALA C 78 -2.61 -9.42 -36.04
CA ALA C 78 -3.83 -10.08 -36.44
C ALA C 78 -4.25 -11.08 -35.36
N ARG C 79 -5.49 -10.96 -34.93
CA ARG C 79 -5.97 -11.83 -33.86
C ARG C 79 -6.70 -13.03 -34.41
N PRO C 80 -6.32 -14.22 -33.94
CA PRO C 80 -7.03 -15.42 -34.39
C PRO C 80 -8.46 -15.43 -33.88
N CYS C 81 -9.41 -15.74 -34.78
CA CYS C 81 -10.82 -15.54 -34.52
C CYS C 81 -11.43 -16.61 -33.61
N GLY C 82 -10.85 -17.81 -33.57
CA GLY C 82 -11.41 -18.87 -32.75
C GLY C 82 -12.46 -19.73 -33.41
N ARG C 83 -12.77 -19.49 -34.67
CA ARG C 83 -13.89 -20.16 -35.32
C ARG C 83 -13.50 -21.04 -36.51
N CYS C 84 -12.23 -21.11 -36.87
CA CYS C 84 -11.80 -21.99 -37.96
C CYS C 84 -11.09 -23.22 -37.39
N VAL C 85 -10.57 -24.05 -38.28
CA VAL C 85 -9.88 -25.26 -37.86
C VAL C 85 -8.41 -25.02 -37.53
N THR C 86 -7.80 -23.97 -38.09
CA THR C 86 -6.45 -23.62 -37.67
C THR C 86 -6.44 -22.93 -36.31
N CYS C 87 -7.52 -22.21 -35.99
CA CYS C 87 -7.69 -21.66 -34.65
C CYS C 87 -7.89 -22.77 -33.62
N SER C 88 -8.62 -23.82 -33.99
CA SER C 88 -8.79 -24.95 -33.07
C SER C 88 -7.52 -25.77 -32.97
N LEU C 89 -6.74 -25.83 -34.04
CA LEU C 89 -5.54 -26.66 -34.07
C LEU C 89 -4.38 -25.98 -33.35
N PHE C 90 -3.98 -24.80 -33.81
CA PHE C 90 -2.78 -24.14 -33.31
C PHE C 90 -3.08 -22.94 -32.43
N GLY C 91 -4.33 -22.71 -32.06
CA GLY C 91 -4.59 -21.72 -31.04
C GLY C 91 -5.35 -20.49 -31.46
N SER C 92 -6.00 -19.85 -30.49
CA SER C 92 -6.72 -18.65 -30.73
C SER C 92 -6.35 -17.74 -29.60
N MET C 93 -7.12 -16.69 -29.37
CA MET C 93 -6.83 -15.77 -28.28
C MET C 93 -7.41 -16.32 -27.01
N GLY C 94 -8.69 -16.66 -26.99
CA GLY C 94 -9.18 -17.33 -25.80
C GLY C 94 -8.69 -18.76 -25.70
N ARG C 95 -9.13 -19.63 -26.61
CA ARG C 95 -8.78 -21.05 -26.53
C ARG C 95 -7.37 -21.28 -27.07
N ALA C 96 -6.61 -22.11 -26.36
CA ALA C 96 -5.24 -22.40 -26.74
C ALA C 96 -5.19 -23.41 -27.88
N GLY C 97 -3.99 -23.83 -28.25
CA GLY C 97 -3.83 -24.82 -29.30
C GLY C 97 -4.03 -26.22 -28.76
N ARG C 98 -4.89 -26.99 -29.43
CA ARG C 98 -5.00 -28.40 -29.11
C ARG C 98 -3.72 -29.15 -29.48
N ALA C 99 -3.09 -28.76 -30.59
CA ALA C 99 -1.86 -29.38 -31.05
C ALA C 99 -0.68 -28.64 -30.44
N SER C 100 -0.18 -29.14 -29.31
CA SER C 100 1.10 -28.69 -28.78
C SER C 100 2.20 -29.21 -29.70
N VAL C 101 2.86 -28.30 -30.40
CA VAL C 101 3.84 -28.66 -31.42
C VAL C 101 5.22 -28.39 -30.86
N ASP C 102 6.06 -29.43 -30.80
CA ASP C 102 7.38 -29.34 -30.21
C ASP C 102 8.37 -28.73 -31.19
N PHE C 103 9.45 -28.18 -30.64
CA PHE C 103 10.59 -27.77 -31.43
C PHE C 103 11.26 -28.98 -32.07
N LEU C 104 11.90 -28.76 -33.22
CA LEU C 104 12.59 -29.84 -33.91
C LEU C 104 13.99 -29.98 -33.33
N ILE C 105 14.13 -30.96 -32.43
CA ILE C 105 15.40 -31.21 -31.76
C ILE C 105 16.29 -32.05 -32.68
N SER C 106 17.50 -31.56 -32.94
CA SER C 106 18.47 -32.33 -33.71
C SER C 106 18.94 -33.54 -32.92
N ASN C 107 19.12 -34.67 -33.60
CA ASN C 107 19.55 -35.87 -32.89
C ASN C 107 21.06 -35.90 -32.62
N ASP C 108 21.76 -35.01 -33.44
CA ASP C 108 23.21 -34.96 -33.34
C ASP C 108 23.69 -33.64 -32.80
N THR C 109 24.97 -33.61 -32.32
CA THR C 109 25.49 -32.36 -31.79
C THR C 109 25.77 -31.38 -32.93
N LYS C 110 25.95 -30.10 -32.55
CA LYS C 110 26.27 -29.07 -33.52
C LYS C 110 27.70 -29.15 -34.01
N GLU C 111 28.56 -29.90 -33.32
CA GLU C 111 29.92 -30.14 -33.81
C GLU C 111 29.95 -31.14 -34.97
N GLN C 112 28.86 -31.87 -35.20
CA GLN C 112 28.80 -32.87 -36.25
C GLN C 112 27.89 -32.48 -37.41
N ILE C 113 26.86 -31.69 -37.16
CA ILE C 113 25.84 -31.41 -38.18
C ILE C 113 25.79 -29.96 -38.61
N VAL C 114 26.61 -29.08 -38.05
CA VAL C 114 26.58 -27.66 -38.38
C VAL C 114 27.95 -27.27 -38.94
N ARG C 115 27.95 -26.64 -40.11
CA ARG C 115 29.17 -26.20 -40.76
C ARG C 115 29.10 -24.70 -41.07
N GLU C 116 30.22 -24.02 -40.88
CA GLU C 116 30.30 -22.60 -41.20
C GLU C 116 30.62 -22.49 -42.69
N SER C 117 29.83 -21.70 -43.40
CA SER C 117 29.99 -21.53 -44.84
C SER C 117 30.17 -20.05 -45.15
N THR C 118 30.33 -19.74 -46.43
CA THR C 118 30.47 -18.34 -46.85
C THR C 118 29.71 -18.12 -48.15
N HIS C 119 29.30 -16.87 -48.37
CA HIS C 119 28.53 -16.50 -49.53
C HIS C 119 29.06 -15.17 -50.06
N LEU C 120 28.79 -14.90 -51.34
CA LEU C 120 29.26 -13.69 -51.99
C LEU C 120 28.10 -12.95 -52.64
N ARG C 121 28.14 -11.63 -52.51
CA ARG C 121 27.39 -10.73 -53.37
C ARG C 121 28.32 -10.27 -54.49
N ILE C 122 27.93 -10.55 -55.73
CA ILE C 122 28.79 -10.39 -56.90
C ILE C 122 28.20 -9.35 -57.83
N GLU C 123 29.01 -8.34 -58.20
CA GLU C 123 28.59 -7.35 -59.17
C GLU C 123 28.43 -7.99 -60.55
N ARG C 124 27.42 -7.54 -61.28
CA ARG C 124 26.94 -8.26 -62.45
C ARG C 124 27.68 -7.92 -63.74
N GLN C 125 28.29 -6.73 -63.82
CA GLN C 125 28.97 -6.34 -65.05
C GLN C 125 30.39 -6.87 -65.12
N THR C 126 31.16 -6.69 -64.04
CA THR C 126 32.58 -7.06 -64.04
C THR C 126 32.86 -8.36 -63.28
N LYS C 127 31.83 -8.99 -62.69
CA LYS C 127 31.84 -10.41 -62.30
C LYS C 127 32.88 -10.74 -61.24
N SER C 128 32.96 -9.92 -60.20
CA SER C 128 33.85 -10.18 -59.07
C SER C 128 33.06 -10.11 -57.77
N ALA C 129 33.54 -10.80 -56.74
CA ALA C 129 32.84 -10.82 -55.47
C ALA C 129 32.96 -9.46 -54.79
N SER C 130 31.87 -8.70 -54.82
CA SER C 130 31.84 -7.41 -54.14
C SER C 130 31.86 -7.59 -52.63
N ASP C 131 31.04 -8.51 -52.12
CA ASP C 131 30.90 -8.74 -50.69
C ASP C 131 31.11 -10.22 -50.37
N THR C 132 31.89 -10.49 -49.33
CA THR C 132 32.07 -11.85 -48.82
C THR C 132 31.59 -11.88 -47.37
N PHE C 133 30.64 -12.75 -47.07
CA PHE C 133 30.13 -12.84 -45.71
C PHE C 133 29.96 -14.30 -45.32
N LYS C 134 30.29 -14.61 -44.07
CA LYS C 134 30.37 -15.98 -43.59
C LYS C 134 29.11 -16.32 -42.81
N GLY C 135 28.32 -17.27 -43.31
CA GLY C 135 27.16 -17.77 -42.65
C GLY C 135 27.39 -19.14 -42.04
N GLU C 136 26.30 -19.80 -41.67
CA GLU C 136 26.40 -21.08 -40.98
C GLU C 136 25.15 -21.89 -41.24
N GLU C 137 25.32 -23.15 -41.66
CA GLU C 137 24.18 -23.95 -42.09
C GLU C 137 24.31 -25.38 -41.57
N VAL C 138 23.32 -26.18 -41.93
CA VAL C 138 23.19 -27.58 -41.51
C VAL C 138 23.45 -28.48 -42.71
N ILE C 139 24.12 -29.61 -42.46
CA ILE C 139 24.47 -30.55 -43.52
C ILE C 139 23.23 -31.32 -43.93
N GLU C 140 23.36 -32.11 -44.99
CA GLU C 140 22.26 -32.88 -45.55
C GLU C 140 22.05 -34.13 -44.71
N GLY C 141 20.79 -34.56 -44.62
CA GLY C 141 20.47 -35.76 -43.87
C GLY C 141 20.50 -35.62 -42.37
N ALA C 142 20.54 -34.40 -41.84
CA ALA C 142 20.45 -34.19 -40.41
C ALA C 142 19.03 -34.51 -39.94
N THR C 143 18.94 -35.23 -38.82
CA THR C 143 17.68 -35.78 -38.36
C THR C 143 17.12 -34.91 -37.25
N PHE C 144 15.86 -34.48 -37.41
CA PHE C 144 15.20 -33.60 -36.45
C PHE C 144 13.90 -34.28 -36.01
N THR C 145 13.82 -34.69 -34.76
CA THR C 145 12.62 -35.35 -34.25
C THR C 145 11.79 -34.36 -33.45
N ALA C 146 10.48 -34.39 -33.67
CA ALA C 146 9.55 -33.57 -32.91
C ALA C 146 8.29 -34.37 -32.60
N THR C 147 7.54 -33.89 -31.61
CA THR C 147 6.36 -34.58 -31.12
C THR C 147 5.20 -33.60 -31.08
N ILE C 148 4.14 -33.91 -31.83
CA ILE C 148 2.93 -33.10 -31.85
C ILE C 148 1.87 -33.81 -31.03
N THR C 149 1.39 -33.14 -29.98
CA THR C 149 0.43 -33.72 -29.05
C THR C 149 -0.91 -33.02 -29.24
N ILE C 150 -1.90 -33.75 -29.75
CA ILE C 150 -3.24 -33.21 -29.98
C ILE C 150 -4.12 -33.69 -28.84
N SER C 151 -4.67 -32.73 -28.08
CA SER C 151 -5.30 -33.04 -26.79
C SER C 151 -6.74 -33.51 -26.97
N ASN C 152 -7.52 -32.81 -27.79
CA ASN C 152 -8.90 -33.16 -28.12
C ASN C 152 -8.99 -33.53 -29.59
N PRO C 153 -8.59 -34.74 -29.97
CA PRO C 153 -8.38 -35.05 -31.39
C PRO C 153 -9.67 -35.23 -32.15
N GLN C 154 -9.73 -34.62 -33.33
CA GLN C 154 -10.81 -34.83 -34.27
C GLN C 154 -10.36 -35.79 -35.36
N GLU C 155 -11.26 -36.07 -36.30
CA GLU C 155 -10.98 -37.03 -37.36
C GLU C 155 -10.00 -36.47 -38.38
N LYS C 156 -10.11 -35.18 -38.71
CA LYS C 156 -9.28 -34.55 -39.73
C LYS C 156 -8.08 -33.82 -39.15
N ASP C 157 -7.56 -34.26 -38.01
CA ASP C 157 -6.42 -33.58 -37.43
C ASP C 157 -5.11 -34.06 -38.03
N LEU C 158 -4.91 -35.38 -38.08
CA LEU C 158 -3.68 -35.94 -38.63
C LEU C 158 -3.57 -35.69 -40.13
N SER C 159 -4.70 -35.64 -40.82
CA SER C 159 -4.69 -35.32 -42.25
C SER C 159 -4.26 -33.87 -42.50
N LEU C 160 -4.73 -32.93 -41.68
CA LEU C 160 -4.29 -31.54 -41.80
C LEU C 160 -2.81 -31.39 -41.44
N ILE C 161 -2.35 -32.12 -40.41
CA ILE C 161 -0.94 -32.07 -40.04
C ILE C 161 -0.05 -32.62 -41.14
N GLN C 162 -0.46 -33.74 -41.75
CA GLN C 162 0.31 -34.33 -42.85
C GLN C 162 0.27 -33.46 -44.11
N SER C 163 -0.85 -32.78 -44.35
CA SER C 163 -0.92 -31.84 -45.47
C SER C 163 0.01 -30.65 -45.28
N ALA C 164 0.04 -30.11 -44.06
CA ALA C 164 0.97 -29.03 -43.75
C ALA C 164 2.42 -29.50 -43.81
N LEU C 165 2.67 -30.75 -43.44
CA LEU C 165 4.02 -31.31 -43.54
C LEU C 165 4.46 -31.47 -44.98
N LYS C 166 3.55 -31.89 -45.87
CA LYS C 166 3.88 -32.01 -47.29
C LYS C 166 4.11 -30.65 -47.92
N PHE C 167 3.33 -29.64 -47.49
CA PHE C 167 3.57 -28.27 -47.94
C PHE C 167 4.91 -27.75 -47.45
N ILE C 168 5.32 -28.15 -46.25
CA ILE C 168 6.63 -27.73 -45.72
C ILE C 168 7.75 -28.43 -46.49
N GLU C 169 7.55 -29.69 -46.88
CA GLU C 169 8.51 -30.38 -47.75
C GLU C 169 8.68 -29.69 -49.10
N GLU C 170 7.58 -29.24 -49.69
CA GLU C 170 7.70 -28.56 -50.98
C GLU C 170 8.29 -27.16 -50.83
N ASN C 171 7.80 -26.37 -49.89
CA ASN C 171 8.12 -24.96 -49.80
C ASN C 171 9.29 -24.64 -48.86
N GLY C 172 9.79 -25.61 -48.11
CA GLY C 172 10.93 -25.37 -47.25
C GLY C 172 10.53 -24.97 -45.84
N ILE C 173 11.48 -25.10 -44.92
CA ILE C 173 11.29 -24.77 -43.52
C ILE C 173 12.49 -23.94 -43.04
N GLY C 174 12.21 -22.85 -42.33
CA GLY C 174 13.28 -22.05 -41.79
C GLY C 174 13.56 -20.81 -42.61
N GLY C 175 14.84 -20.45 -42.74
CA GLY C 175 15.25 -19.29 -43.49
C GLY C 175 15.90 -19.65 -44.81
N TRP C 176 16.10 -18.61 -45.63
CA TRP C 176 16.76 -18.68 -46.95
C TRP C 176 16.04 -19.64 -47.90
N LEU C 177 14.71 -19.70 -47.81
CA LEU C 177 13.94 -20.63 -48.63
C LEU C 177 13.92 -20.23 -50.10
N ASN C 178 14.16 -18.96 -50.41
CA ASN C 178 14.13 -18.52 -51.80
C ASN C 178 15.35 -18.97 -52.58
N LYS C 179 16.52 -19.04 -51.93
CA LYS C 179 17.76 -19.39 -52.60
C LYS C 179 18.11 -20.87 -52.47
N GLY C 180 17.22 -21.67 -51.88
CA GLY C 180 17.38 -23.11 -51.92
C GLY C 180 17.58 -23.81 -50.60
N TYR C 181 17.33 -23.16 -49.47
CA TYR C 181 17.56 -23.77 -48.18
C TYR C 181 16.26 -24.28 -47.59
N GLY C 182 16.28 -25.52 -47.10
CA GLY C 182 15.20 -26.03 -46.28
C GLY C 182 14.28 -27.08 -46.88
N ARG C 183 14.58 -27.61 -48.06
CA ARG C 183 13.76 -28.66 -48.65
C ARG C 183 14.05 -29.96 -47.92
N VAL C 184 13.03 -30.52 -47.27
CA VAL C 184 13.22 -31.61 -46.33
C VAL C 184 12.23 -32.72 -46.63
N SER C 185 12.32 -33.80 -45.86
CA SER C 185 11.40 -34.93 -45.97
C SER C 185 10.98 -35.38 -44.58
N PHE C 186 9.71 -35.73 -44.43
CA PHE C 186 9.13 -36.09 -43.15
C PHE C 186 8.72 -37.55 -43.11
N GLU C 187 8.96 -38.17 -41.95
CA GLU C 187 8.41 -39.47 -41.62
C GLU C 187 7.51 -39.31 -40.41
N VAL C 188 6.32 -39.91 -40.47
CA VAL C 188 5.27 -39.69 -39.48
C VAL C 188 4.94 -41.02 -38.82
N LYS C 189 4.89 -40.99 -37.50
CA LYS C 189 4.49 -42.16 -36.74
C LYS C 189 3.42 -41.62 -35.83
N SER C 190 2.19 -42.01 -36.06
CA SER C 190 1.04 -41.50 -35.31
C SER C 190 0.46 -42.60 -34.45
N GLU C 191 0.00 -42.23 -33.25
CA GLU C 191 -0.63 -43.18 -32.36
C GLU C 191 -1.67 -42.47 -31.51
N ASP C 192 -2.61 -43.25 -30.99
CA ASP C 192 -3.64 -42.78 -30.07
C ASP C 192 -3.35 -43.35 -28.70
N VAL C 193 -3.20 -42.47 -27.71
CA VAL C 193 -2.93 -42.91 -26.34
C VAL C 193 -3.93 -42.23 -25.41
N ALA C 194 -4.40 -42.99 -24.42
CA ALA C 194 -5.26 -42.42 -23.40
C ALA C 194 -4.44 -41.49 -22.50
N THR C 195 -5.13 -40.48 -21.93
CA THR C 195 -4.43 -39.47 -21.14
C THR C 195 -3.88 -40.04 -19.84
N ASP C 196 -4.59 -41.01 -19.26
CA ASP C 196 -4.22 -41.68 -18.01
C ASP C 196 -3.28 -42.85 -18.27
N ARG C 197 -2.22 -42.61 -19.05
CA ARG C 197 -1.23 -43.62 -19.36
C ARG C 197 -0.07 -43.62 -18.38
N PHE C 198 0.00 -42.64 -17.48
CA PHE C 198 0.99 -42.60 -16.43
C PHE C 198 0.42 -42.87 -15.04
N LEU C 199 -0.91 -43.00 -14.92
CA LEU C 199 -1.53 -43.37 -13.65
C LEU C 199 -1.30 -44.83 -13.27
N LYS C 200 -0.88 -45.01 -12.01
CA LYS C 200 -0.60 -46.28 -11.34
C LYS C 200 0.42 -47.11 -12.10
N ALA D 2 13.98 -15.55 36.20
CA ALA D 2 14.06 -14.81 37.47
C ALA D 2 15.18 -13.78 37.42
N LYS D 3 16.39 -14.19 37.79
CA LYS D 3 17.52 -13.26 37.81
C LYS D 3 18.02 -12.97 36.41
N THR D 4 17.90 -13.91 35.48
CA THR D 4 18.30 -13.73 34.10
C THR D 4 17.12 -13.97 33.17
N MET D 5 17.24 -13.45 31.95
CA MET D 5 16.29 -13.74 30.90
C MET D 5 17.03 -13.96 29.60
N LYS D 6 16.49 -14.85 28.77
CA LYS D 6 17.10 -15.20 27.50
C LYS D 6 16.65 -14.23 26.41
N LYS D 7 17.59 -13.77 25.60
CA LYS D 7 17.30 -12.91 24.45
C LYS D 7 17.70 -13.68 23.20
N ILE D 8 16.74 -13.89 22.31
CA ILE D 8 16.95 -14.64 21.08
C ILE D 8 16.64 -13.69 19.93
N TYR D 9 17.68 -13.13 19.32
CA TYR D 9 17.52 -12.26 18.16
C TYR D 9 17.58 -13.13 16.91
N VAL D 10 16.49 -13.17 16.17
CA VAL D 10 16.43 -13.93 14.92
C VAL D 10 16.39 -12.94 13.76
N THR D 11 17.16 -13.28 12.73
CA THR D 11 17.27 -12.49 11.50
C THR D 11 16.91 -13.44 10.37
N MET D 12 15.78 -13.21 9.73
CA MET D 12 15.24 -14.17 8.78
C MET D 12 15.22 -13.56 7.39
N LYS D 13 15.86 -14.26 6.46
CA LYS D 13 15.88 -13.82 5.07
C LYS D 13 14.94 -14.71 4.25
N THR D 14 14.37 -14.11 3.23
CA THR D 14 13.31 -14.73 2.45
C THR D 14 13.90 -15.35 1.19
N LEU D 15 13.56 -16.61 0.92
CA LEU D 15 14.12 -17.34 -0.19
C LEU D 15 13.17 -17.55 -1.36
N SER D 16 11.89 -17.70 -1.09
CA SER D 16 10.80 -17.75 -2.06
C SER D 16 9.80 -16.71 -1.59
N PRO D 17 9.00 -16.12 -2.50
CA PRO D 17 8.27 -14.87 -2.17
C PRO D 17 7.31 -14.99 -1.00
N LEU D 18 7.26 -13.96 -0.18
CA LEU D 18 6.56 -14.02 1.09
C LEU D 18 5.28 -13.23 1.01
N TYR D 19 4.17 -13.88 1.33
CA TYR D 19 2.89 -13.22 1.49
C TYR D 19 2.43 -13.45 2.92
N THR D 20 1.98 -12.38 3.57
CA THR D 20 1.21 -12.48 4.80
C THR D 20 0.11 -11.43 4.71
N GLY D 21 -1.13 -11.86 4.86
CA GLY D 21 -2.25 -11.02 4.45
C GLY D 21 -2.50 -9.86 5.40
N GLU D 22 -3.01 -8.78 4.83
CA GLU D 22 -3.33 -7.59 5.60
C GLU D 22 -4.53 -7.87 6.49
N VAL D 23 -4.44 -7.40 7.74
CA VAL D 23 -5.45 -7.72 8.75
C VAL D 23 -6.43 -6.58 8.93
N ARG D 24 -5.94 -5.34 8.79
CA ARG D 24 -6.72 -4.15 9.10
C ARG D 24 -7.81 -3.96 8.04
N ARG D 25 -9.06 -3.87 8.50
CA ARG D 25 -10.20 -3.84 7.59
C ARG D 25 -10.22 -2.55 6.76
N GLU D 26 -9.83 -1.43 7.37
CA GLU D 26 -9.77 -0.17 6.64
C GLU D 26 -8.58 -0.13 5.69
N ASP D 27 -7.43 -0.68 6.11
CA ASP D 27 -6.29 -0.80 5.21
C ASP D 27 -6.56 -1.75 4.06
N LYS D 28 -7.29 -2.84 4.33
CA LYS D 28 -7.76 -3.71 3.26
C LYS D 28 -8.65 -2.95 2.29
N GLU D 29 -9.69 -2.29 2.79
CA GLU D 29 -10.67 -1.57 1.96
C GLU D 29 -10.04 -0.41 1.21
N ALA D 30 -8.94 0.15 1.72
CA ALA D 30 -8.18 1.12 0.94
C ALA D 30 -7.37 0.42 -0.16
N ALA D 31 -6.88 -0.79 0.10
CA ALA D 31 -5.98 -1.41 -0.86
C ALA D 31 -6.66 -2.34 -1.87
N GLN D 32 -7.93 -2.69 -1.69
CA GLN D 32 -8.56 -3.60 -2.64
C GLN D 32 -8.96 -2.92 -3.94
N LYS D 33 -8.84 -1.60 -4.04
CA LYS D 33 -9.00 -0.92 -5.31
C LYS D 33 -7.80 -1.10 -6.24
N ARG D 34 -6.66 -1.56 -5.71
CA ARG D 34 -5.47 -1.79 -6.51
C ARG D 34 -4.96 -3.23 -6.43
N VAL D 35 -4.94 -3.83 -5.24
CA VAL D 35 -4.40 -5.17 -5.03
C VAL D 35 -5.45 -6.01 -4.33
N ASN D 36 -5.74 -7.19 -4.88
CA ASN D 36 -6.74 -8.06 -4.27
C ASN D 36 -6.23 -8.74 -2.99
N PHE D 37 -4.92 -8.94 -2.86
CA PHE D 37 -4.33 -9.55 -1.68
C PHE D 37 -3.22 -8.67 -1.15
N PRO D 38 -3.56 -7.67 -0.31
CA PRO D 38 -2.51 -6.83 0.27
C PRO D 38 -1.67 -7.60 1.28
N VAL D 39 -0.42 -7.17 1.40
CA VAL D 39 0.49 -7.79 2.34
C VAL D 39 0.34 -7.10 3.69
N ARG D 40 0.64 -7.82 4.77
CA ARG D 40 0.56 -7.24 6.10
C ARG D 40 1.65 -6.19 6.30
N LYS D 41 1.25 -5.03 6.78
CA LYS D 41 2.10 -3.86 6.74
C LYS D 41 1.89 -3.01 7.98
N THR D 42 2.91 -2.24 8.32
CA THR D 42 2.79 -1.33 9.45
C THR D 42 2.24 0.00 8.95
N ALA D 43 2.00 0.91 9.89
CA ALA D 43 1.71 2.28 9.47
C ALA D 43 2.98 3.02 9.07
N THR D 44 4.15 2.53 9.49
CA THR D 44 5.44 3.07 9.07
C THR D 44 5.99 2.37 7.82
N ASN D 45 5.10 1.69 7.07
CA ASN D 45 5.40 1.09 5.75
C ASN D 45 6.49 0.02 5.82
N LYS D 46 6.36 -0.88 6.79
CA LYS D 46 7.25 -2.03 6.95
C LYS D 46 6.38 -3.26 7.13
N VAL D 47 6.89 -4.42 6.76
CA VAL D 47 6.07 -5.62 6.69
C VAL D 47 6.03 -6.31 8.05
N LEU D 48 4.82 -6.57 8.53
CA LEU D 48 4.57 -7.32 9.76
C LEU D 48 4.28 -8.78 9.45
N ILE D 49 4.88 -9.68 10.21
CA ILE D 49 4.56 -11.10 10.11
C ILE D 49 4.25 -11.64 11.49
N PRO D 50 3.15 -12.38 11.67
CA PRO D 50 2.91 -13.06 12.95
C PRO D 50 3.93 -14.17 13.16
N PHE D 51 4.47 -14.26 14.38
CA PHE D 51 5.61 -15.12 14.63
C PHE D 51 5.35 -16.08 15.78
N LYS D 52 4.57 -15.66 16.77
CA LYS D 52 4.32 -16.49 17.95
C LYS D 52 3.49 -17.73 17.59
N GLY D 53 2.48 -17.56 16.74
CA GLY D 53 1.66 -18.68 16.33
C GLY D 53 2.39 -19.69 15.49
N ALA D 54 3.33 -19.24 14.65
CA ALA D 54 4.10 -20.16 13.82
C ALA D 54 5.03 -21.03 14.65
N LEU D 55 5.75 -20.42 15.60
CA LEU D 55 6.63 -21.17 16.50
C LEU D 55 5.83 -22.10 17.40
N ARG D 56 4.68 -21.62 17.90
CA ARG D 56 3.83 -22.45 18.76
C ARG D 56 3.28 -23.65 18.00
N SER D 57 2.75 -23.43 16.79
CA SER D 57 2.20 -24.52 16.00
C SER D 57 3.26 -25.52 15.58
N ALA D 58 4.46 -25.03 15.26
CA ALA D 58 5.58 -25.92 14.95
C ALA D 58 5.93 -26.80 16.15
N LEU D 59 5.98 -26.21 17.35
CA LEU D 59 6.34 -27.00 18.53
C LEU D 59 5.25 -27.99 18.91
N GLU D 60 3.97 -27.62 18.77
CA GLU D 60 2.90 -28.59 19.03
C GLU D 60 2.89 -29.73 18.03
N ILE D 61 3.15 -29.43 16.76
CA ILE D 61 3.17 -30.49 15.74
C ILE D 61 4.32 -31.48 16.00
N MET D 62 5.52 -30.97 16.31
CA MET D 62 6.62 -31.91 16.53
C MET D 62 6.53 -32.62 17.86
N LEU D 63 6.11 -31.92 18.91
CA LEU D 63 6.01 -32.59 20.19
C LEU D 63 4.82 -33.52 20.26
N LYS D 64 3.82 -33.35 19.39
CA LYS D 64 2.77 -34.36 19.27
C LYS D 64 3.26 -35.56 18.46
N ALA D 65 4.07 -35.33 17.42
CA ALA D 65 4.62 -36.45 16.66
C ALA D 65 5.67 -37.21 17.45
N LYS D 66 6.37 -36.54 18.36
CA LYS D 66 7.34 -37.21 19.23
C LYS D 66 6.64 -38.06 20.28
N GLY D 67 5.41 -37.71 20.65
CA GLY D 67 4.68 -38.41 21.67
C GLY D 67 4.64 -37.73 23.01
N GLU D 68 5.18 -36.51 23.12
CA GLU D 68 5.17 -35.81 24.39
C GLU D 68 3.77 -35.28 24.71
N ASN D 69 3.54 -35.01 25.99
CA ASN D 69 2.26 -34.49 26.45
C ASN D 69 2.21 -33.03 26.05
N VAL D 70 1.59 -32.76 24.90
CA VAL D 70 1.31 -31.42 24.43
C VAL D 70 -0.14 -31.37 23.99
N CYS D 71 -0.74 -30.16 24.54
CA CYS D 71 -2.10 -29.87 24.18
C CYS D 71 -2.05 -29.24 22.87
N ASP D 72 -3.20 -29.14 22.20
CA ASP D 72 -3.33 -28.42 20.93
C ASP D 72 -4.17 -27.20 21.16
N THR D 73 -3.77 -26.08 20.61
CA THR D 73 -4.49 -24.87 20.82
C THR D 73 -4.96 -24.42 19.47
N GLY D 74 -5.08 -25.36 18.57
CA GLY D 74 -5.55 -25.04 17.25
C GLY D 74 -6.97 -25.41 16.95
N GLU D 75 -7.48 -26.44 17.59
CA GLU D 75 -8.89 -26.76 17.41
C GLU D 75 -9.77 -25.62 17.91
N SER D 76 -11.06 -25.73 17.60
CA SER D 76 -12.00 -24.63 17.79
C SER D 76 -12.24 -24.37 19.27
N ARG D 77 -11.84 -23.17 19.71
CA ARG D 77 -11.95 -22.69 21.10
C ARG D 77 -11.26 -23.62 22.10
N ALA D 78 -10.14 -24.19 21.67
CA ALA D 78 -9.42 -25.14 22.51
C ALA D 78 -8.66 -24.40 23.60
N ARG D 79 -8.60 -24.82 24.75
CA ARG D 79 -7.89 -24.12 25.81
C ARG D 79 -6.65 -24.89 26.22
N PRO D 80 -5.64 -24.26 26.52
CA PRO D 80 -4.42 -24.92 26.99
C PRO D 80 -4.58 -25.43 28.40
N CYS D 81 -4.04 -26.62 28.63
CA CYS D 81 -4.12 -27.23 29.96
C CYS D 81 -3.19 -26.53 30.94
N GLY D 82 -1.98 -26.21 30.52
CA GLY D 82 -1.02 -25.56 31.39
C GLY D 82 0.08 -26.44 31.93
N ARG D 83 0.13 -27.72 31.54
CA ARG D 83 1.15 -28.64 32.02
C ARG D 83 2.09 -29.10 30.92
N CYS D 84 1.96 -28.58 29.70
CA CYS D 84 2.78 -29.04 28.59
C CYS D 84 4.12 -28.32 28.60
N VAL D 85 4.92 -28.58 27.57
CA VAL D 85 6.19 -27.91 27.37
C VAL D 85 6.03 -26.65 26.53
N THR D 86 5.15 -26.70 25.54
CA THR D 86 4.77 -25.50 24.79
C THR D 86 3.79 -24.63 25.56
N CYS D 87 3.10 -25.19 26.57
CA CYS D 87 2.23 -24.39 27.43
C CYS D 87 3.04 -23.49 28.34
N SER D 88 4.24 -23.92 28.72
CA SER D 88 5.11 -23.06 29.51
C SER D 88 5.72 -21.96 28.66
N LEU D 89 6.14 -22.28 27.43
CA LEU D 89 6.80 -21.30 26.58
C LEU D 89 5.83 -20.26 26.04
N PHE D 90 4.64 -20.67 25.63
CA PHE D 90 3.73 -19.78 24.92
C PHE D 90 2.44 -19.49 25.67
N GLY D 91 2.26 -20.04 26.87
CA GLY D 91 1.21 -19.59 27.74
C GLY D 91 0.05 -20.55 27.84
N SER D 92 -0.79 -20.29 28.83
CA SER D 92 -2.00 -21.04 29.07
C SER D 92 -3.04 -20.09 29.61
N MET D 93 -4.08 -20.66 30.22
CA MET D 93 -5.21 -19.86 30.66
C MET D 93 -4.90 -19.15 31.98
N GLY D 94 -4.16 -19.80 32.88
CA GLY D 94 -3.81 -19.20 34.15
C GLY D 94 -2.43 -18.57 34.21
N ARG D 95 -1.56 -18.91 33.25
CA ARG D 95 -0.20 -18.40 33.20
C ARG D 95 0.10 -17.87 31.82
N ALA D 96 0.84 -16.76 31.76
CA ALA D 96 1.27 -16.22 30.48
C ALA D 96 2.49 -16.99 29.98
N GLY D 97 2.83 -16.74 28.71
CA GLY D 97 4.02 -17.34 28.14
C GLY D 97 5.27 -16.64 28.61
N ARG D 98 6.28 -17.43 28.97
CA ARG D 98 7.55 -16.86 29.36
C ARG D 98 8.30 -16.30 28.16
N ALA D 99 8.09 -16.87 26.98
CA ALA D 99 8.75 -16.43 25.76
C ALA D 99 7.85 -15.43 25.04
N SER D 100 8.06 -14.15 25.31
CA SER D 100 7.40 -13.09 24.54
C SER D 100 8.04 -13.00 23.17
N VAL D 101 7.25 -13.24 22.13
CA VAL D 101 7.75 -13.38 20.77
C VAL D 101 7.31 -12.17 19.97
N ASP D 102 8.28 -11.41 19.46
CA ASP D 102 7.98 -10.19 18.73
C ASP D 102 7.49 -10.51 17.31
N PHE D 103 6.85 -9.52 16.71
CA PHE D 103 6.49 -9.59 15.31
C PHE D 103 7.73 -9.52 14.45
N LEU D 104 7.72 -10.22 13.32
CA LEU D 104 8.82 -10.17 12.36
C LEU D 104 8.67 -8.90 11.54
N ILE D 105 9.54 -7.93 11.78
CA ILE D 105 9.48 -6.63 11.13
C ILE D 105 10.67 -6.53 10.18
N SER D 106 10.41 -6.14 8.94
CA SER D 106 11.45 -6.03 7.92
C SER D 106 12.43 -4.92 8.23
N ASN D 107 13.70 -5.15 7.93
CA ASN D 107 14.68 -4.07 8.07
C ASN D 107 14.51 -3.01 7.01
N ASP D 108 14.12 -3.41 5.80
CA ASP D 108 13.77 -2.44 4.77
C ASP D 108 12.32 -2.01 4.98
N THR D 109 11.78 -1.27 4.03
CA THR D 109 10.45 -0.70 4.15
C THR D 109 9.58 -1.21 3.02
N LYS D 110 8.39 -0.61 2.85
CA LYS D 110 7.54 -0.82 1.69
C LYS D 110 8.16 -0.09 0.49
N GLU D 111 7.51 -0.49 -0.74
CA GLU D 111 8.10 0.08 -1.93
C GLU D 111 9.61 -0.12 -1.92
N GLN D 112 10.09 -1.18 -1.55
CA GLN D 112 11.47 -1.58 -1.69
C GLN D 112 11.61 -3.08 -1.59
N ILE D 113 10.83 -3.71 -0.72
CA ILE D 113 10.68 -5.15 -0.72
C ILE D 113 9.28 -5.60 -1.09
N VAL D 114 8.29 -4.72 -1.03
CA VAL D 114 6.92 -5.10 -1.35
C VAL D 114 6.76 -4.94 -2.86
N ARG D 115 6.31 -6.01 -3.52
CA ARG D 115 6.08 -5.98 -4.95
C ARG D 115 4.71 -6.59 -5.24
N GLU D 116 3.94 -5.92 -6.07
CA GLU D 116 2.58 -6.35 -6.39
C GLU D 116 2.61 -7.12 -7.71
N SER D 117 1.99 -8.30 -7.71
CA SER D 117 2.17 -9.29 -8.76
C SER D 117 0.81 -9.84 -9.18
N THR D 118 0.82 -10.66 -10.22
CA THR D 118 -0.36 -11.16 -10.88
C THR D 118 -0.40 -12.68 -10.79
N HIS D 119 -1.55 -13.23 -10.40
CA HIS D 119 -1.73 -14.67 -10.28
C HIS D 119 -2.93 -15.11 -11.11
N LEU D 120 -2.94 -16.39 -11.44
CA LEU D 120 -3.78 -16.93 -12.49
C LEU D 120 -4.54 -18.16 -12.03
N ARG D 121 -5.61 -18.44 -12.75
CA ARG D 121 -6.34 -19.71 -12.67
C ARG D 121 -6.74 -20.08 -14.08
N ILE D 122 -6.28 -21.25 -14.53
CA ILE D 122 -6.33 -21.65 -15.93
C ILE D 122 -7.28 -22.83 -16.08
N GLU D 123 -8.13 -22.77 -17.12
CA GLU D 123 -8.93 -23.91 -17.52
C GLU D 123 -8.06 -25.09 -17.90
N ARG D 124 -8.47 -26.28 -17.49
CA ARG D 124 -7.70 -27.48 -17.78
C ARG D 124 -7.97 -28.02 -19.18
N GLN D 125 -9.20 -27.87 -19.67
CA GLN D 125 -9.57 -28.36 -20.99
C GLN D 125 -9.21 -27.37 -22.09
N THR D 126 -9.16 -26.08 -21.79
CA THR D 126 -8.99 -25.05 -22.80
C THR D 126 -7.60 -24.42 -22.78
N LYS D 127 -6.97 -24.35 -21.60
CA LYS D 127 -5.74 -23.61 -21.32
C LYS D 127 -5.92 -22.13 -21.65
N SER D 128 -6.81 -21.49 -20.91
CA SER D 128 -7.00 -20.05 -20.94
C SER D 128 -7.08 -19.53 -19.52
N ALA D 129 -6.67 -18.28 -19.33
CA ALA D 129 -6.72 -17.66 -18.01
C ALA D 129 -8.17 -17.41 -17.61
N SER D 130 -8.76 -18.38 -16.91
CA SER D 130 -10.15 -18.28 -16.52
C SER D 130 -10.34 -17.24 -15.42
N ASP D 131 -9.33 -17.01 -14.63
CA ASP D 131 -9.43 -16.00 -13.61
C ASP D 131 -8.11 -15.34 -13.44
N THR D 132 -8.13 -14.20 -12.82
CA THR D 132 -6.93 -13.42 -12.57
C THR D 132 -7.11 -12.62 -11.30
N PHE D 133 -6.09 -12.59 -10.47
CA PHE D 133 -6.09 -11.70 -9.33
C PHE D 133 -4.71 -11.12 -9.14
N LYS D 134 -4.60 -10.14 -8.26
CA LYS D 134 -3.35 -9.44 -8.03
C LYS D 134 -3.05 -9.47 -6.55
N GLY D 135 -1.88 -9.97 -6.20
CA GLY D 135 -1.51 -10.14 -4.80
C GLY D 135 -0.18 -9.47 -4.52
N GLU D 136 -0.01 -9.06 -3.27
CA GLU D 136 1.15 -8.26 -2.87
C GLU D 136 2.11 -9.16 -2.09
N GLU D 137 3.33 -9.30 -2.58
CA GLU D 137 4.32 -10.19 -2.03
C GLU D 137 5.52 -9.42 -1.49
N VAL D 138 6.38 -10.14 -0.79
CA VAL D 138 7.65 -9.64 -0.29
C VAL D 138 8.75 -10.36 -1.05
N ILE D 139 9.74 -9.62 -1.56
CA ILE D 139 10.74 -10.20 -2.45
C ILE D 139 11.68 -11.12 -1.69
N GLU D 140 12.42 -11.90 -2.46
CA GLU D 140 13.39 -12.85 -1.92
C GLU D 140 14.69 -12.12 -1.61
N GLY D 141 15.25 -12.40 -0.43
CA GLY D 141 16.40 -11.68 0.07
C GLY D 141 16.05 -10.53 0.99
N ALA D 142 14.77 -10.28 1.22
CA ALA D 142 14.35 -9.30 2.21
C ALA D 142 14.65 -9.82 3.60
N THR D 143 15.11 -8.93 4.47
CA THR D 143 15.61 -9.32 5.78
C THR D 143 14.68 -8.77 6.86
N PHE D 144 14.22 -9.66 7.75
CA PHE D 144 13.29 -9.39 8.83
C PHE D 144 13.97 -9.66 10.16
N THR D 145 13.62 -8.88 11.19
CA THR D 145 14.30 -8.98 12.48
C THR D 145 13.27 -9.14 13.59
N ALA D 146 13.42 -10.17 14.42
CA ALA D 146 12.53 -10.37 15.55
C ALA D 146 13.34 -10.72 16.79
N THR D 147 12.72 -10.51 17.95
CA THR D 147 13.33 -10.81 19.24
C THR D 147 12.39 -11.66 20.07
N ILE D 148 12.95 -12.68 20.73
CA ILE D 148 12.21 -13.54 21.63
C ILE D 148 12.81 -13.35 23.02
N THR D 149 11.98 -12.92 23.96
CA THR D 149 12.41 -12.64 25.33
C THR D 149 11.83 -13.74 26.22
N ILE D 150 12.67 -14.67 26.64
CA ILE D 150 12.24 -15.76 27.52
C ILE D 150 12.49 -15.32 28.95
N SER D 151 11.41 -15.12 29.70
CA SER D 151 11.49 -14.47 31.01
C SER D 151 12.11 -15.37 32.06
N ASN D 152 11.69 -16.64 32.10
CA ASN D 152 12.26 -17.63 33.02
C ASN D 152 12.94 -18.69 32.16
N PRO D 153 14.24 -18.57 31.91
CA PRO D 153 14.90 -19.50 30.98
C PRO D 153 15.09 -20.88 31.59
N GLN D 154 15.04 -21.87 30.72
CA GLN D 154 15.31 -23.25 31.08
C GLN D 154 16.39 -23.78 30.13
N GLU D 155 16.78 -25.04 30.33
CA GLU D 155 17.84 -25.62 29.52
C GLU D 155 17.40 -25.93 28.10
N LYS D 156 16.11 -26.21 27.90
CA LYS D 156 15.61 -26.69 26.62
C LYS D 156 14.85 -25.63 25.83
N ASP D 157 14.92 -24.36 26.25
CA ASP D 157 14.15 -23.32 25.57
C ASP D 157 14.77 -22.93 24.24
N LEU D 158 16.10 -22.76 24.21
CA LEU D 158 16.78 -22.36 22.98
C LEU D 158 16.76 -23.48 21.94
N SER D 159 16.86 -24.74 22.39
CA SER D 159 16.77 -25.86 21.46
C SER D 159 15.37 -25.99 20.88
N LEU D 160 14.33 -25.76 21.70
CA LEU D 160 12.96 -25.80 21.22
C LEU D 160 12.67 -24.67 20.25
N ILE D 161 13.15 -23.46 20.55
CA ILE D 161 12.97 -22.30 19.67
C ILE D 161 13.69 -22.52 18.35
N GLN D 162 14.92 -23.05 18.39
CA GLN D 162 15.65 -23.31 17.16
C GLN D 162 15.00 -24.43 16.35
N SER D 163 14.48 -25.48 17.01
CA SER D 163 13.79 -26.55 16.30
C SER D 163 12.51 -26.05 15.63
N ALA D 164 11.76 -25.18 16.31
CA ALA D 164 10.59 -24.57 15.68
C ALA D 164 10.99 -23.66 14.53
N LEU D 165 12.16 -23.01 14.63
CA LEU D 165 12.64 -22.17 13.53
C LEU D 165 12.98 -23.02 12.29
N LYS D 166 13.63 -24.17 12.49
CA LYS D 166 13.90 -25.07 11.37
C LYS D 166 12.61 -25.66 10.78
N PHE D 167 11.58 -25.88 11.61
CA PHE D 167 10.28 -26.29 11.05
C PHE D 167 9.63 -25.17 10.23
N ILE D 168 9.82 -23.92 10.65
CA ILE D 168 9.32 -22.80 9.86
C ILE D 168 10.10 -22.66 8.55
N GLU D 169 11.40 -22.99 8.58
CA GLU D 169 12.16 -23.11 7.33
C GLU D 169 11.60 -24.20 6.44
N GLU D 170 11.19 -25.32 7.04
CA GLU D 170 10.71 -26.44 6.22
C GLU D 170 9.30 -26.22 5.68
N ASN D 171 8.42 -25.61 6.45
CA ASN D 171 7.03 -25.43 6.04
C ASN D 171 6.72 -24.06 5.45
N GLY D 172 7.46 -23.04 5.81
CA GLY D 172 7.03 -21.69 5.48
C GLY D 172 6.43 -20.99 6.69
N ILE D 173 6.52 -19.67 6.68
CA ILE D 173 6.19 -18.85 7.84
C ILE D 173 4.74 -18.35 7.79
N GLY D 174 4.27 -17.90 6.64
CA GLY D 174 2.92 -17.40 6.55
C GLY D 174 2.44 -17.31 5.12
N GLY D 175 1.13 -17.24 4.98
CA GLY D 175 0.53 -17.07 3.66
C GLY D 175 0.38 -18.39 2.92
N TRP D 176 0.43 -18.28 1.59
CA TRP D 176 0.18 -19.41 0.73
C TRP D 176 1.30 -20.35 0.76
N LEU D 177 1.38 -21.16 1.79
CA LEU D 177 2.53 -22.00 1.97
C LEU D 177 2.52 -23.24 1.10
N ASN D 178 1.31 -23.52 0.47
CA ASN D 178 1.26 -24.72 -0.32
C ASN D 178 1.90 -24.42 -1.63
N LYS D 179 1.55 -23.30 -2.22
CA LYS D 179 2.06 -22.92 -3.52
C LYS D 179 3.56 -22.69 -3.55
N GLY D 180 4.23 -22.64 -2.41
CA GLY D 180 5.63 -22.36 -2.37
C GLY D 180 6.00 -21.02 -1.79
N TYR D 181 5.04 -20.28 -1.25
CA TYR D 181 5.33 -18.98 -0.70
C TYR D 181 5.84 -19.09 0.73
N GLY D 182 6.68 -18.14 1.12
CA GLY D 182 7.10 -18.03 2.50
C GLY D 182 8.23 -18.92 2.94
N ARG D 183 8.96 -19.54 2.00
CA ARG D 183 10.10 -20.36 2.38
C ARG D 183 11.26 -19.45 2.76
N VAL D 184 11.68 -19.51 4.02
CA VAL D 184 12.61 -18.57 4.60
C VAL D 184 13.77 -19.34 5.23
N SER D 185 14.78 -18.60 5.67
CA SER D 185 15.86 -19.14 6.48
C SER D 185 16.17 -18.19 7.62
N PHE D 186 16.68 -18.75 8.71
CA PHE D 186 16.84 -18.06 9.98
C PHE D 186 18.31 -18.03 10.40
N GLU D 187 18.71 -16.92 11.03
CA GLU D 187 19.98 -16.82 11.71
C GLU D 187 19.71 -16.42 13.15
N VAL D 188 20.26 -17.17 14.09
CA VAL D 188 19.92 -17.06 15.50
C VAL D 188 21.13 -16.52 16.27
N LYS D 189 20.90 -15.53 17.12
CA LYS D 189 21.93 -15.05 18.05
C LYS D 189 21.27 -14.89 19.41
N SER D 190 21.70 -15.70 20.38
CA SER D 190 21.06 -15.70 21.69
C SER D 190 22.07 -15.38 22.78
N GLU D 191 21.60 -14.72 23.82
CA GLU D 191 22.43 -14.41 24.97
C GLU D 191 21.58 -14.38 26.23
N ASP D 192 22.17 -14.79 27.36
CA ASP D 192 21.50 -14.77 28.65
C ASP D 192 21.78 -13.42 29.29
N VAL D 193 20.86 -12.47 29.09
CA VAL D 193 21.06 -11.17 29.70
C VAL D 193 20.50 -11.18 31.12
N ALA D 194 20.94 -10.21 31.92
CA ALA D 194 20.39 -10.06 33.25
C ALA D 194 19.04 -9.39 33.19
N THR D 195 18.25 -9.55 34.26
CA THR D 195 17.01 -8.80 34.35
C THR D 195 17.26 -7.38 34.84
N ASP D 196 18.33 -7.20 35.62
CA ASP D 196 18.61 -5.89 36.18
C ASP D 196 19.67 -5.10 35.40
N ARG D 197 19.81 -5.33 34.10
CA ARG D 197 20.79 -4.63 33.28
C ARG D 197 20.47 -3.16 33.11
N PHE D 198 19.18 -2.80 33.16
CA PHE D 198 18.78 -1.42 33.01
C PHE D 198 18.95 -0.63 34.29
N LEU D 199 19.08 -1.31 35.43
CA LEU D 199 19.24 -0.66 36.73
C LEU D 199 20.69 -0.26 36.92
N LYS D 200 21.04 0.88 36.33
CA LYS D 200 22.38 1.43 36.46
C LYS D 200 22.53 2.13 37.81
N ALA E 2 10.36 19.20 49.50
CA ALA E 2 9.01 19.72 49.38
C ALA E 2 9.02 20.99 48.54
N LYS E 3 10.15 21.65 48.49
CA LYS E 3 10.24 22.91 47.75
C LYS E 3 10.39 22.69 46.25
N THR E 4 10.79 21.48 45.85
CA THR E 4 10.95 21.18 44.44
C THR E 4 10.14 19.94 44.07
N MET E 5 9.82 19.84 42.78
CA MET E 5 9.16 18.69 42.19
C MET E 5 9.88 18.29 40.90
N LYS E 6 9.78 17.02 40.56
CA LYS E 6 10.34 16.46 39.35
C LYS E 6 9.26 16.29 38.30
N LYS E 7 9.46 16.89 37.13
CA LYS E 7 8.52 16.75 36.02
C LYS E 7 9.18 15.92 34.94
N ILE E 8 8.60 14.75 34.65
CA ILE E 8 9.10 13.85 33.61
C ILE E 8 8.04 13.82 32.52
N TYR E 9 8.31 14.50 31.41
CA TYR E 9 7.44 14.45 30.25
C TYR E 9 7.86 13.27 29.39
N VAL E 10 6.94 12.34 29.18
CA VAL E 10 7.20 11.09 28.49
C VAL E 10 6.47 11.13 27.16
N THR E 11 7.22 11.00 26.06
CA THR E 11 6.65 10.90 24.73
C THR E 11 7.01 9.53 24.18
N MET E 12 6.00 8.71 23.95
CA MET E 12 6.21 7.31 23.60
C MET E 12 5.63 7.04 22.23
N LYS E 13 6.39 6.38 21.39
CA LYS E 13 5.93 6.05 20.05
C LYS E 13 5.86 4.56 20.00
N THR E 14 5.05 4.04 19.12
CA THR E 14 4.87 2.60 18.99
C THR E 14 5.67 2.09 17.80
N LEU E 15 6.52 1.09 18.06
CA LEU E 15 7.25 0.38 17.02
C LEU E 15 6.52 -0.87 16.55
N SER E 16 5.60 -1.37 17.36
CA SER E 16 4.78 -2.55 17.12
C SER E 16 3.34 -2.09 17.31
N PRO E 17 2.36 -2.81 16.75
CA PRO E 17 0.96 -2.46 17.04
C PRO E 17 0.64 -2.64 18.52
N LEU E 18 -0.16 -1.72 19.05
CA LEU E 18 -0.41 -1.64 20.48
C LEU E 18 -1.86 -1.98 20.76
N TYR E 19 -2.07 -2.90 21.70
CA TYR E 19 -3.40 -3.23 22.17
C TYR E 19 -3.44 -3.11 23.68
N THR E 20 -4.41 -2.37 24.18
CA THR E 20 -4.84 -2.46 25.57
C THR E 20 -6.36 -2.58 25.57
N GLY E 21 -6.89 -3.34 26.51
CA GLY E 21 -8.27 -3.76 26.46
C GLY E 21 -9.22 -2.75 27.07
N GLU E 22 -10.40 -2.63 26.46
CA GLU E 22 -11.45 -1.75 26.95
C GLU E 22 -11.91 -2.20 28.33
N VAL E 23 -12.11 -1.22 29.22
CA VAL E 23 -12.42 -1.50 30.60
C VAL E 23 -13.85 -1.12 30.96
N ARG E 24 -14.41 -0.09 30.33
CA ARG E 24 -15.76 0.36 30.60
C ARG E 24 -16.73 -0.69 30.10
N ARG E 25 -17.67 -1.13 30.91
CA ARG E 25 -18.53 -2.17 30.42
C ARG E 25 -19.44 -1.61 29.34
N GLU E 26 -20.05 -0.45 29.57
CA GLU E 26 -20.98 0.08 28.57
C GLU E 26 -20.31 0.25 27.21
N ASP E 27 -19.08 0.79 27.20
CA ASP E 27 -18.34 0.91 25.95
C ASP E 27 -17.99 -0.44 25.36
N LYS E 28 -17.70 -1.42 26.21
CA LYS E 28 -17.28 -2.72 25.68
C LYS E 28 -18.48 -3.49 25.11
N GLU E 29 -19.62 -3.46 25.80
CA GLU E 29 -20.81 -4.11 25.26
C GLU E 29 -21.37 -3.36 24.05
N ALA E 30 -21.12 -2.04 23.95
CA ALA E 30 -21.45 -1.36 22.70
C ALA E 30 -20.53 -1.79 21.58
N ALA E 31 -19.27 -2.06 21.90
CA ALA E 31 -18.32 -2.45 20.86
C ALA E 31 -18.42 -3.92 20.45
N GLN E 32 -18.87 -4.82 21.13
CA GLN E 32 -18.86 -6.18 20.61
C GLN E 32 -19.96 -6.43 19.58
N LYS E 33 -20.95 -5.46 19.42
CA LYS E 33 -21.79 -5.63 18.24
C LYS E 33 -21.00 -5.62 16.96
N ARG E 34 -19.78 -5.06 16.97
CA ARG E 34 -18.91 -5.03 15.81
C ARG E 34 -17.58 -5.77 16.01
N VAL E 35 -16.85 -5.44 17.07
CA VAL E 35 -15.49 -5.91 17.27
C VAL E 35 -15.43 -6.75 18.55
N ASN E 36 -14.53 -7.72 18.59
CA ASN E 36 -14.47 -8.60 19.75
C ASN E 36 -13.53 -8.10 20.84
N PHE E 37 -12.46 -7.40 20.47
CA PHE E 37 -11.48 -6.89 21.43
C PHE E 37 -11.24 -5.42 21.16
N PRO E 38 -12.09 -4.53 21.69
CA PRO E 38 -11.89 -3.10 21.48
C PRO E 38 -10.70 -2.56 22.26
N VAL E 39 -10.14 -1.47 21.75
CA VAL E 39 -9.03 -0.78 22.39
C VAL E 39 -9.60 0.25 23.36
N ARG E 40 -8.97 0.39 24.52
CA ARG E 40 -9.41 1.33 25.55
C ARG E 40 -9.21 2.68 25.09
N LYS E 41 -10.27 3.44 25.07
CA LYS E 41 -10.18 4.80 24.57
C LYS E 41 -10.81 5.76 25.57
N THR E 42 -10.71 7.05 25.27
CA THR E 42 -11.35 8.06 26.07
C THR E 42 -12.80 8.22 25.62
N ALA E 43 -13.52 9.15 26.24
CA ALA E 43 -14.74 9.63 25.62
C ALA E 43 -14.47 10.73 24.60
N THR E 44 -13.25 11.26 24.59
CA THR E 44 -12.77 12.15 23.54
C THR E 44 -12.01 11.40 22.44
N ASN E 45 -12.28 10.10 22.30
CA ASN E 45 -11.84 9.24 21.19
C ASN E 45 -10.33 9.06 21.12
N LYS E 46 -9.61 9.31 22.20
CA LYS E 46 -8.16 9.16 22.22
C LYS E 46 -7.80 7.91 23.01
N VAL E 47 -6.69 7.28 22.66
CA VAL E 47 -6.32 6.01 23.26
C VAL E 47 -5.66 6.25 24.61
N LEU E 48 -6.07 5.46 25.60
CA LEU E 48 -5.57 5.51 26.97
C LEU E 48 -4.92 4.17 27.32
N ILE E 49 -3.75 4.22 27.95
CA ILE E 49 -3.04 3.04 28.46
C ILE E 49 -2.77 3.26 29.92
N PRO E 50 -3.02 2.28 30.80
CA PRO E 50 -2.54 2.37 32.18
C PRO E 50 -1.02 2.32 32.24
N PHE E 51 -0.45 3.23 33.03
CA PHE E 51 0.99 3.47 33.00
C PHE E 51 1.67 3.24 34.33
N LYS E 52 0.99 3.49 35.46
CA LYS E 52 1.60 3.29 36.78
C LYS E 52 1.87 1.83 37.05
N GLY E 53 0.98 0.94 36.60
CA GLY E 53 1.18 -0.48 36.82
C GLY E 53 2.36 -1.04 36.05
N ALA E 54 2.57 -0.56 34.83
CA ALA E 54 3.69 -1.05 34.02
C ALA E 54 5.04 -0.61 34.60
N LEU E 55 5.12 0.67 34.99
CA LEU E 55 6.34 1.18 35.62
C LEU E 55 6.61 0.51 36.96
N ARG E 56 5.55 0.30 37.75
CA ARG E 56 5.71 -0.36 39.04
C ARG E 56 6.13 -1.81 38.88
N SER E 57 5.53 -2.54 37.93
CA SER E 57 5.89 -3.94 37.69
C SER E 57 7.32 -4.05 37.18
N ALA E 58 7.73 -3.12 36.31
CA ALA E 58 9.11 -3.06 35.83
C ALA E 58 10.08 -2.87 36.98
N LEU E 59 9.78 -1.92 37.87
CA LEU E 59 10.66 -1.67 39.01
C LEU E 59 10.69 -2.83 39.99
N GLU E 60 9.55 -3.51 40.20
CA GLU E 60 9.54 -4.68 41.09
C GLU E 60 10.36 -5.83 40.54
N ILE E 61 10.25 -6.13 39.23
CA ILE E 61 11.02 -7.26 38.68
C ILE E 61 12.51 -6.94 38.66
N MET E 62 12.89 -5.74 38.21
CA MET E 62 14.29 -5.33 38.19
C MET E 62 14.90 -5.24 39.59
N LEU E 63 14.16 -4.67 40.55
CA LEU E 63 14.71 -4.51 41.89
C LEU E 63 14.71 -5.81 42.66
N LYS E 64 13.80 -6.74 42.36
CA LYS E 64 13.88 -8.06 42.97
C LYS E 64 15.04 -8.86 42.40
N ALA E 65 15.29 -8.74 41.09
CA ALA E 65 16.40 -9.46 40.48
C ALA E 65 17.76 -8.85 40.79
N LYS E 66 17.82 -7.56 41.14
CA LYS E 66 19.10 -7.00 41.55
C LYS E 66 19.48 -7.43 42.95
N GLY E 67 18.51 -7.55 43.85
CA GLY E 67 18.76 -8.05 45.20
C GLY E 67 18.29 -7.14 46.32
N GLU E 68 17.66 -6.02 46.04
CA GLU E 68 17.18 -5.14 47.10
C GLU E 68 15.96 -5.74 47.79
N ASN E 69 15.76 -5.33 49.04
CA ASN E 69 14.61 -5.77 49.83
C ASN E 69 13.42 -4.97 49.28
N VAL E 70 12.70 -5.61 48.36
CA VAL E 70 11.60 -5.00 47.63
C VAL E 70 10.40 -5.94 47.71
N CYS E 71 9.28 -5.42 48.18
CA CYS E 71 8.06 -6.21 48.30
C CYS E 71 7.43 -6.45 46.93
N ASP E 72 6.52 -7.42 46.89
CA ASP E 72 5.81 -7.77 45.67
C ASP E 72 4.33 -7.51 45.89
N THR E 73 3.77 -6.58 45.11
CA THR E 73 2.35 -6.29 45.15
C THR E 73 1.60 -6.99 44.02
N GLY E 74 2.26 -7.87 43.28
CA GLY E 74 1.61 -8.54 42.17
C GLY E 74 0.69 -9.67 42.58
N GLU E 75 1.01 -10.36 43.67
CA GLU E 75 0.24 -11.53 44.09
C GLU E 75 -1.13 -11.11 44.62
N SER E 76 -2.00 -12.11 44.79
CA SER E 76 -3.40 -11.86 45.11
C SER E 76 -3.54 -11.26 46.50
N ARG E 77 -4.09 -10.03 46.55
CA ARG E 77 -4.30 -9.24 47.76
C ARG E 77 -3.00 -9.00 48.54
N ALA E 78 -1.89 -8.85 47.82
CA ALA E 78 -0.60 -8.66 48.46
C ALA E 78 -0.48 -7.25 49.02
N ARG E 79 0.10 -7.15 50.20
CA ARG E 79 0.20 -5.85 50.87
C ARG E 79 1.56 -5.23 50.63
N PRO E 80 1.61 -3.96 50.22
CA PRO E 80 2.89 -3.26 50.14
C PRO E 80 3.49 -3.05 51.53
N CYS E 81 4.82 -3.22 51.62
CA CYS E 81 5.48 -3.16 52.91
C CYS E 81 5.63 -1.74 53.42
N GLY E 82 5.91 -0.79 52.53
CA GLY E 82 6.16 0.57 52.93
C GLY E 82 7.59 0.91 53.26
N ARG E 83 8.53 0.00 52.97
CA ARG E 83 9.93 0.20 53.28
C ARG E 83 10.82 0.25 52.05
N CYS E 84 10.44 -0.39 50.95
CA CYS E 84 11.27 -0.42 49.76
C CYS E 84 11.16 0.90 49.00
N VAL E 85 11.98 1.01 47.96
CA VAL E 85 12.08 2.28 47.24
C VAL E 85 10.91 2.45 46.27
N THR E 86 10.29 1.35 45.82
CA THR E 86 9.10 1.49 44.98
C THR E 86 7.83 1.65 45.80
N CYS E 87 7.87 1.30 47.09
CA CYS E 87 6.80 1.68 48.00
C CYS E 87 6.82 3.18 48.26
N SER E 88 8.01 3.76 48.39
CA SER E 88 8.12 5.21 48.54
C SER E 88 7.80 5.93 47.24
N LEU E 89 8.20 5.36 46.10
CA LEU E 89 8.06 6.03 44.83
C LEU E 89 6.65 5.91 44.24
N PHE E 90 6.02 4.76 44.37
CA PHE E 90 4.75 4.53 43.70
C PHE E 90 3.55 4.38 44.63
N GLY E 91 3.76 3.95 45.87
CA GLY E 91 2.68 3.95 46.82
C GLY E 91 2.82 2.87 47.86
N SER E 92 2.22 3.13 49.01
CA SER E 92 2.28 2.24 50.16
C SER E 92 0.89 2.08 50.72
N MET E 93 0.70 1.36 51.81
CA MET E 93 -0.68 1.15 52.24
C MET E 93 -1.15 2.31 53.06
N GLY E 94 -0.21 3.11 53.49
CA GLY E 94 -0.51 4.27 54.30
C GLY E 94 -0.05 5.48 53.56
N ARG E 95 1.25 5.58 53.37
CA ARG E 95 1.81 6.72 52.66
C ARG E 95 1.44 6.66 51.19
N ALA E 96 1.05 7.80 50.63
CA ALA E 96 0.72 7.88 49.22
C ALA E 96 1.98 7.84 48.37
N GLY E 97 1.78 7.60 47.07
CA GLY E 97 2.90 7.54 46.16
C GLY E 97 3.44 8.91 45.82
N ARG E 98 4.77 9.00 45.71
CA ARG E 98 5.40 10.26 45.35
C ARG E 98 5.22 10.57 43.88
N ALA E 99 5.26 9.55 43.02
CA ALA E 99 5.12 9.74 41.58
C ALA E 99 3.64 9.63 41.23
N SER E 100 3.10 10.75 40.73
CA SER E 100 1.72 10.79 40.28
C SER E 100 1.85 10.54 38.84
N VAL E 101 1.72 9.29 38.46
CA VAL E 101 1.95 8.91 37.07
C VAL E 101 0.67 9.10 36.26
N ASP E 102 0.74 9.97 35.25
CA ASP E 102 -0.42 10.20 34.40
C ASP E 102 -0.65 9.02 33.47
N PHE E 103 -1.83 9.03 32.86
CA PHE E 103 -2.16 8.07 31.81
C PHE E 103 -1.46 8.44 30.52
N LEU E 104 -1.32 7.47 29.63
CA LEU E 104 -0.69 7.70 28.33
C LEU E 104 -1.77 8.18 27.36
N ILE E 105 -1.91 9.48 27.27
CA ILE E 105 -2.91 10.10 26.39
C ILE E 105 -2.32 10.23 25.00
N SER E 106 -3.01 9.69 24.00
CA SER E 106 -2.57 9.80 22.62
C SER E 106 -2.71 11.23 22.11
N ASN E 107 -1.98 11.52 21.03
CA ASN E 107 -2.11 12.83 20.39
C ASN E 107 -3.21 12.82 19.33
N ASP E 108 -3.37 11.73 18.60
CA ASP E 108 -4.42 11.61 17.61
C ASP E 108 -5.61 10.83 18.19
N THR E 109 -6.69 10.80 17.43
CA THR E 109 -7.92 10.17 17.85
C THR E 109 -8.06 8.78 17.23
N LYS E 110 -9.25 8.19 17.39
CA LYS E 110 -9.44 6.78 17.04
C LYS E 110 -9.48 6.56 15.53
N GLU E 111 -9.81 7.58 14.73
CA GLU E 111 -9.89 7.36 13.30
C GLU E 111 -8.51 7.34 12.66
N GLN E 112 -7.51 7.91 13.34
CA GLN E 112 -6.17 8.00 12.79
C GLN E 112 -5.29 6.84 13.22
N ILE E 113 -5.38 6.41 14.48
CA ILE E 113 -4.43 5.44 15.02
C ILE E 113 -5.06 4.10 15.35
N VAL E 114 -6.36 3.99 15.54
CA VAL E 114 -7.01 2.73 15.89
C VAL E 114 -7.55 2.10 14.62
N ARG E 115 -7.22 0.82 14.43
CA ARG E 115 -7.62 0.09 13.25
C ARG E 115 -8.09 -1.29 13.63
N GLU E 116 -9.28 -1.70 13.22
CA GLU E 116 -9.82 -3.00 13.56
C GLU E 116 -9.23 -4.03 12.61
N SER E 117 -8.77 -5.15 13.17
CA SER E 117 -8.08 -6.16 12.40
C SER E 117 -8.64 -7.53 12.71
N THR E 118 -8.14 -8.52 11.99
CA THR E 118 -8.63 -9.89 12.06
C THR E 118 -7.52 -10.77 12.64
N HIS E 119 -7.83 -11.47 13.71
CA HIS E 119 -6.94 -12.47 14.27
C HIS E 119 -7.59 -13.84 14.14
N LEU E 120 -6.76 -14.87 14.18
CA LEU E 120 -7.14 -16.21 13.78
C LEU E 120 -6.78 -17.24 14.83
N ARG E 121 -7.27 -18.44 14.58
CA ARG E 121 -6.86 -19.62 15.34
C ARG E 121 -6.96 -20.79 14.37
N ILE E 122 -5.81 -21.35 14.02
CA ILE E 122 -5.65 -22.29 12.90
C ILE E 122 -5.40 -23.68 13.46
N GLU E 123 -6.12 -24.67 12.94
CA GLU E 123 -5.86 -26.06 13.29
C GLU E 123 -4.49 -26.48 12.81
N ARG E 124 -3.83 -27.32 13.60
CA ARG E 124 -2.44 -27.65 13.32
C ARG E 124 -2.31 -28.79 12.32
N GLN E 125 -3.38 -29.58 12.14
CA GLN E 125 -3.36 -30.73 11.25
C GLN E 125 -3.91 -30.40 9.87
N THR E 126 -5.10 -29.82 9.81
CA THR E 126 -5.73 -29.50 8.53
C THR E 126 -5.34 -28.12 8.00
N LYS E 127 -4.62 -27.33 8.81
CA LYS E 127 -4.14 -25.98 8.46
C LYS E 127 -5.25 -25.06 7.98
N SER E 128 -6.41 -25.14 8.63
CA SER E 128 -7.56 -24.30 8.32
C SER E 128 -7.88 -23.41 9.50
N ALA E 129 -8.43 -22.23 9.20
CA ALA E 129 -8.77 -21.26 10.24
C ALA E 129 -9.99 -21.76 11.00
N SER E 130 -9.76 -22.30 12.19
CA SER E 130 -10.87 -22.79 13.01
C SER E 130 -11.66 -21.63 13.60
N ASP E 131 -10.98 -20.64 14.12
CA ASP E 131 -11.69 -19.53 14.68
C ASP E 131 -11.22 -18.24 14.08
N THR E 132 -11.93 -17.17 14.33
CA THR E 132 -11.62 -15.86 13.79
C THR E 132 -12.28 -14.81 14.68
N PHE E 133 -11.54 -13.75 15.01
CA PHE E 133 -12.12 -12.68 15.80
C PHE E 133 -11.50 -11.33 15.44
N LYS E 134 -12.29 -10.29 15.58
CA LYS E 134 -11.85 -8.94 15.22
C LYS E 134 -11.38 -8.22 16.47
N GLY E 135 -10.22 -7.58 16.37
CA GLY E 135 -9.68 -6.80 17.48
C GLY E 135 -9.09 -5.50 17.00
N GLU E 136 -9.40 -4.43 17.73
CA GLU E 136 -8.79 -3.13 17.46
C GLU E 136 -7.33 -3.13 17.91
N GLU E 137 -6.52 -2.31 17.24
CA GLU E 137 -5.16 -2.10 17.70
C GLU E 137 -4.73 -0.68 17.34
N VAL E 138 -3.75 -0.18 18.08
CA VAL E 138 -3.17 1.13 17.83
C VAL E 138 -1.98 0.95 16.91
N ILE E 139 -1.90 1.76 15.86
CA ILE E 139 -0.88 1.58 14.82
C ILE E 139 0.51 1.93 15.31
N GLU E 140 1.48 1.61 14.47
CA GLU E 140 2.89 1.83 14.75
C GLU E 140 3.27 3.24 14.33
N GLY E 141 4.07 3.90 15.17
CA GLY E 141 4.39 5.30 14.97
C GLY E 141 3.41 6.25 15.62
N ALA E 142 2.33 5.74 16.19
CA ALA E 142 1.42 6.57 16.97
C ALA E 142 2.10 7.01 18.26
N THR E 143 1.98 8.29 18.58
CA THR E 143 2.67 8.86 19.72
C THR E 143 1.69 9.13 20.86
N PHE E 144 2.21 9.04 22.08
CA PHE E 144 1.45 9.14 23.32
C PHE E 144 2.22 10.04 24.26
N THR E 145 1.49 10.79 25.09
CA THR E 145 2.10 11.71 26.03
C THR E 145 1.68 11.36 27.44
N ALA E 146 2.63 11.50 28.37
CA ALA E 146 2.35 11.31 29.79
C ALA E 146 3.23 12.26 30.59
N THR E 147 2.85 12.49 31.84
CA THR E 147 3.62 13.33 32.74
C THR E 147 3.72 12.64 34.09
N ILE E 148 4.95 12.45 34.56
CA ILE E 148 5.21 11.86 35.87
C ILE E 148 5.66 12.99 36.78
N THR E 149 4.85 13.29 37.79
CA THR E 149 5.13 14.36 38.74
C THR E 149 5.57 13.71 40.05
N ILE E 150 6.83 13.88 40.40
CA ILE E 150 7.37 13.34 41.66
C ILE E 150 7.45 14.49 42.65
N SER E 151 6.66 14.39 43.71
CA SER E 151 6.76 15.28 44.86
C SER E 151 7.65 14.63 45.91
N ASN E 152 8.36 15.47 46.68
CA ASN E 152 9.48 15.12 47.56
C ASN E 152 10.51 14.27 46.82
N PRO E 153 11.22 14.82 45.82
CA PRO E 153 12.06 13.98 44.97
C PRO E 153 13.33 13.53 45.68
N GLN E 154 13.94 12.50 45.11
CA GLN E 154 15.25 12.01 45.54
C GLN E 154 16.19 12.07 44.35
N GLU E 155 17.45 11.67 44.60
CA GLU E 155 18.46 11.73 43.54
C GLU E 155 18.27 10.61 42.53
N LYS E 156 17.80 9.46 42.98
CA LYS E 156 17.75 8.26 42.16
C LYS E 156 16.38 7.95 41.60
N ASP E 157 15.41 8.85 41.74
CA ASP E 157 14.05 8.58 41.24
C ASP E 157 14.01 8.58 39.72
N LEU E 158 14.72 9.51 39.10
CA LEU E 158 14.72 9.59 37.64
C LEU E 158 15.44 8.42 36.99
N SER E 159 16.54 7.94 37.60
CA SER E 159 17.22 6.76 37.09
C SER E 159 16.32 5.53 37.16
N LEU E 160 15.55 5.42 38.24
CA LEU E 160 14.60 4.30 38.38
C LEU E 160 13.49 4.37 37.35
N ILE E 161 12.93 5.56 37.12
CA ILE E 161 11.86 5.72 36.14
C ILE E 161 12.36 5.45 34.72
N GLN E 162 13.56 5.94 34.40
CA GLN E 162 14.14 5.71 33.07
C GLN E 162 14.49 4.24 32.85
N SER E 163 14.97 3.56 33.90
CA SER E 163 15.24 2.13 33.81
C SER E 163 13.95 1.34 33.60
N ALA E 164 12.87 1.73 34.27
CA ALA E 164 11.57 1.11 34.05
C ALA E 164 11.06 1.36 32.64
N LEU E 165 11.33 2.55 32.10
CA LEU E 165 10.91 2.86 30.73
C LEU E 165 11.67 2.02 29.70
N LYS E 166 12.97 1.83 29.90
CA LYS E 166 13.71 0.94 28.99
C LYS E 166 13.30 -0.52 29.16
N PHE E 167 12.87 -0.91 30.36
CA PHE E 167 12.31 -2.25 30.52
C PHE E 167 10.98 -2.39 29.79
N ILE E 168 10.18 -1.33 29.75
CA ILE E 168 8.93 -1.37 29.01
C ILE E 168 9.19 -1.40 27.50
N GLU E 169 10.27 -0.75 27.05
CA GLU E 169 10.75 -0.95 25.68
C GLU E 169 11.14 -2.39 25.43
N GLU E 170 11.75 -3.04 26.42
CA GLU E 170 12.20 -4.41 26.22
C GLU E 170 11.04 -5.41 26.19
N ASN E 171 10.07 -5.24 27.09
CA ASN E 171 8.95 -6.17 27.16
C ASN E 171 7.75 -5.73 26.33
N GLY E 172 7.20 -4.58 26.66
CA GLY E 172 5.99 -4.09 26.02
C GLY E 172 5.03 -3.51 27.05
N ILE E 173 4.08 -2.73 26.56
CA ILE E 173 3.04 -2.16 27.40
C ILE E 173 1.69 -2.53 26.79
N GLY E 174 0.65 -2.53 27.62
CA GLY E 174 -0.65 -2.95 27.15
C GLY E 174 -0.81 -4.46 27.22
N GLY E 175 -1.67 -4.98 26.34
CA GLY E 175 -1.96 -6.39 26.28
C GLY E 175 -1.37 -7.06 25.04
N TRP E 176 -1.56 -8.38 24.99
CA TRP E 176 -1.07 -9.27 23.93
C TRP E 176 0.44 -9.16 23.73
N LEU E 177 1.17 -9.06 24.83
CA LEU E 177 2.61 -8.78 24.77
C LEU E 177 3.41 -9.97 24.24
N ASN E 178 2.89 -11.18 24.39
CA ASN E 178 3.61 -12.36 23.95
C ASN E 178 3.53 -12.53 22.43
N LYS E 179 2.48 -12.00 21.81
CA LYS E 179 2.30 -12.14 20.37
C LYS E 179 3.04 -11.08 19.57
N GLY E 180 3.73 -10.16 20.23
CA GLY E 180 4.48 -9.12 19.56
C GLY E 180 3.91 -7.73 19.71
N TYR E 181 2.87 -7.56 20.51
CA TYR E 181 2.22 -6.26 20.62
C TYR E 181 2.89 -5.41 21.70
N GLY E 182 2.70 -4.10 21.58
CA GLY E 182 3.04 -3.18 22.64
C GLY E 182 4.49 -2.76 22.74
N ARG E 183 5.34 -3.14 21.79
CA ARG E 183 6.73 -2.70 21.84
C ARG E 183 6.82 -1.23 21.47
N VAL E 184 7.48 -0.44 22.33
CA VAL E 184 7.43 1.01 22.26
C VAL E 184 8.83 1.58 22.45
N SER E 185 8.94 2.89 22.17
CA SER E 185 10.16 3.66 22.37
C SER E 185 9.82 4.95 23.11
N PHE E 186 10.55 5.24 24.18
CA PHE E 186 10.22 6.38 25.01
C PHE E 186 11.20 7.52 24.96
N GLU E 187 10.70 8.74 24.92
CA GLU E 187 11.58 9.90 24.98
C GLU E 187 11.30 10.56 26.30
N VAL E 188 12.32 11.07 26.97
CA VAL E 188 12.17 11.61 28.31
C VAL E 188 12.66 13.05 28.31
N LYS E 189 11.82 13.97 28.80
CA LYS E 189 12.22 15.34 29.06
C LYS E 189 12.04 15.63 30.54
N SER E 190 13.10 15.75 31.28
CA SER E 190 12.85 16.00 32.67
C SER E 190 13.08 17.43 32.96
N GLU E 191 12.72 17.84 34.15
CA GLU E 191 12.96 19.19 34.62
C GLU E 191 12.68 19.28 36.11
N ASP E 192 13.45 20.14 36.78
CA ASP E 192 13.18 20.53 38.14
C ASP E 192 12.25 21.73 38.12
N VAL E 193 11.19 21.68 38.92
CA VAL E 193 10.37 22.85 39.16
C VAL E 193 10.31 23.08 40.65
N ALA E 194 9.89 24.28 41.02
CA ALA E 194 9.38 24.50 42.36
C ALA E 194 7.86 24.40 42.33
N THR E 195 7.26 24.24 43.51
CA THR E 195 5.82 24.08 43.52
C THR E 195 5.07 25.40 43.39
N ASP E 196 5.76 26.54 43.51
CA ASP E 196 5.10 27.84 43.42
C ASP E 196 5.35 28.54 42.09
N ARG E 197 5.35 27.80 40.98
CA ARG E 197 5.28 28.45 39.68
C ARG E 197 3.94 29.14 39.50
N PHE E 198 2.88 28.56 40.04
CA PHE E 198 1.54 29.12 39.90
C PHE E 198 1.37 30.35 40.78
N LEU E 199 2.08 30.41 41.90
CA LEU E 199 1.99 31.51 42.85
C LEU E 199 2.66 32.76 42.30
N LYS F 3 -20.56 46.18 51.87
CA LYS F 3 -19.29 45.56 51.50
C LYS F 3 -19.42 44.79 50.19
N THR F 4 -18.29 44.44 49.60
CA THR F 4 -18.26 43.68 48.36
C THR F 4 -18.00 42.21 48.64
N MET F 5 -18.25 41.38 47.63
CA MET F 5 -17.95 39.97 47.70
C MET F 5 -17.54 39.50 46.31
N LYS F 6 -16.74 38.44 46.26
CA LYS F 6 -16.22 37.90 45.02
C LYS F 6 -16.84 36.54 44.75
N LYS F 7 -17.39 36.37 43.56
CA LYS F 7 -18.02 35.12 43.16
C LYS F 7 -17.28 34.57 41.95
N ILE F 8 -16.74 33.38 42.09
CA ILE F 8 -15.92 32.76 41.06
C ILE F 8 -16.67 31.55 40.55
N TYR F 9 -17.05 31.58 39.28
CA TYR F 9 -17.67 30.44 38.61
C TYR F 9 -16.57 29.57 38.02
N VAL F 10 -16.51 28.33 38.46
CA VAL F 10 -15.50 27.38 38.03
C VAL F 10 -16.18 26.40 37.10
N THR F 11 -15.81 26.44 35.83
CA THR F 11 -16.18 25.44 34.85
C THR F 11 -15.06 24.42 34.78
N MET F 12 -15.40 23.15 34.65
CA MET F 12 -14.40 22.09 34.77
C MET F 12 -14.61 21.08 33.64
N LYS F 13 -13.56 20.81 32.89
CA LYS F 13 -13.58 19.80 31.86
C LYS F 13 -12.68 18.65 32.28
N THR F 14 -13.15 17.43 32.07
CA THR F 14 -12.45 16.23 32.50
C THR F 14 -11.61 15.70 31.34
N LEU F 15 -10.31 15.53 31.56
CA LEU F 15 -9.39 15.07 30.53
C LEU F 15 -8.92 13.64 30.69
N SER F 16 -8.81 13.17 31.93
CA SER F 16 -8.48 11.82 32.33
C SER F 16 -9.59 11.39 33.27
N PRO F 17 -9.95 10.09 33.31
CA PRO F 17 -11.15 9.65 34.04
C PRO F 17 -11.12 10.00 35.52
N LEU F 18 -12.29 10.29 36.07
CA LEU F 18 -12.37 10.88 37.39
C LEU F 18 -12.96 9.87 38.36
N TYR F 19 -12.30 9.72 39.50
CA TYR F 19 -12.81 8.86 40.57
C TYR F 19 -12.98 9.67 41.84
N THR F 20 -14.20 9.67 42.37
CA THR F 20 -14.46 10.18 43.72
C THR F 20 -15.30 9.13 44.42
N GLY F 21 -14.77 8.55 45.49
CA GLY F 21 -15.44 7.43 46.13
C GLY F 21 -16.74 7.83 46.80
N GLU F 22 -17.75 6.98 46.64
CA GLU F 22 -19.06 7.21 47.22
C GLU F 22 -18.97 7.10 48.74
N VAL F 23 -19.65 8.00 49.43
CA VAL F 23 -19.58 8.07 50.88
C VAL F 23 -20.86 7.62 51.56
N ARG F 24 -21.97 7.53 50.85
CA ARG F 24 -23.24 7.13 51.46
C ARG F 24 -23.24 5.63 51.65
N ARG F 25 -23.26 5.21 52.91
CA ARG F 25 -23.06 3.81 53.29
C ARG F 25 -24.16 2.90 52.75
N GLU F 26 -25.42 3.33 52.87
CA GLU F 26 -26.53 2.54 52.37
C GLU F 26 -26.51 2.47 50.85
N ASP F 27 -26.17 3.58 50.19
CA ASP F 27 -26.03 3.57 48.73
C ASP F 27 -24.82 2.75 48.31
N LYS F 28 -23.76 2.76 49.13
CA LYS F 28 -22.55 1.97 48.86
C LYS F 28 -22.87 0.48 48.86
N GLU F 29 -23.51 0.01 49.95
CA GLU F 29 -23.88 -1.39 50.07
C GLU F 29 -25.04 -1.78 49.16
N ALA F 30 -25.82 -0.82 48.69
CA ALA F 30 -26.73 -1.10 47.58
C ALA F 30 -25.95 -1.28 46.28
N ALA F 31 -24.83 -0.58 46.13
CA ALA F 31 -24.00 -0.69 44.93
C ALA F 31 -22.90 -1.74 45.02
N GLN F 32 -22.60 -2.29 46.21
CA GLN F 32 -21.49 -3.23 46.34
C GLN F 32 -21.76 -4.60 45.72
N LYS F 33 -23.03 -4.95 45.45
CA LYS F 33 -23.30 -6.22 44.79
C LYS F 33 -22.83 -6.22 43.34
N ARG F 34 -22.63 -5.04 42.78
CA ARG F 34 -22.20 -4.92 41.41
C ARG F 34 -20.88 -4.19 41.24
N VAL F 35 -20.70 -3.09 41.93
CA VAL F 35 -19.52 -2.26 41.72
C VAL F 35 -18.81 -2.10 43.05
N ASN F 36 -17.50 -2.39 43.07
CA ASN F 36 -16.75 -2.34 44.32
C ASN F 36 -16.29 -0.93 44.69
N PHE F 37 -16.20 -0.01 43.73
CA PHE F 37 -15.86 1.38 43.99
C PHE F 37 -16.87 2.29 43.30
N PRO F 38 -18.04 2.49 43.89
CA PRO F 38 -19.01 3.41 43.29
C PRO F 38 -18.53 4.85 43.37
N VAL F 39 -18.79 5.60 42.31
CA VAL F 39 -18.38 6.99 42.30
C VAL F 39 -19.36 7.79 43.15
N ARG F 40 -18.90 8.95 43.64
CA ARG F 40 -19.71 9.79 44.49
C ARG F 40 -20.86 10.38 43.69
N LYS F 41 -22.08 9.98 44.02
CA LYS F 41 -23.23 10.29 43.20
C LYS F 41 -24.32 10.92 44.04
N THR F 42 -25.13 11.76 43.39
CA THR F 42 -26.26 12.33 44.07
C THR F 42 -27.47 11.40 43.96
N ALA F 43 -28.57 11.80 44.60
CA ALA F 43 -29.87 11.20 44.35
C ALA F 43 -30.60 11.87 43.19
N THR F 44 -30.04 12.96 42.65
CA THR F 44 -30.46 13.54 41.38
C THR F 44 -29.62 12.96 40.24
N ASN F 45 -28.90 11.87 40.52
CA ASN F 45 -28.06 11.12 39.57
C ASN F 45 -26.93 11.98 38.99
N LYS F 46 -26.44 12.93 39.77
CA LYS F 46 -25.33 13.80 39.39
C LYS F 46 -24.11 13.41 40.22
N VAL F 47 -22.95 13.97 39.89
CA VAL F 47 -21.69 13.55 40.49
C VAL F 47 -21.17 14.65 41.41
N LEU F 48 -20.85 14.28 42.65
CA LEU F 48 -20.28 15.16 43.67
C LEU F 48 -18.77 15.00 43.73
N ILE F 49 -18.06 16.13 43.76
CA ILE F 49 -16.61 16.15 43.98
C ILE F 49 -16.32 17.15 45.10
N PRO F 50 -15.67 16.73 46.19
CA PRO F 50 -15.19 17.69 47.20
C PRO F 50 -14.11 18.59 46.62
N PHE F 51 -14.34 19.90 46.72
CA PHE F 51 -13.46 20.87 46.11
C PHE F 51 -12.92 21.93 47.05
N LYS F 52 -13.18 21.85 48.34
CA LYS F 52 -12.59 22.81 49.25
C LYS F 52 -11.35 22.21 49.83
N GLY F 53 -11.35 20.90 49.98
CA GLY F 53 -10.18 20.20 50.49
C GLY F 53 -9.02 20.23 49.52
N ALA F 54 -9.30 20.05 48.22
CA ALA F 54 -8.24 20.09 47.21
C ALA F 54 -7.65 21.49 47.07
N LEU F 55 -8.51 22.52 47.09
CA LEU F 55 -8.04 23.90 47.03
C LEU F 55 -7.21 24.27 48.26
N ARG F 56 -7.68 23.86 49.44
CA ARG F 56 -6.98 24.17 50.68
C ARG F 56 -5.65 23.45 50.75
N SER F 57 -5.61 22.17 50.37
CA SER F 57 -4.37 21.41 50.39
C SER F 57 -3.36 21.94 49.38
N ALA F 58 -3.85 22.33 48.18
CA ALA F 58 -2.99 22.91 47.16
C ALA F 58 -2.37 24.22 47.65
N LEU F 59 -3.18 25.08 48.29
CA LEU F 59 -2.67 26.33 48.81
C LEU F 59 -1.71 26.10 49.97
N GLU F 60 -1.96 25.08 50.80
CA GLU F 60 -1.06 24.78 51.92
C GLU F 60 0.31 24.33 51.44
N ILE F 61 0.38 23.39 50.48
CA ILE F 61 1.69 22.93 50.00
C ILE F 61 2.40 24.02 49.20
N MET F 62 1.66 24.81 48.39
CA MET F 62 2.31 25.85 47.62
C MET F 62 2.80 27.00 48.50
N LEU F 63 2.00 27.43 49.47
CA LEU F 63 2.42 28.51 50.35
C LEU F 63 3.48 28.05 51.34
N LYS F 64 3.52 26.76 51.67
CA LYS F 64 4.58 26.25 52.54
C LYS F 64 5.89 26.14 51.78
N ALA F 65 5.85 25.71 50.52
CA ALA F 65 7.08 25.64 49.74
C ALA F 65 7.55 26.99 49.24
N LYS F 66 6.68 28.00 49.22
CA LYS F 66 7.14 29.35 48.91
C LYS F 66 7.99 29.91 50.04
N GLY F 67 7.51 29.80 51.27
CA GLY F 67 8.24 30.31 52.41
C GLY F 67 7.35 30.95 53.46
N GLU F 68 6.06 31.08 53.14
CA GLU F 68 5.12 31.67 54.07
C GLU F 68 4.80 30.71 55.22
N ASN F 69 4.31 31.27 56.32
CA ASN F 69 3.97 30.51 57.51
C ASN F 69 2.51 30.08 57.39
N VAL F 70 2.30 28.86 56.92
CA VAL F 70 0.97 28.27 56.82
C VAL F 70 0.97 26.91 57.52
N CYS F 71 -0.08 26.67 58.30
CA CYS F 71 -0.30 25.39 58.97
C CYS F 71 -0.52 24.27 57.97
N ASP F 72 -0.20 23.03 58.36
CA ASP F 72 -0.37 21.87 57.50
C ASP F 72 -1.38 20.94 58.15
N THR F 73 -2.54 20.79 57.52
CA THR F 73 -3.56 19.87 58.02
C THR F 73 -3.22 18.44 57.66
N GLY F 74 -3.33 17.54 58.63
CA GLY F 74 -3.03 16.14 58.43
C GLY F 74 -2.10 15.57 59.48
N ALA F 78 -3.41 18.23 62.90
CA ALA F 78 -3.02 19.55 63.39
C ALA F 78 -4.18 20.54 63.26
N ARG F 79 -4.44 21.28 64.33
CA ARG F 79 -5.48 22.29 64.30
C ARG F 79 -5.04 23.50 63.47
N PRO F 80 -5.98 24.16 62.80
CA PRO F 80 -5.65 25.41 62.10
C PRO F 80 -5.24 26.51 63.07
N CYS F 81 -4.26 27.32 62.65
CA CYS F 81 -3.70 28.33 63.54
C CYS F 81 -4.62 29.53 63.69
N GLY F 82 -5.27 29.96 62.61
CA GLY F 82 -6.10 31.14 62.63
C GLY F 82 -5.44 32.41 62.16
N ARG F 83 -4.13 32.39 61.95
CA ARG F 83 -3.40 33.59 61.55
C ARG F 83 -2.78 33.50 60.16
N CYS F 84 -2.79 32.32 59.52
CA CYS F 84 -2.17 32.18 58.22
C CYS F 84 -3.14 32.60 57.12
N VAL F 85 -2.65 32.55 55.87
CA VAL F 85 -3.48 32.94 54.73
C VAL F 85 -4.58 31.92 54.47
N THR F 86 -4.24 30.63 54.59
CA THR F 86 -5.24 29.59 54.35
C THR F 86 -6.26 29.48 55.47
N CYS F 87 -5.94 29.95 56.68
CA CYS F 87 -6.97 30.05 57.71
C CYS F 87 -7.86 31.26 57.49
N SER F 88 -7.32 32.35 56.97
CA SER F 88 -8.15 33.51 56.66
C SER F 88 -8.97 33.31 55.41
N LEU F 89 -8.62 32.34 54.56
CA LEU F 89 -9.32 32.12 53.31
C LEU F 89 -10.21 30.88 53.39
N PHE F 90 -9.65 29.71 53.73
CA PHE F 90 -10.38 28.45 53.75
C PHE F 90 -10.72 27.96 55.15
N GLY F 91 -10.84 28.87 56.09
CA GLY F 91 -11.33 28.48 57.41
C GLY F 91 -10.42 28.06 58.52
N SER F 92 -10.85 28.32 59.74
CA SER F 92 -10.10 27.90 60.90
C SER F 92 -11.12 27.45 61.88
N MET F 93 -10.71 26.84 62.98
CA MET F 93 -11.71 26.29 63.89
C MET F 93 -12.70 27.32 64.31
N GLY F 94 -12.22 28.47 64.69
CA GLY F 94 -13.11 29.54 65.09
C GLY F 94 -13.57 30.32 63.92
N ARG F 95 -12.75 31.25 63.47
CA ARG F 95 -13.13 32.08 62.36
C ARG F 95 -13.53 31.26 61.18
N ALA F 96 -14.77 31.39 60.77
CA ALA F 96 -15.19 30.71 59.57
C ALA F 96 -14.42 31.19 58.36
N GLY F 97 -14.35 30.33 57.35
CA GLY F 97 -13.65 30.69 56.13
C GLY F 97 -14.48 31.65 55.29
N ARG F 98 -13.81 32.64 54.70
CA ARG F 98 -14.50 33.53 53.77
C ARG F 98 -14.87 32.81 52.49
N ALA F 99 -14.02 31.88 52.07
CA ALA F 99 -14.26 31.21 50.83
C ALA F 99 -15.12 29.99 50.99
N SER F 100 -16.39 30.13 50.72
CA SER F 100 -17.24 28.97 50.73
C SER F 100 -17.05 28.40 49.36
N VAL F 101 -16.80 27.11 49.27
CA VAL F 101 -16.56 26.50 48.00
C VAL F 101 -17.57 25.42 47.74
N ASP F 102 -18.27 25.50 46.64
CA ASP F 102 -19.29 24.52 46.27
C ASP F 102 -18.67 23.14 46.03
N PHE F 103 -19.55 22.14 46.07
CA PHE F 103 -19.24 20.84 45.48
C PHE F 103 -19.20 21.00 43.96
N LEU F 104 -18.34 20.22 43.31
CA LEU F 104 -18.27 20.26 41.85
C LEU F 104 -19.39 19.38 41.31
N ILE F 105 -20.52 20.01 41.02
CA ILE F 105 -21.69 19.34 40.48
C ILE F 105 -21.56 19.22 38.96
N SER F 106 -21.79 18.02 38.45
CA SER F 106 -21.78 17.78 37.01
C SER F 106 -22.98 18.43 36.34
N ASN F 107 -22.78 18.89 35.10
CA ASN F 107 -23.92 19.39 34.34
C ASN F 107 -24.73 18.27 33.70
N ASP F 108 -24.18 17.07 33.64
CA ASP F 108 -24.84 15.89 33.08
C ASP F 108 -25.24 14.95 34.20
N THR F 109 -26.01 13.93 33.83
CA THR F 109 -26.51 12.95 34.79
C THR F 109 -25.56 11.75 34.83
N LYS F 110 -25.94 10.70 35.56
CA LYS F 110 -25.04 9.57 35.77
C LYS F 110 -24.91 8.70 34.51
N GLU F 111 -26.02 8.48 33.79
CA GLU F 111 -26.04 7.52 32.69
C GLU F 111 -25.22 7.98 31.49
N GLN F 112 -24.93 9.27 31.37
CA GLN F 112 -24.09 9.74 30.28
C GLN F 112 -22.61 9.74 30.64
N ILE F 113 -22.24 9.99 31.89
CA ILE F 113 -20.85 10.19 32.24
C ILE F 113 -20.26 9.11 33.14
N VAL F 114 -21.06 8.31 33.84
CA VAL F 114 -20.52 7.37 34.82
C VAL F 114 -20.54 5.97 34.20
N ARG F 115 -19.36 5.35 34.13
CA ARG F 115 -19.22 4.00 33.58
C ARG F 115 -18.54 3.09 34.58
N GLU F 116 -19.00 1.84 34.63
CA GLU F 116 -18.33 0.82 35.40
C GLU F 116 -17.11 0.33 34.63
N SER F 117 -15.94 0.40 35.25
CA SER F 117 -14.70 0.01 34.59
C SER F 117 -13.96 -1.01 35.43
N THR F 118 -13.41 -2.01 34.77
CA THR F 118 -12.68 -3.10 35.39
C THR F 118 -11.22 -2.70 35.60
N HIS F 119 -10.71 -2.93 36.80
CA HIS F 119 -9.28 -2.75 37.06
C HIS F 119 -8.70 -4.05 37.60
N LEU F 120 -7.39 -4.17 37.44
CA LEU F 120 -6.68 -5.41 37.67
C LEU F 120 -5.63 -5.26 38.75
N ARG F 121 -5.10 -6.42 39.16
CA ARG F 121 -3.83 -6.53 39.86
C ARG F 121 -3.16 -7.76 39.27
N ILE F 122 -2.03 -7.56 38.61
CA ILE F 122 -1.37 -8.59 37.81
C ILE F 122 -0.14 -9.08 38.55
N GLU F 123 -0.01 -10.41 38.66
CA GLU F 123 1.19 -11.01 39.21
C GLU F 123 2.40 -10.69 38.35
N ARG F 124 3.53 -10.45 39.00
CA ARG F 124 4.69 -9.92 38.28
C ARG F 124 5.42 -11.00 37.50
N GLN F 125 5.43 -12.24 38.00
CA GLN F 125 6.14 -13.34 37.39
C GLN F 125 5.24 -14.16 36.47
N THR F 126 4.05 -14.54 36.97
CA THR F 126 3.11 -15.34 36.21
C THR F 126 2.47 -14.53 35.08
N LYS F 127 2.35 -13.21 35.27
CA LYS F 127 1.79 -12.26 34.30
C LYS F 127 0.36 -12.61 33.91
N SER F 128 -0.46 -12.84 34.93
CA SER F 128 -1.90 -13.01 34.76
C SER F 128 -2.60 -12.15 35.80
N ALA F 129 -3.90 -11.94 35.58
CA ALA F 129 -4.70 -11.09 36.45
C ALA F 129 -4.93 -11.81 37.78
N SER F 130 -4.13 -11.44 38.78
CA SER F 130 -4.26 -12.06 40.10
C SER F 130 -5.53 -11.62 40.80
N ASP F 131 -5.85 -10.33 40.71
CA ASP F 131 -7.08 -9.86 41.30
C ASP F 131 -7.85 -9.03 40.34
N THR F 132 -9.10 -8.80 40.65
CA THR F 132 -10.00 -8.06 39.77
C THR F 132 -10.94 -7.25 40.63
N PHE F 133 -11.32 -6.07 40.13
CA PHE F 133 -12.40 -5.31 40.76
C PHE F 133 -13.04 -4.39 39.73
N LYS F 134 -14.21 -3.88 40.08
CA LYS F 134 -14.95 -2.95 39.26
C LYS F 134 -15.12 -1.65 40.02
N GLY F 135 -14.82 -0.54 39.37
CA GLY F 135 -15.01 0.76 39.96
C GLY F 135 -15.71 1.70 39.01
N GLU F 136 -16.55 2.59 39.53
CA GLU F 136 -17.23 3.53 38.67
C GLU F 136 -16.34 4.75 38.45
N GLU F 137 -16.36 5.28 37.22
CA GLU F 137 -15.53 6.40 36.88
C GLU F 137 -16.29 7.35 35.96
N VAL F 138 -15.85 8.59 35.94
CA VAL F 138 -16.47 9.62 35.11
C VAL F 138 -15.77 9.66 33.76
N ILE F 139 -16.54 9.82 32.68
CA ILE F 139 -15.95 9.92 31.35
C ILE F 139 -15.22 11.25 31.19
N GLU F 140 -14.46 11.37 30.12
CA GLU F 140 -13.63 12.54 29.89
C GLU F 140 -14.30 13.48 28.89
N GLY F 141 -14.15 14.77 29.13
CA GLY F 141 -15.02 15.78 28.56
C GLY F 141 -16.27 16.07 29.36
N ALA F 142 -16.46 15.39 30.48
CA ALA F 142 -17.61 15.66 31.35
C ALA F 142 -17.39 17.00 32.05
N THR F 143 -18.40 17.85 32.01
CA THR F 143 -18.27 19.23 32.47
C THR F 143 -18.93 19.36 33.84
N PHE F 144 -18.15 19.83 34.80
CA PHE F 144 -18.61 20.06 36.17
C PHE F 144 -18.66 21.55 36.42
N THR F 145 -19.59 21.97 37.27
CA THR F 145 -19.72 23.39 37.58
C THR F 145 -19.62 23.60 39.08
N ALA F 146 -19.11 24.76 39.45
CA ALA F 146 -19.10 25.19 40.84
C ALA F 146 -19.13 26.71 40.87
N THR F 147 -19.56 27.25 42.00
CA THR F 147 -19.39 28.68 42.27
C THR F 147 -18.88 28.82 43.70
N ILE F 148 -17.78 29.53 43.86
CA ILE F 148 -17.23 29.75 45.19
C ILE F 148 -17.43 31.21 45.55
N THR F 149 -17.74 31.44 46.82
CA THR F 149 -18.15 32.74 47.32
C THR F 149 -17.14 33.18 48.35
N ILE F 150 -16.58 34.37 48.17
CA ILE F 150 -15.58 34.91 49.08
C ILE F 150 -16.10 36.22 49.62
N SER F 151 -16.31 36.29 50.93
CA SER F 151 -16.86 37.46 51.59
C SER F 151 -15.72 38.30 52.15
N ASN F 152 -15.83 39.62 51.95
CA ASN F 152 -14.81 40.64 52.21
C ASN F 152 -13.49 40.27 51.55
N PRO F 153 -13.40 40.37 50.22
CA PRO F 153 -12.20 39.91 49.52
C PRO F 153 -11.04 40.88 49.68
N GLN F 154 -9.86 40.39 49.35
CA GLN F 154 -8.63 41.17 49.37
C GLN F 154 -8.03 41.23 47.97
N GLU F 155 -6.83 41.81 47.88
CA GLU F 155 -6.15 41.90 46.59
C GLU F 155 -5.64 40.54 46.13
N LYS F 156 -5.04 39.78 47.04
CA LYS F 156 -4.53 38.44 46.72
C LYS F 156 -5.62 37.39 46.95
N ASP F 157 -6.68 37.51 46.15
CA ASP F 157 -7.86 36.64 46.26
C ASP F 157 -8.09 35.83 45.01
N LEU F 158 -8.12 36.47 43.85
CA LEU F 158 -8.26 35.74 42.58
C LEU F 158 -6.99 34.96 42.25
N SER F 159 -5.83 35.53 42.59
CA SER F 159 -4.56 34.92 42.22
C SER F 159 -4.30 33.63 42.99
N LEU F 160 -4.63 33.61 44.28
CA LEU F 160 -4.44 32.40 45.09
C LEU F 160 -5.38 31.29 44.65
N ILE F 161 -6.64 31.64 44.35
CA ILE F 161 -7.63 30.67 43.88
C ILE F 161 -7.23 30.10 42.53
N GLN F 162 -6.78 30.97 41.61
CA GLN F 162 -6.35 30.50 40.29
C GLN F 162 -5.07 29.68 40.36
N SER F 163 -4.15 30.01 41.27
CA SER F 163 -2.93 29.24 41.43
C SER F 163 -3.21 27.86 42.01
N ALA F 164 -4.10 27.79 43.01
CA ALA F 164 -4.51 26.49 43.54
C ALA F 164 -5.26 25.69 42.48
N LEU F 165 -6.02 26.38 41.63
CA LEU F 165 -6.72 25.74 40.53
C LEU F 165 -5.75 25.14 39.51
N LYS F 166 -4.65 25.84 39.23
CA LYS F 166 -3.63 25.27 38.35
C LYS F 166 -2.87 24.13 39.02
N PHE F 167 -2.76 24.16 40.36
CA PHE F 167 -2.17 23.02 41.05
C PHE F 167 -3.06 21.78 40.94
N ILE F 168 -4.39 21.97 41.03
CA ILE F 168 -5.30 20.84 40.78
C ILE F 168 -5.28 20.43 39.30
N GLU F 169 -5.00 21.32 38.38
CA GLU F 169 -4.99 20.87 37.01
C GLU F 169 -3.83 19.92 36.82
N GLU F 170 -2.68 20.25 37.40
CA GLU F 170 -1.48 19.45 37.20
C GLU F 170 -1.50 18.20 38.02
N ASN F 171 -2.02 18.31 39.23
CA ASN F 171 -2.01 17.16 40.12
C ASN F 171 -3.24 16.26 39.93
N GLY F 172 -4.43 16.83 39.91
CA GLY F 172 -5.65 16.06 39.81
C GLY F 172 -6.59 16.32 40.98
N ILE F 173 -7.81 15.81 40.81
CA ILE F 173 -8.85 15.92 41.83
C ILE F 173 -9.44 14.55 42.08
N GLY F 174 -10.05 14.37 43.24
CA GLY F 174 -10.66 13.10 43.57
C GLY F 174 -9.64 12.06 44.00
N GLY F 175 -10.04 10.79 43.86
CA GLY F 175 -9.21 9.68 44.27
C GLY F 175 -8.45 9.06 43.11
N TRP F 176 -7.64 8.04 43.47
CA TRP F 176 -6.75 7.31 42.55
C TRP F 176 -5.82 8.25 41.81
N LEU F 177 -5.24 9.20 42.54
CA LEU F 177 -4.54 10.32 41.92
C LEU F 177 -3.23 9.90 41.28
N ASN F 178 -2.54 8.92 41.86
CA ASN F 178 -1.25 8.49 41.33
C ASN F 178 -1.38 7.69 40.05
N LYS F 179 -2.51 7.04 39.82
CA LYS F 179 -2.69 6.17 38.66
C LYS F 179 -3.04 6.93 37.38
N GLY F 180 -3.17 8.26 37.45
CA GLY F 180 -3.56 9.04 36.30
C GLY F 180 -5.00 9.49 36.31
N TYR F 181 -5.74 9.17 37.35
CA TYR F 181 -7.14 9.54 37.43
C TYR F 181 -7.31 10.97 37.91
N GLY F 182 -8.26 11.67 37.31
CA GLY F 182 -8.66 12.98 37.80
C GLY F 182 -7.96 14.17 37.20
N ARG F 183 -7.22 14.02 36.10
CA ARG F 183 -6.52 15.13 35.49
C ARG F 183 -7.54 15.98 34.74
N VAL F 184 -7.78 17.20 35.22
CA VAL F 184 -8.86 18.05 34.74
C VAL F 184 -8.29 19.39 34.29
N SER F 185 -9.16 20.18 33.67
CA SER F 185 -8.84 21.54 33.23
C SER F 185 -9.92 22.47 33.73
N PHE F 186 -9.56 23.55 34.42
CA PHE F 186 -10.55 24.41 35.05
C PHE F 186 -10.67 25.78 34.45
N GLU F 187 -11.75 26.07 33.77
CA GLU F 187 -11.96 27.41 33.28
C GLU F 187 -12.53 28.19 34.43
N VAL F 188 -12.47 29.52 34.35
CA VAL F 188 -12.97 30.35 35.45
C VAL F 188 -13.75 31.55 34.93
N LYS F 189 -14.43 32.26 35.81
CA LYS F 189 -15.26 33.41 35.47
C LYS F 189 -15.54 34.17 36.76
N SER F 190 -14.80 35.24 36.99
CA SER F 190 -14.97 36.00 38.22
C SER F 190 -15.92 37.18 38.09
N GLU F 191 -16.59 37.53 39.17
CA GLU F 191 -17.53 38.64 39.20
C GLU F 191 -17.57 39.17 40.62
N ASP F 192 -17.79 40.49 40.74
CA ASP F 192 -17.88 41.14 42.05
C ASP F 192 -19.32 41.57 42.30
N VAL F 193 -19.88 41.12 43.42
CA VAL F 193 -21.25 41.44 43.81
C VAL F 193 -21.18 42.40 44.99
N ALA F 194 -21.82 43.56 44.85
CA ALA F 194 -21.83 44.56 45.90
C ALA F 194 -23.24 44.74 46.47
N ILE G 4 -43.72 34.50 52.44
CA ILE G 4 -43.27 34.27 51.09
C ILE G 4 -43.60 32.85 50.67
N LYS G 5 -44.31 32.71 49.55
CA LYS G 5 -44.71 31.40 49.04
C LYS G 5 -43.69 30.95 48.00
N GLY G 6 -43.11 29.77 48.22
CA GLY G 6 -42.10 29.26 47.31
C GLY G 6 -41.78 27.83 47.64
N ILE G 7 -41.01 27.21 46.75
CA ILE G 7 -40.60 25.82 46.87
C ILE G 7 -39.09 25.76 46.71
N LEU G 8 -38.41 25.16 47.68
CA LEU G 8 -36.96 25.03 47.67
C LEU G 8 -36.57 23.60 47.35
N GLU G 9 -35.69 23.44 46.38
CA GLU G 9 -35.17 22.14 45.99
C GLU G 9 -33.78 21.99 46.61
N SER G 10 -33.59 20.94 47.39
CA SER G 10 -32.26 20.62 47.91
C SER G 10 -31.38 20.12 46.77
N ILE G 11 -30.54 21.01 46.23
CA ILE G 11 -29.63 20.62 45.17
C ILE G 11 -28.53 19.71 45.71
N THR G 12 -27.95 20.07 46.85
CA THR G 12 -27.00 19.23 47.54
C THR G 12 -27.56 18.90 48.91
N GLY G 13 -27.18 17.74 49.45
CA GLY G 13 -27.71 17.32 50.73
C GLY G 13 -27.19 18.15 51.89
N PHE G 14 -27.96 18.13 52.98
CA PHE G 14 -27.66 18.90 54.18
C PHE G 14 -27.50 17.95 55.36
N SER G 15 -26.65 18.35 56.29
CA SER G 15 -26.38 17.60 57.52
C SER G 15 -26.76 18.50 58.69
N ILE G 16 -27.69 18.07 59.53
CA ILE G 16 -28.10 18.93 60.64
C ILE G 16 -28.19 18.02 61.87
N PRO G 17 -27.19 18.02 62.74
CA PRO G 17 -27.24 17.12 63.92
C PRO G 17 -28.00 17.72 65.10
N LEU G 18 -28.53 16.81 65.93
CA LEU G 18 -29.22 17.15 67.17
C LEU G 18 -28.63 16.32 68.31
N ASP G 19 -29.19 16.46 69.51
CA ASP G 19 -28.66 15.70 70.64
C ASP G 19 -29.25 14.29 70.61
N ASN G 20 -28.71 13.43 71.48
CA ASN G 20 -29.08 12.04 71.72
C ASN G 20 -28.82 11.11 70.52
N GLY G 21 -28.22 11.60 69.44
CA GLY G 21 -27.86 10.75 68.32
C GLY G 21 -28.55 11.05 67.01
N GLU G 22 -29.63 11.83 67.06
CA GLU G 22 -30.48 11.95 65.88
C GLU G 22 -30.18 13.22 65.09
N TYR G 23 -30.79 13.28 63.91
CA TYR G 23 -30.61 14.34 62.93
C TYR G 23 -31.98 14.89 62.58
N ALA G 24 -32.05 16.20 62.33
CA ALA G 24 -33.30 16.82 61.92
C ALA G 24 -33.66 16.36 60.51
N LEU G 25 -34.90 15.91 60.32
CA LEU G 25 -35.35 15.24 59.11
C LEU G 25 -35.65 16.20 57.98
N TYR G 26 -35.44 17.48 58.26
CA TYR G 26 -35.67 18.53 57.28
C TYR G 26 -35.08 19.75 57.96
N PRO G 27 -34.86 20.84 57.23
CA PRO G 27 -34.22 22.02 57.80
C PRO G 27 -35.24 22.88 58.53
N ALA G 28 -34.81 23.49 59.62
CA ALA G 28 -35.71 24.29 60.43
C ALA G 28 -35.64 25.77 60.03
N GLY G 29 -36.57 26.56 60.57
CA GLY G 29 -36.60 27.98 60.25
C GLY G 29 -35.50 28.78 60.89
N ARG G 30 -34.91 28.25 61.98
CA ARG G 30 -33.76 28.89 62.60
C ARG G 30 -32.55 28.89 61.67
N HIS G 31 -32.41 27.82 60.85
CA HIS G 31 -31.33 27.74 59.87
C HIS G 31 -31.53 28.69 58.69
N LEU G 32 -32.76 28.81 58.19
CA LEU G 32 -33.10 29.85 57.22
C LEU G 32 -32.82 31.25 57.80
N ARG G 33 -33.19 31.47 59.07
CA ARG G 33 -32.93 32.76 59.72
C ARG G 33 -31.43 33.04 59.83
N GLY G 34 -30.65 32.02 60.19
CA GLY G 34 -29.21 32.20 60.33
C GLY G 34 -28.53 32.47 59.01
N ALA G 35 -28.94 31.74 57.96
CA ALA G 35 -28.27 31.88 56.66
C ALA G 35 -28.63 33.21 56.00
N ILE G 36 -29.88 33.67 56.13
CA ILE G 36 -30.21 34.99 55.62
C ILE G 36 -29.57 36.09 56.45
N GLY G 37 -29.38 35.87 57.75
CA GLY G 37 -28.61 36.82 58.55
C GLY G 37 -27.16 36.91 58.13
N TYR G 38 -26.56 35.78 57.76
CA TYR G 38 -25.19 35.78 57.21
C TYR G 38 -25.13 36.51 55.87
N ILE G 39 -26.13 36.31 55.00
CA ILE G 39 -26.14 37.02 53.72
C ILE G 39 -26.38 38.52 53.94
N ALA G 40 -27.21 38.87 54.94
CA ALA G 40 -27.55 40.27 55.19
C ALA G 40 -26.37 41.04 55.77
N PHE G 41 -25.56 40.39 56.62
CA PHE G 41 -24.33 41.02 57.06
C PHE G 41 -23.33 41.14 55.92
N ASN G 42 -23.34 40.20 54.97
CA ASN G 42 -22.42 40.23 53.85
C ASN G 42 -22.91 41.13 52.71
N LEU G 43 -24.06 41.79 52.86
CA LEU G 43 -24.57 42.71 51.86
C LEU G 43 -24.83 44.12 52.39
N ASP G 44 -24.53 44.33 53.68
CA ASP G 44 -24.70 45.65 54.31
C ASP G 44 -26.13 46.13 54.42
N LEU G 45 -27.08 45.23 54.26
CA LEU G 45 -28.48 45.60 54.39
C LEU G 45 -28.82 45.80 55.87
N PRO G 46 -29.66 46.79 56.20
CA PRO G 46 -29.98 47.02 57.63
C PRO G 46 -31.11 46.13 58.17
N ILE G 47 -30.84 44.83 58.19
CA ILE G 47 -31.72 43.88 58.87
C ILE G 47 -30.88 42.99 59.76
N SER G 48 -29.55 43.17 59.71
CA SER G 48 -28.64 42.30 60.45
C SER G 48 -28.75 42.50 61.96
N SER G 49 -29.02 43.72 62.41
CA SER G 49 -29.27 43.95 63.84
C SER G 49 -30.57 43.30 64.30
N LYS G 50 -31.57 43.26 63.41
CA LYS G 50 -32.81 42.55 63.74
C LYS G 50 -32.58 41.05 63.81
N PHE G 51 -31.66 40.54 62.99
CA PHE G 51 -31.33 39.13 63.02
C PHE G 51 -30.66 38.82 64.31
N LEU G 52 -29.67 39.64 64.66
CA LEU G 52 -28.98 39.43 65.92
C LEU G 52 -29.92 39.47 67.11
N ASP G 53 -31.06 40.12 66.94
CA ASP G 53 -32.08 40.11 67.99
C ASP G 53 -32.77 38.80 67.81
N PHE G 54 -33.02 38.10 68.91
CA PHE G 54 -33.61 36.77 68.78
C PHE G 54 -35.11 36.74 69.11
N ASP G 55 -35.67 37.90 69.39
CA ASP G 55 -37.09 37.96 69.69
C ASP G 55 -37.82 38.91 68.76
N PHE G 56 -37.46 38.91 67.48
CA PHE G 56 -38.13 39.77 66.52
C PHE G 56 -39.16 39.01 65.72
N ASP G 57 -40.40 39.47 65.73
CA ASP G 57 -41.47 38.82 64.96
C ASP G 57 -41.64 39.52 63.63
N ASP G 58 -41.07 40.71 63.50
CA ASP G 58 -41.18 41.47 62.25
C ASP G 58 -41.00 40.58 61.03
N ILE G 59 -40.10 39.61 61.10
CA ILE G 59 -39.87 38.68 59.99
C ILE G 59 -40.06 37.24 60.46
N ASP G 63 -41.20 26.01 60.05
CA ASP G 63 -39.88 25.57 59.64
C ASP G 63 -39.98 25.14 58.17
N LEU G 64 -38.88 24.68 57.57
CA LEU G 64 -38.99 24.18 56.20
C LEU G 64 -39.46 22.74 56.28
N LEU G 65 -40.68 22.52 55.95
CA LEU G 65 -41.33 21.23 55.95
C LEU G 65 -41.30 20.63 54.55
N PRO G 66 -41.13 19.32 54.42
CA PRO G 66 -41.12 18.71 53.08
C PRO G 66 -42.50 18.74 52.44
N ILE G 67 -42.52 18.83 51.12
CA ILE G 67 -43.77 18.78 50.40
C ILE G 67 -43.91 17.40 49.77
N SER G 68 -45.14 17.08 49.39
CA SER G 68 -45.54 15.71 49.06
C SER G 68 -45.79 15.57 47.57
N LYS G 69 -46.29 14.39 47.20
CA LYS G 69 -46.71 14.16 45.82
C LYS G 69 -48.02 14.86 45.50
N CYS G 70 -48.75 15.31 46.51
CA CYS G 70 -50.01 16.03 46.34
C CYS G 70 -49.80 17.39 45.66
N LYS G 72 -48.99 19.16 48.20
CA LYS G 72 -49.20 19.64 49.56
C LYS G 72 -47.98 19.35 50.42
N ILE G 73 -48.03 19.80 51.67
CA ILE G 73 -46.90 19.79 52.59
C ILE G 73 -47.04 18.59 53.50
N PHE G 74 -45.93 17.94 53.84
CA PHE G 74 -45.95 16.90 54.87
C PHE G 74 -46.23 17.52 56.24
N TYR G 75 -47.08 16.85 57.02
CA TYR G 75 -47.46 17.32 58.35
C TYR G 75 -47.05 16.29 59.41
N PRO G 76 -46.68 16.72 60.62
CA PRO G 76 -46.38 15.76 61.70
C PRO G 76 -47.61 15.09 62.27
N ASN G 81 -40.91 10.50 64.66
CA ASN G 81 -40.26 11.54 63.87
C ASN G 81 -40.84 11.59 62.46
N SER G 82 -41.70 10.63 62.14
CA SER G 82 -42.26 10.52 60.80
C SER G 82 -43.27 11.63 60.53
N LEU G 83 -43.30 12.08 59.27
CA LEU G 83 -44.22 13.12 58.82
C LEU G 83 -45.12 12.50 57.75
N LYS G 84 -46.38 12.28 58.09
CA LYS G 84 -47.32 11.68 57.15
C LYS G 84 -48.00 12.75 56.31
N CYS G 85 -48.27 12.41 55.05
CA CYS G 85 -48.98 13.33 54.17
C CYS G 85 -50.45 13.43 54.58
N PRO G 86 -51.06 14.61 54.44
CA PRO G 86 -52.47 14.77 54.83
C PRO G 86 -53.43 14.06 53.89
N SER G 87 -53.26 14.23 52.58
CA SER G 87 -54.20 13.71 51.60
C SER G 87 -53.77 12.34 51.07
N CYS G 88 -52.57 12.28 50.48
CA CYS G 88 -52.09 11.04 49.85
C CYS G 88 -51.72 9.99 50.89
N ASN G 89 -51.39 10.44 52.11
CA ASN G 89 -50.88 9.66 53.25
C ASN G 89 -49.54 9.00 52.92
N GLU G 90 -48.74 9.60 52.04
CA GLU G 90 -47.37 9.14 51.84
C GLU G 90 -46.53 9.40 53.08
N ILE G 91 -45.52 8.56 53.29
CA ILE G 91 -44.73 8.59 54.51
C ILE G 91 -43.39 9.24 54.20
N TYR G 92 -42.84 9.95 55.18
CA TYR G 92 -41.53 10.58 55.06
C TYR G 92 -40.73 10.27 56.32
N GLY G 93 -39.42 10.18 56.16
CA GLY G 93 -38.54 10.05 57.30
C GLY G 93 -38.01 8.64 57.48
N SER G 94 -36.73 8.55 57.87
CA SER G 94 -35.98 7.30 58.12
C SER G 94 -35.92 6.40 56.89
N SER G 95 -36.06 6.99 55.73
CA SER G 95 -35.63 6.42 54.47
C SER G 95 -34.89 7.48 53.68
N VAL G 96 -34.62 8.61 54.30
CA VAL G 96 -34.10 9.79 53.64
C VAL G 96 -32.72 10.13 54.20
N LEU G 97 -32.50 9.89 55.49
CA LEU G 97 -31.22 10.03 56.15
C LEU G 97 -30.25 8.98 55.62
N ARG G 98 -29.01 9.42 55.41
CA ARG G 98 -27.99 8.54 54.85
C ARG G 98 -26.69 8.73 55.59
N ASN G 99 -26.03 7.64 55.96
CA ASN G 99 -24.80 7.70 56.72
C ASN G 99 -23.64 8.03 55.79
N ILE G 100 -22.75 8.90 56.25
CA ILE G 100 -21.58 9.28 55.48
C ILE G 100 -20.34 9.07 56.32
N MET G 101 -19.49 8.14 55.89
CA MET G 101 -18.16 8.00 56.43
C MET G 101 -17.17 8.58 55.43
N ALA G 102 -16.58 9.72 55.79
CA ALA G 102 -15.70 10.45 54.90
C ALA G 102 -14.47 10.92 55.67
N ARG G 103 -13.32 10.34 55.34
CA ARG G 103 -11.98 10.77 55.78
C ARG G 103 -11.85 10.89 57.29
N GLY G 104 -12.28 9.84 57.99
CA GLY G 104 -12.22 9.85 59.43
C GLY G 104 -13.34 10.59 60.12
N LEU G 105 -14.41 10.92 59.40
CA LEU G 105 -15.59 11.50 60.01
C LEU G 105 -16.80 10.62 59.70
N SER G 106 -17.69 10.50 60.67
CA SER G 106 -18.92 9.74 60.50
C SER G 106 -20.09 10.65 60.86
N TYR G 107 -20.76 11.20 59.84
CA TYR G 107 -21.95 12.00 60.05
C TYR G 107 -23.09 11.42 59.23
N LYS G 108 -24.21 12.13 59.20
CA LYS G 108 -25.37 11.72 58.43
C LYS G 108 -25.91 12.93 57.68
N GLU G 109 -26.55 12.67 56.54
CA GLU G 109 -27.17 13.77 55.80
C GLU G 109 -28.53 13.33 55.26
N VAL G 110 -29.16 14.26 54.55
CA VAL G 110 -30.41 14.03 53.85
C VAL G 110 -30.08 13.95 52.37
N ILE G 111 -30.67 12.98 51.67
CA ILE G 111 -30.52 12.92 50.21
C ILE G 111 -31.16 14.15 49.55
N GLU G 112 -30.44 14.68 48.59
CA GLU G 112 -30.92 15.84 47.88
C GLU G 112 -32.00 15.50 46.90
N GLY G 113 -32.37 16.47 46.09
CA GLY G 113 -33.38 16.25 45.08
C GLY G 113 -34.79 16.20 45.62
N LYS G 114 -35.03 16.70 46.83
CA LYS G 114 -36.35 16.71 47.42
C LYS G 114 -36.80 18.14 47.72
N LYS G 115 -38.11 18.33 47.65
CA LYS G 115 -38.71 19.66 47.62
C LYS G 115 -39.30 20.00 48.98
N TYR G 116 -39.09 21.24 49.40
CA TYR G 116 -39.43 21.71 50.74
C TYR G 116 -40.17 23.04 50.63
N ARG G 117 -40.94 23.36 51.67
CA ARG G 117 -41.76 24.56 51.69
C ARG G 117 -40.90 25.81 51.91
N LEU G 118 -41.54 26.97 51.70
CA LEU G 118 -41.01 28.26 52.13
C LEU G 118 -41.94 28.83 53.20
N SER G 119 -41.36 29.27 54.31
CA SER G 119 -42.13 29.91 55.38
C SER G 119 -41.30 31.07 55.95
N ILE G 120 -41.47 32.24 55.37
CA ILE G 120 -40.98 33.49 55.92
C ILE G 120 -42.06 34.55 55.73
N ILE G 121 -42.78 34.86 56.80
CA ILE G 121 -43.95 35.72 56.71
C ILE G 121 -43.65 37.02 57.46
N VAL G 122 -43.46 38.10 56.71
CA VAL G 122 -43.10 39.38 57.29
C VAL G 122 -44.39 40.05 57.77
N LYS G 123 -44.47 40.33 59.08
CA LYS G 123 -45.73 40.81 59.66
C LYS G 123 -45.95 42.29 59.38
N ASP G 124 -44.85 43.01 59.12
CA ASP G 124 -44.93 44.43 58.78
C ASP G 124 -44.42 44.66 57.37
N GLU G 125 -45.03 45.59 56.64
CA GLU G 125 -44.66 45.82 55.25
C GLU G 125 -43.32 46.51 55.10
N LYS G 126 -42.81 47.14 56.19
CA LYS G 126 -41.73 48.11 56.08
C LYS G 126 -40.40 47.46 55.71
N TYR G 127 -40.23 46.17 55.99
CA TYR G 127 -39.02 45.46 55.61
C TYR G 127 -39.19 44.61 54.35
N LEU G 128 -40.36 44.61 53.72
CA LEU G 128 -40.56 43.73 52.57
C LEU G 128 -39.44 43.92 51.57
N ASN G 129 -39.34 45.10 50.98
CA ASN G 129 -38.29 45.42 50.02
C ASN G 129 -37.02 44.66 50.39
N GLU G 130 -36.64 44.78 51.66
CA GLU G 130 -35.46 44.12 52.19
C GLU G 130 -35.53 42.62 51.99
N MET G 131 -36.67 42.04 52.34
CA MET G 131 -36.87 40.60 52.16
C MET G 131 -36.89 40.25 50.68
N GLU G 132 -37.54 41.10 49.86
CA GLU G 132 -37.52 40.86 48.41
C GLU G 132 -36.11 40.89 47.87
N ALA G 133 -35.28 41.79 48.42
CA ALA G 133 -33.90 41.93 47.99
C ALA G 133 -33.12 40.66 48.26
N ILE G 134 -33.30 40.07 49.45
CA ILE G 134 -32.48 38.90 49.75
C ILE G 134 -33.02 37.68 49.00
N ILE G 135 -34.32 37.68 48.68
CA ILE G 135 -34.87 36.61 47.85
C ILE G 135 -34.26 36.68 46.46
N ARG G 136 -34.00 37.90 45.98
CA ARG G 136 -33.31 38.09 44.71
C ARG G 136 -31.92 37.48 44.75
N TYR G 137 -31.21 37.67 45.88
CA TYR G 137 -29.89 37.04 46.05
C TYR G 137 -30.03 35.53 46.04
N ILE G 138 -31.07 35.00 46.70
CA ILE G 138 -31.29 33.56 46.73
C ILE G 138 -31.62 33.09 45.32
N LEU G 139 -32.43 33.89 44.60
CA LEU G 139 -32.80 33.57 43.24
C LEU G 139 -31.63 33.74 42.29
N SER G 140 -30.53 34.15 42.69
CA SER G 140 -29.43 34.16 41.78
C SER G 140 -28.28 33.38 42.33
N TYR G 141 -28.37 33.02 43.66
CA TYR G 141 -27.17 32.35 44.15
C TYR G 141 -27.47 31.13 45.01
N GLY G 142 -28.59 31.15 45.72
CA GLY G 142 -28.94 29.99 46.52
C GLY G 142 -28.61 30.19 47.99
N ILE G 143 -29.30 29.45 48.84
CA ILE G 143 -29.14 29.53 50.29
C ILE G 143 -28.54 28.22 50.77
N TYR G 144 -27.67 28.30 51.76
CA TYR G 144 -26.90 27.15 52.23
C TYR G 144 -27.28 26.89 53.68
N LEU G 145 -28.05 25.84 53.92
CA LEU G 145 -28.61 25.55 55.22
C LEU G 145 -27.98 24.30 55.80
N GLY G 146 -27.49 24.38 57.03
CA GLY G 146 -27.06 23.23 57.79
C GLY G 146 -25.64 23.29 58.31
N ASN G 147 -25.05 22.13 58.57
CA ASN G 147 -23.64 22.03 58.92
C ASN G 147 -22.81 21.88 57.65
N LYS G 148 -21.52 22.20 57.78
CA LYS G 148 -20.51 22.18 56.70
C LYS G 148 -20.99 22.97 55.48
N VAL G 149 -21.34 24.24 55.75
CA VAL G 149 -21.87 25.12 54.71
C VAL G 149 -20.80 25.48 53.68
N SER G 150 -19.56 25.68 54.10
CA SER G 150 -18.49 26.04 53.18
C SER G 150 -17.95 24.85 52.39
N LYS G 151 -18.30 23.62 52.74
CA LYS G 151 -17.86 22.45 52.00
C LYS G 151 -18.77 22.14 50.82
N GLY G 152 -19.77 22.97 50.56
CA GLY G 152 -20.71 22.74 49.48
C GLY G 152 -21.98 22.02 49.89
N TYR G 153 -22.08 21.61 51.15
CA TYR G 153 -23.28 20.92 51.62
C TYR G 153 -24.44 21.90 51.78
N GLY G 154 -25.65 21.35 51.76
CA GLY G 154 -26.82 22.11 52.11
C GLY G 154 -27.32 23.11 51.09
N LYS G 155 -27.04 22.91 49.80
CA LYS G 155 -27.53 23.81 48.77
C LYS G 155 -29.04 23.68 48.61
N PHE G 156 -29.69 24.83 48.35
CA PHE G 156 -31.15 24.89 48.27
C PHE G 156 -31.52 25.96 47.24
N LYS G 157 -31.87 25.52 46.05
CA LYS G 157 -32.34 26.43 45.01
C LYS G 157 -33.81 26.76 45.22
N ILE G 158 -34.23 27.89 44.67
CA ILE G 158 -35.65 28.24 44.62
C ILE G 158 -36.20 27.83 43.25
N LYS G 159 -37.35 27.14 43.27
CA LYS G 159 -38.09 26.80 42.06
C LYS G 159 -39.22 27.78 41.77
N GLU G 160 -39.88 28.30 42.80
CA GLU G 160 -40.96 29.26 42.63
C GLU G 160 -40.84 30.37 43.67
N TYR G 161 -41.40 31.53 43.34
CA TYR G 161 -41.38 32.67 44.26
C TYR G 161 -42.62 33.52 44.01
N SER G 162 -43.29 33.84 45.10
CA SER G 162 -44.44 34.72 45.02
C SER G 162 -44.65 35.29 46.41
N ILE G 163 -45.53 36.25 46.55
CA ILE G 163 -45.84 36.88 47.83
C ILE G 163 -47.35 36.88 48.00
N VAL G 164 -47.83 36.23 49.07
CA VAL G 164 -49.25 36.19 49.41
C VAL G 164 -49.39 36.57 50.87
N ASP G 165 -50.26 37.54 51.15
CA ASP G 165 -50.56 37.91 52.53
C ASP G 165 -51.37 36.82 53.21
N ILE G 166 -51.20 36.73 54.53
CA ILE G 166 -51.80 35.65 55.32
C ILE G 166 -52.45 36.24 56.56
N LEU G 167 -53.72 35.89 56.79
CA LEU G 167 -54.38 36.18 58.06
C LEU G 167 -54.04 35.08 59.07
N PRO G 168 -53.84 35.42 60.35
CA PRO G 168 -53.43 34.40 61.33
C PRO G 168 -54.51 33.38 61.67
N VAL G 169 -54.19 32.48 62.59
CA VAL G 169 -55.09 31.40 62.97
C VAL G 169 -56.27 31.93 63.76
N LYS G 170 -57.45 31.37 63.47
CA LYS G 170 -58.67 31.77 64.15
C LYS G 170 -59.27 30.50 64.73
N ASP G 171 -58.52 29.83 65.59
CA ASP G 171 -58.93 28.57 66.22
C ASP G 171 -58.51 28.56 67.69
N SER G 172 -58.51 27.38 68.29
CA SER G 172 -58.12 27.19 69.68
C SER G 172 -56.67 27.60 69.94
N LEU G 175 -52.89 22.68 65.47
CA LEU G 175 -51.80 21.75 65.72
C LEU G 175 -50.46 22.44 65.52
N LEU G 176 -49.42 21.90 66.16
CA LEU G 176 -48.07 22.45 66.06
C LEU G 176 -47.34 21.73 64.94
N LEU G 177 -47.23 22.39 63.78
CA LEU G 177 -46.44 21.84 62.69
C LEU G 177 -44.96 21.80 63.04
N SER G 178 -44.46 22.89 63.60
CA SER G 178 -43.08 22.90 64.06
C SER G 178 -43.08 22.55 65.51
N ASP G 179 -42.15 23.11 66.27
CA ASP G 179 -42.12 22.86 67.69
C ASP G 179 -42.38 24.14 68.45
N ALA G 180 -42.51 24.06 69.77
CA ALA G 180 -42.86 25.23 70.55
C ALA G 180 -42.11 25.28 71.86
N ILE G 181 -42.01 26.47 72.43
CA ILE G 181 -41.29 26.63 73.70
C ILE G 181 -42.29 27.09 74.75
N ILE G 182 -42.71 26.17 75.62
CA ILE G 182 -43.68 26.47 76.66
C ILE G 182 -43.27 25.77 77.96
N ASP G 183 -43.08 26.57 79.02
CA ASP G 183 -42.91 26.15 80.41
C ASP G 183 -41.86 25.06 80.64
N ASN G 184 -42.29 23.94 81.19
CA ASN G 184 -41.46 22.75 81.36
C ASN G 184 -42.00 21.64 80.47
N GLY G 185 -41.12 21.02 79.72
CA GLY G 185 -41.50 19.98 78.79
C GLY G 185 -40.60 18.78 78.92
N GLU G 186 -41.11 17.63 78.47
CA GLU G 186 -40.31 16.41 78.46
C GLU G 186 -39.27 16.46 77.35
N LYS G 187 -39.62 17.05 76.21
CA LYS G 187 -38.69 17.14 75.08
C LYS G 187 -37.64 18.21 75.34
N ASP G 188 -36.63 18.24 74.47
CA ASP G 188 -35.54 19.20 74.61
C ASP G 188 -35.14 19.71 73.23
N ILE G 189 -35.18 21.03 73.09
CA ILE G 189 -34.84 21.72 71.85
C ILE G 189 -33.66 22.63 72.11
N VAL G 190 -32.73 22.66 71.15
CA VAL G 190 -31.44 23.34 71.30
C VAL G 190 -31.19 24.14 70.02
N PHE G 191 -31.01 25.45 70.15
CA PHE G 191 -30.57 26.23 69.01
C PHE G 191 -29.31 26.96 69.47
N SER G 192 -28.78 27.84 68.62
CA SER G 192 -27.53 28.50 68.95
C SER G 192 -27.41 29.92 68.46
N LYS G 193 -26.48 30.67 69.03
CA LYS G 193 -26.24 32.03 68.54
C LYS G 193 -24.73 32.17 68.32
N LYS G 194 -24.34 32.46 67.09
CA LYS G 194 -22.92 32.56 66.72
C LYS G 194 -22.71 33.89 65.99
N GLU G 195 -22.39 34.94 66.74
CA GLU G 195 -22.37 36.30 66.20
C GLU G 195 -21.02 36.59 65.55
N ILE G 196 -21.04 36.85 64.24
CA ILE G 196 -19.85 37.33 63.56
C ILE G 196 -19.58 38.77 63.98
N SER G 197 -18.29 39.16 63.96
CA SER G 197 -17.77 40.42 64.50
C SER G 197 -18.09 40.59 65.99
N SER G 198 -18.24 39.48 66.70
CA SER G 198 -18.33 39.47 68.15
C SER G 198 -17.55 38.34 68.80
N SER G 199 -17.13 37.32 68.05
CA SER G 199 -16.40 36.14 68.51
C SER G 199 -17.13 35.42 69.64
N LYS G 200 -18.44 35.26 69.47
CA LYS G 200 -19.30 34.67 70.49
C LYS G 200 -20.13 33.56 69.87
N PHE G 201 -20.14 32.41 70.53
CA PHE G 201 -20.96 31.27 70.14
C PHE G 201 -21.54 30.63 71.38
N GLU G 202 -22.84 30.40 71.38
CA GLU G 202 -23.51 29.88 72.56
C GLU G 202 -24.52 28.82 72.16
N ILE G 203 -24.36 27.60 72.68
CA ILE G 203 -25.36 26.56 72.44
C ILE G 203 -26.34 26.73 73.58
N ILE G 204 -27.35 27.54 73.38
CA ILE G 204 -28.32 27.89 74.39
C ILE G 204 -29.41 26.83 74.47
N ARG G 205 -29.90 26.58 75.68
CA ARG G 205 -30.77 25.43 75.95
C ARG G 205 -32.16 25.87 76.44
N LYS G 206 -33.16 25.10 76.02
CA LYS G 206 -34.55 25.19 76.49
C LYS G 206 -35.15 23.79 76.45
N ARG G 207 -36.43 23.68 76.85
CA ARG G 207 -37.11 22.39 76.87
C ARG G 207 -38.24 22.34 75.84
N GLY G 208 -39.26 23.18 75.97
CA GLY G 208 -40.34 23.24 75.00
C GLY G 208 -41.26 22.02 74.97
N LYS G 209 -42.33 22.15 74.18
CA LYS G 209 -43.33 21.12 73.96
C LYS G 209 -42.96 20.29 72.73
N ALA G 210 -43.90 19.48 72.24
CA ALA G 210 -43.71 18.64 71.07
C ALA G 210 -44.48 19.22 69.88
N LYS G 211 -44.47 18.47 68.77
CA LYS G 211 -45.08 18.90 67.52
C LYS G 211 -46.31 18.05 67.22
N GLY G 212 -47.36 18.70 66.73
CA GLY G 212 -48.59 18.00 66.40
C GLY G 212 -49.49 17.78 67.61
N PHE G 223 -50.67 34.06 65.43
CA PHE G 223 -49.85 33.57 64.33
C PHE G 223 -48.65 32.84 64.93
N TYR G 224 -48.58 31.53 64.64
CA TYR G 224 -47.35 30.74 64.69
C TYR G 224 -46.79 30.56 66.10
N ILE G 225 -46.23 31.64 66.64
CA ILE G 225 -45.56 31.69 67.94
C ILE G 225 -46.51 31.26 69.06
N GLY G 226 -46.08 30.30 69.86
CA GLY G 226 -46.86 29.84 71.00
C GLY G 226 -47.82 28.71 70.66
N TYR G 228 -43.56 29.71 72.69
CA TYR G 228 -43.57 31.15 72.57
C TYR G 228 -42.17 31.73 72.68
N GLY G 229 -41.19 31.00 72.18
CA GLY G 229 -39.80 31.38 72.34
C GLY G 229 -39.25 32.31 71.28
N GLY G 230 -39.64 32.11 70.02
CA GLY G 230 -39.07 32.89 68.94
C GLY G 230 -40.00 32.93 67.74
N LEU G 231 -39.72 33.90 66.86
CA LEU G 231 -40.56 34.10 65.68
C LEU G 231 -40.39 32.97 64.67
N GLY G 232 -39.14 32.59 64.40
CA GLY G 232 -38.88 31.52 63.47
C GLY G 232 -38.74 30.18 64.17
N PHE G 233 -39.57 29.91 65.17
CA PHE G 233 -39.51 28.63 65.83
C PHE G 233 -40.88 28.03 66.02
N GLY G 234 -41.86 28.86 66.35
CA GLY G 234 -43.18 28.34 66.63
C GLY G 234 -44.05 28.34 65.40
N GLU G 235 -45.01 27.42 65.38
CA GLU G 235 -45.97 27.25 64.30
C GLU G 235 -47.26 26.66 64.84
N ILE G 236 -48.39 27.21 64.39
CA ILE G 236 -49.72 26.71 64.70
C ILE G 236 -50.40 26.43 63.36
N ILE G 237 -50.71 25.17 63.09
CA ILE G 237 -51.35 24.80 61.83
C ILE G 237 -52.80 24.39 62.07
N MET H 1 18.06 22.16 8.15
CA MET H 1 17.16 21.29 7.42
C MET H 1 17.83 20.79 6.14
N ILE H 2 18.88 21.46 5.69
CA ILE H 2 19.46 21.03 4.42
C ILE H 2 20.94 20.71 4.62
N LYS H 3 21.37 19.59 4.07
CA LYS H 3 22.73 19.09 4.24
C LYS H 3 23.40 18.99 2.88
N PHE H 4 24.58 19.61 2.77
CA PHE H 4 25.33 19.62 1.52
C PHE H 4 26.44 18.57 1.62
N ILE H 5 26.08 17.32 1.35
CA ILE H 5 27.04 16.23 1.49
C ILE H 5 28.07 16.27 0.37
N GLY H 6 27.61 16.20 -0.88
CA GLY H 6 28.51 16.08 -1.99
C GLY H 6 28.96 17.39 -2.62
N GLY H 7 28.02 18.27 -2.93
CA GLY H 7 28.29 19.43 -3.74
C GLY H 7 28.91 20.62 -3.04
N ALA H 8 29.19 20.50 -1.73
CA ALA H 8 29.63 21.65 -0.95
C ALA H 8 31.03 22.11 -1.36
N SER H 9 31.97 21.17 -1.49
CA SER H 9 33.37 21.55 -1.74
C SER H 9 33.72 21.53 -3.22
N LYS H 10 33.57 20.38 -3.87
CA LYS H 10 34.12 20.18 -5.20
C LYS H 10 33.10 20.55 -6.28
N VAL H 11 33.51 20.37 -7.53
CA VAL H 11 32.69 20.69 -8.69
C VAL H 11 31.95 19.47 -9.20
N THR H 12 32.61 18.32 -9.24
CA THR H 12 32.01 17.11 -9.79
C THR H 12 31.07 16.40 -8.82
N GLY H 13 31.12 16.72 -7.54
CA GLY H 13 30.28 16.06 -6.55
C GLY H 13 28.95 16.78 -6.36
N SER H 14 27.95 16.02 -5.93
CA SER H 14 26.63 16.56 -5.58
C SER H 14 25.90 15.53 -4.73
N ALA H 15 25.42 15.95 -3.55
CA ALA H 15 24.48 15.16 -2.75
C ALA H 15 23.79 16.13 -1.79
N PHE H 16 22.55 16.51 -2.08
CA PHE H 16 21.85 17.53 -1.31
C PHE H 16 20.67 16.88 -0.59
N LEU H 17 20.78 16.74 0.73
CA LEU H 17 19.69 16.21 1.53
C LEU H 17 18.83 17.34 2.07
N LEU H 18 17.52 17.11 2.14
CA LEU H 18 16.57 18.07 2.67
C LEU H 18 15.63 17.29 3.59
N GLU H 19 15.88 17.38 4.90
CA GLU H 19 15.13 16.60 5.89
C GLU H 19 13.96 17.45 6.38
N THR H 20 12.82 17.30 5.73
CA THR H 20 11.62 18.03 6.11
C THR H 20 11.02 17.47 7.40
N ALA H 22 10.30 14.08 6.35
CA ALA H 22 10.49 13.34 5.11
C ALA H 22 11.80 13.74 4.44
N LYS H 23 12.76 12.81 4.44
CA LYS H 23 14.07 13.08 3.84
C LYS H 23 13.97 13.04 2.32
N ILE H 24 14.45 14.10 1.66
CA ILE H 24 14.42 14.18 0.21
C ILE H 24 15.85 14.41 -0.27
N LEU H 25 16.35 13.51 -1.10
CA LEU H 25 17.71 13.60 -1.61
C LEU H 25 17.70 14.15 -3.03
N ILE H 26 18.73 14.92 -3.37
CA ILE H 26 18.85 15.54 -4.68
C ILE H 26 20.24 15.28 -5.23
N ASP H 27 20.29 14.68 -6.43
CA ASP H 27 21.44 14.70 -7.35
C ASP H 27 22.64 13.90 -6.87
N CYS H 28 22.42 12.73 -6.27
CA CYS H 28 23.52 11.89 -5.80
C CYS H 28 24.37 11.37 -6.95
N GLY H 29 25.65 11.73 -6.97
CA GLY H 29 26.51 11.40 -8.09
C GLY H 29 27.96 11.19 -7.70
N ILE H 30 28.71 10.59 -8.64
CA ILE H 30 30.13 10.35 -8.43
C ILE H 30 30.92 11.65 -8.64
N GLU H 31 32.20 11.62 -8.32
CA GLU H 31 33.03 12.79 -8.51
C GLU H 31 34.13 12.54 -9.53
N ASN H 41 37.57 3.91 -2.67
CA ASN H 41 36.12 3.83 -2.84
C ASN H 41 35.39 4.18 -1.55
N GLU H 42 36.15 4.24 -0.44
CA GLU H 42 35.56 4.39 0.88
C GLU H 42 35.02 5.79 1.15
N ILE H 43 35.49 6.80 0.43
CA ILE H 43 34.94 8.15 0.59
C ILE H 43 33.51 8.20 0.05
N ILE H 44 33.27 7.49 -1.05
CA ILE H 44 31.92 7.35 -1.61
C ILE H 44 31.01 6.62 -0.63
N GLU H 45 31.54 5.57 0.02
CA GLU H 45 30.77 4.82 1.01
C GLU H 45 30.46 5.67 2.23
N LYS H 46 31.41 6.52 2.64
CA LYS H 46 31.18 7.44 3.75
C LYS H 46 30.13 8.49 3.41
N LYS H 47 30.15 8.99 2.16
CA LYS H 47 29.12 9.92 1.70
C LYS H 47 27.74 9.27 1.69
N ILE H 48 27.67 8.00 1.24
CA ILE H 48 26.39 7.29 1.19
C ILE H 48 25.87 7.00 2.60
N ASN H 49 26.77 6.64 3.52
CA ASN H 49 26.38 6.43 4.91
C ASN H 49 25.94 7.73 5.57
N GLU H 50 26.58 8.85 5.20
CA GLU H 50 26.15 10.16 5.68
C GLU H 50 24.77 10.53 5.14
N ILE H 51 24.43 10.05 3.94
CA ILE H 51 23.12 10.31 3.38
C ILE H 51 22.04 9.56 4.15
N GLY H 52 22.26 8.28 4.42
CA GLY H 52 21.28 7.52 5.16
C GLY H 52 20.07 7.12 4.31
N LYS H 53 18.99 6.77 5.00
CA LYS H 53 17.77 6.31 4.35
C LYS H 53 16.96 7.51 3.86
N ALA H 54 16.95 7.72 2.55
CA ALA H 54 16.25 8.83 1.93
C ALA H 54 14.94 8.35 1.31
N ASP H 55 13.89 9.13 1.47
CA ASP H 55 12.59 8.72 0.94
C ASP H 55 12.50 8.96 -0.57
N ILE H 56 12.79 10.18 -1.01
CA ILE H 56 12.74 10.54 -2.42
C ILE H 56 14.13 11.00 -2.85
N CYS H 57 14.64 10.41 -3.92
CA CYS H 57 15.88 10.83 -4.56
C CYS H 57 15.55 11.50 -5.88
N ILE H 58 15.91 12.77 -6.01
CA ILE H 58 15.55 13.59 -7.15
C ILE H 58 16.79 13.81 -8.01
N LEU H 59 16.67 13.59 -9.32
CA LEU H 59 17.75 13.81 -10.25
C LEU H 59 17.43 14.99 -11.16
N THR H 60 18.30 15.99 -11.16
CA THR H 60 18.09 17.13 -12.03
C THR H 60 18.48 16.82 -13.47
N HIS H 61 19.71 16.36 -13.70
CA HIS H 61 20.18 16.12 -15.06
C HIS H 61 21.06 14.88 -15.10
N ALA H 62 21.21 14.30 -16.30
CA ALA H 62 21.62 12.90 -16.47
C ALA H 62 23.13 12.67 -16.52
N HIS H 63 23.91 13.74 -16.57
CA HIS H 63 25.35 13.69 -16.35
C HIS H 63 25.72 12.97 -15.07
N LEU H 64 26.60 12.01 -15.16
CA LEU H 64 26.90 11.23 -13.98
C LEU H 64 27.26 12.22 -12.91
N ASP H 65 27.86 13.34 -13.25
CA ASP H 65 28.28 14.24 -12.22
C ASP H 65 27.20 14.30 -11.18
N HIS H 66 25.95 14.41 -11.61
CA HIS H 66 24.84 14.55 -10.68
C HIS H 66 23.95 13.36 -10.73
N SER H 67 24.44 12.23 -11.22
CA SER H 67 23.56 11.09 -11.38
C SER H 67 24.23 9.73 -11.14
N GLY H 68 25.52 9.71 -10.79
CA GLY H 68 26.25 8.45 -10.81
C GLY H 68 25.91 7.52 -9.66
N LEU H 69 25.75 8.06 -8.45
CA LEU H 69 25.63 7.24 -7.24
C LEU H 69 24.20 6.92 -6.88
N VAL H 70 23.30 6.84 -7.85
CA VAL H 70 21.94 6.39 -7.63
C VAL H 70 21.80 4.87 -7.56
N PRO H 71 22.38 4.02 -8.45
CA PRO H 71 22.19 2.57 -8.26
C PRO H 71 22.88 2.00 -7.03
N LEU H 72 23.99 2.60 -6.60
CA LEU H 72 24.65 2.19 -5.35
C LEU H 72 23.74 2.40 -4.15
N LEU H 73 22.99 3.51 -4.16
CA LEU H 73 21.95 3.74 -3.17
C LEU H 73 20.86 2.65 -3.22
N VAL H 74 20.58 2.15 -4.42
CA VAL H 74 19.65 1.03 -4.53
C VAL H 74 20.32 -0.26 -4.03
N LYS H 75 21.65 -0.36 -4.12
CA LYS H 75 22.33 -1.52 -3.57
C LYS H 75 22.28 -1.54 -2.05
N LYS H 76 22.51 -0.40 -1.42
CA LYS H 76 22.52 -0.30 0.03
C LYS H 76 21.13 -0.11 0.62
N ARG H 77 20.09 -0.09 -0.24
CA ARG H 77 18.69 -0.03 0.14
C ARG H 77 18.36 1.24 0.93
N LYS H 78 18.79 2.38 0.39
CA LYS H 78 18.63 3.67 1.06
C LYS H 78 17.65 4.60 0.37
N VAL H 79 17.12 4.24 -0.79
CA VAL H 79 16.17 5.08 -1.52
C VAL H 79 14.88 4.29 -1.72
N ASN H 80 13.76 4.89 -1.33
CA ASN H 80 12.44 4.31 -1.56
C ASN H 80 11.89 4.65 -2.93
N LYS H 81 11.93 5.93 -3.31
CA LYS H 81 11.39 6.37 -4.59
C LYS H 81 12.40 7.26 -5.28
N ILE H 82 12.64 6.99 -6.55
CA ILE H 82 13.47 7.82 -7.40
C ILE H 82 12.52 8.59 -8.30
N ILE H 83 12.73 9.90 -8.46
CA ILE H 83 11.86 10.69 -9.33
C ILE H 83 12.73 11.53 -10.26
N SER H 84 12.27 11.64 -11.52
CA SER H 84 12.99 12.37 -12.57
C SER H 84 12.36 12.33 -13.96
N THR H 85 12.40 13.41 -14.73
CA THR H 85 11.91 13.63 -16.09
C THR H 85 12.19 12.38 -16.91
N PRO H 86 11.33 12.01 -17.87
CA PRO H 86 11.66 10.87 -18.75
C PRO H 86 12.97 10.98 -19.50
N ALA H 87 13.32 12.17 -20.05
CA ALA H 87 14.44 12.30 -20.97
C ALA H 87 15.76 11.97 -20.29
N THR H 88 15.96 12.52 -19.10
CA THR H 88 17.09 12.17 -18.26
C THR H 88 16.96 10.82 -17.58
N LYS H 89 15.76 10.23 -17.52
CA LYS H 89 15.67 8.84 -17.05
C LYS H 89 16.30 7.88 -18.05
N GLU H 90 16.00 8.03 -19.35
CA GLU H 90 16.64 7.13 -20.30
C GLU H 90 18.08 7.55 -20.59
N LEU H 91 18.37 8.85 -20.57
CA LEU H 91 19.76 9.30 -20.64
C LEU H 91 20.58 8.79 -19.46
N CYS H 92 19.95 8.65 -18.29
CA CYS H 92 20.63 8.01 -17.16
C CYS H 92 20.83 6.52 -17.39
N ARG H 93 19.89 5.86 -18.04
CA ARG H 93 20.12 4.48 -18.35
C ARG H 93 21.33 4.46 -19.22
N LEU H 94 21.26 5.08 -20.39
CA LEU H 94 22.38 5.07 -21.30
C LEU H 94 23.69 5.32 -20.58
N LEU H 95 23.74 6.33 -19.75
CA LEU H 95 24.96 6.69 -19.00
C LEU H 95 25.38 5.60 -18.01
N PHE H 96 24.43 4.94 -17.35
CA PHE H 96 24.77 3.84 -16.44
C PHE H 96 25.37 2.65 -17.18
N ASN H 97 24.80 2.30 -18.34
CA ASN H 97 25.31 1.15 -19.10
C ASN H 97 26.71 1.41 -19.66
N ASP H 98 27.05 2.48 -20.13
CA ASP H 98 28.40 2.71 -20.59
C ASP H 98 29.29 2.79 -19.39
N PHE H 99 28.83 3.69 -18.39
CA PHE H 99 29.70 3.76 -17.23
C PHE H 99 30.09 2.36 -16.76
N GLN H 100 29.15 1.42 -16.79
CA GLN H 100 29.44 0.04 -16.41
C GLN H 100 30.45 -0.61 -17.33
N ARG H 101 30.30 -0.49 -18.66
CA ARG H 101 31.30 -1.11 -19.52
C ARG H 101 32.64 -0.37 -19.52
N ILE H 102 32.66 0.92 -19.16
CA ILE H 102 33.93 1.58 -18.88
C ILE H 102 34.60 0.94 -17.65
N GLN H 103 33.80 0.59 -16.64
CA GLN H 103 34.41 -0.06 -15.47
C GLN H 103 34.79 -1.52 -15.72
N GLU H 104 34.13 -2.20 -16.68
CA GLU H 104 34.58 -3.57 -16.96
C GLU H 104 35.77 -3.61 -17.90
N GLU H 105 35.90 -2.66 -18.83
CA GLU H 105 37.06 -2.69 -19.71
C GLU H 105 38.34 -2.23 -19.01
N ASN H 106 38.22 -1.32 -18.03
CA ASN H 106 39.41 -0.85 -17.32
C ASN H 106 39.86 -1.81 -16.23
N ASN H 107 39.02 -2.81 -15.92
CA ASN H 107 39.29 -3.87 -14.95
C ASN H 107 39.56 -3.31 -13.56
N ASP H 108 38.60 -2.53 -13.07
CA ASP H 108 38.70 -2.01 -11.72
C ASP H 108 37.39 -2.38 -11.06
N ILE H 109 37.43 -2.74 -9.78
CA ILE H 109 36.20 -3.17 -9.12
C ILE H 109 35.12 -2.11 -9.28
N PRO H 110 33.90 -2.54 -9.62
CA PRO H 110 32.80 -1.58 -9.84
C PRO H 110 32.12 -1.23 -8.53
N LEU H 111 31.20 -0.28 -8.58
CA LEU H 111 30.47 0.10 -7.38
C LEU H 111 29.14 -0.62 -7.37
N TYR H 112 28.59 -0.93 -8.53
CA TYR H 112 27.32 -1.62 -8.63
C TYR H 112 27.30 -2.48 -9.89
N SER H 113 26.35 -3.40 -9.95
CA SER H 113 26.22 -4.35 -11.04
C SER H 113 25.08 -3.94 -11.96
N TYR H 114 24.87 -4.73 -13.02
CA TYR H 114 23.77 -4.46 -13.94
C TYR H 114 22.42 -4.77 -13.29
N ASP H 115 22.40 -5.70 -12.34
CA ASP H 115 21.19 -5.95 -11.56
C ASP H 115 20.82 -4.74 -10.72
N ASP H 116 21.82 -3.99 -10.24
CA ASP H 116 21.56 -2.74 -9.55
C ASP H 116 21.02 -1.67 -10.48
N ILE H 117 21.49 -1.66 -11.74
CA ILE H 117 20.94 -0.76 -12.74
C ILE H 117 19.47 -1.07 -13.00
N GLU H 118 19.14 -2.36 -13.15
CA GLU H 118 17.76 -2.75 -13.43
C GLU H 118 16.86 -2.54 -12.23
N SER H 119 17.35 -2.78 -11.01
CA SER H 119 16.57 -2.56 -9.81
C SER H 119 16.46 -1.09 -9.45
N SER H 120 17.34 -0.23 -9.98
CA SER H 120 17.21 1.20 -9.79
C SER H 120 16.08 1.80 -10.61
N PHE H 121 15.67 1.15 -11.70
CA PHE H 121 14.68 1.69 -12.61
C PHE H 121 13.27 1.18 -12.34
N GLU H 122 13.08 0.33 -11.33
CA GLU H 122 11.74 -0.08 -10.93
C GLU H 122 11.07 0.96 -10.03
N ILE H 123 11.86 1.69 -9.26
CA ILE H 123 11.35 2.70 -8.34
C ILE H 123 11.44 4.09 -8.94
N TRP H 124 11.71 4.21 -10.24
CA TRP H 124 11.92 5.53 -10.83
C TRP H 124 10.69 6.08 -11.49
N ASP H 125 10.05 7.07 -10.87
CA ASP H 125 8.81 7.56 -11.44
C ASP H 125 9.01 8.88 -12.13
N GLU H 126 9.23 8.85 -13.43
CA GLU H 126 9.42 10.06 -14.19
C GLU H 126 8.25 11.01 -14.12
N ILE H 127 8.49 12.29 -14.29
CA ILE H 127 7.43 13.28 -14.32
C ILE H 127 7.99 14.42 -15.10
N ASP H 128 7.15 15.16 -15.80
CA ASP H 128 7.68 16.19 -16.64
C ASP H 128 7.63 17.51 -15.93
N ASP H 129 8.10 18.55 -16.59
CA ASP H 129 8.12 19.87 -16.00
C ASP H 129 6.80 20.55 -15.69
N ARG H 130 6.80 21.39 -14.73
CA ARG H 130 5.65 22.21 -14.29
C ARG H 130 4.45 21.37 -13.85
N ASN H 131 4.72 20.20 -13.28
CA ASN H 131 3.67 19.34 -12.78
C ASN H 131 4.11 19.01 -11.35
N THR H 132 3.21 19.23 -10.40
CA THR H 132 3.52 19.21 -8.98
C THR H 132 2.97 17.93 -8.37
N ILE H 133 3.78 17.26 -7.56
CA ILE H 133 3.30 16.15 -6.75
C ILE H 133 3.17 16.63 -5.31
N GLU H 134 2.14 16.13 -4.62
CA GLU H 134 1.99 16.34 -3.18
C GLU H 134 2.40 15.05 -2.48
N LEU H 135 3.71 14.85 -2.38
CA LEU H 135 4.26 13.62 -1.84
C LEU H 135 5.03 13.90 -0.56
N PHE H 136 4.76 13.09 0.44
CA PHE H 136 5.44 13.24 1.72
C PHE H 136 5.24 14.65 2.24
N ASP H 137 4.00 15.11 2.20
CA ASP H 137 3.79 16.49 2.65
C ASP H 137 4.82 17.46 2.10
N THR H 138 5.41 17.28 1.00
CA THR H 138 6.07 18.26 0.16
C THR H 138 5.34 18.39 -1.18
N LYS H 139 5.50 19.55 -1.81
CA LYS H 139 4.99 19.77 -3.16
C LYS H 139 6.19 19.94 -4.09
N ILE H 140 6.50 18.90 -4.85
CA ILE H 140 7.68 18.92 -5.70
C ILE H 140 7.26 19.28 -7.12
N THR H 141 7.92 20.27 -7.69
CA THR H 141 7.67 20.74 -9.05
C THR H 141 9.00 20.79 -9.81
N PHE H 142 8.94 20.52 -11.10
CA PHE H 142 10.13 20.57 -11.96
C PHE H 142 10.00 21.70 -12.97
N TYR H 143 11.12 22.37 -13.25
CA TYR H 143 11.17 23.40 -14.28
C TYR H 143 12.42 23.18 -15.12
N ASN H 144 12.53 23.87 -16.24
CA ASN H 144 13.66 23.65 -17.15
C ASN H 144 14.77 24.65 -16.87
N ASN H 145 16.02 24.21 -17.04
CA ASN H 145 17.15 25.13 -16.92
C ASN H 145 18.20 24.98 -18.00
N SER H 146 17.90 24.26 -19.09
CA SER H 146 18.60 24.36 -20.38
C SER H 146 20.02 23.82 -20.36
N HIS H 147 20.36 22.87 -19.48
CA HIS H 147 21.68 22.24 -19.57
C HIS H 147 21.66 21.15 -20.64
N ILE H 148 20.78 20.17 -20.47
CA ILE H 148 20.46 19.20 -21.51
C ILE H 148 18.96 19.08 -21.61
N ILE H 149 18.51 18.09 -22.36
CA ILE H 149 17.11 17.93 -22.71
C ILE H 149 16.25 17.60 -21.49
N GLY H 150 16.79 16.82 -20.56
CA GLY H 150 16.03 16.50 -19.38
C GLY H 150 16.47 17.26 -18.14
N SER H 151 16.84 18.51 -18.28
CA SER H 151 17.35 19.26 -17.15
C SER H 151 16.21 19.94 -16.42
N VAL H 152 16.15 19.76 -15.09
CA VAL H 152 15.08 20.33 -14.28
C VAL H 152 15.65 20.97 -13.02
N SER H 153 15.18 22.17 -12.72
CA SER H 153 15.34 22.79 -11.42
C SER H 153 14.16 22.39 -10.56
N VAL H 154 14.44 22.01 -9.32
CA VAL H 154 13.46 21.41 -8.43
C VAL H 154 12.94 22.49 -7.49
N PHE H 155 11.64 22.75 -7.53
CA PHE H 155 10.98 23.65 -6.59
C PHE H 155 10.28 22.76 -5.57
N ILE H 156 10.86 22.66 -4.38
CA ILE H 156 10.28 21.90 -3.29
C ILE H 156 9.55 22.87 -2.38
N GLU H 157 8.23 22.79 -2.36
CA GLU H 157 7.40 23.56 -1.46
C GLU H 157 7.25 22.74 -0.19
N THR H 158 8.03 23.07 0.83
CA THR H 158 7.94 22.42 2.12
C THR H 158 6.95 23.16 3.00
N HIS H 159 6.85 22.73 4.26
CA HIS H 159 6.06 23.43 5.25
C HIS H 159 6.90 24.47 5.99
N ASN H 160 8.22 24.31 6.00
CA ASN H 160 9.11 25.26 6.67
C ASN H 160 9.89 26.13 5.69
N GLY H 161 9.49 26.18 4.43
CA GLY H 161 10.16 27.03 3.47
C GLY H 161 9.84 26.60 2.05
N ASN H 162 10.42 27.34 1.11
CA ASN H 162 10.26 27.06 -0.32
C ASN H 162 11.65 27.01 -0.94
N TYR H 163 12.13 25.81 -1.23
CA TYR H 163 13.49 25.62 -1.72
C TYR H 163 13.49 25.50 -3.24
N LEU H 164 14.47 26.12 -3.87
CA LEU H 164 14.66 26.00 -5.31
C LEU H 164 16.07 25.53 -5.57
N PHE H 165 16.20 24.26 -5.94
CA PHE H 165 17.47 23.68 -6.32
C PHE H 165 17.60 23.82 -7.82
N SER H 166 18.29 24.87 -8.26
CA SER H 166 18.59 25.02 -9.68
C SER H 166 19.82 24.18 -9.99
N GLY H 167 19.68 23.20 -10.86
CA GLY H 167 20.81 22.33 -11.13
C GLY H 167 21.44 22.53 -12.49
N ASP H 168 22.62 23.17 -12.52
CA ASP H 168 23.37 23.49 -13.74
C ASP H 168 22.55 24.24 -14.77
N ILE H 169 22.23 25.51 -14.49
CA ILE H 169 21.50 26.34 -15.43
C ILE H 169 22.27 26.48 -16.76
N GLY H 170 21.54 26.48 -17.87
CA GLY H 170 22.15 26.55 -19.18
C GLY H 170 22.60 27.94 -19.55
N SER H 171 22.82 28.13 -20.85
CA SER H 171 23.40 29.37 -21.36
C SER H 171 22.55 29.91 -22.50
N LYS H 172 22.76 31.19 -22.81
CA LYS H 172 22.13 31.80 -23.98
C LYS H 172 22.72 31.30 -25.28
N LEU H 173 23.91 30.69 -25.24
CA LEU H 173 24.53 30.09 -26.42
C LEU H 173 24.12 28.62 -26.59
N GLN H 174 22.80 28.39 -26.51
CA GLN H 174 22.26 27.05 -26.69
C GLN H 174 21.29 27.07 -27.86
N GLN H 175 21.23 25.99 -28.61
CA GLN H 175 20.40 25.92 -29.80
C GLN H 175 19.25 24.92 -29.68
N LEU H 176 19.27 24.03 -28.70
CA LEU H 176 18.22 23.04 -28.51
C LEU H 176 17.29 23.37 -27.35
N MET H 177 17.65 24.31 -26.48
CA MET H 177 16.91 24.55 -25.27
C MET H 177 16.51 26.01 -25.17
N ASP H 178 15.42 26.26 -24.42
CA ASP H 178 14.90 27.62 -24.25
C ASP H 178 15.92 28.49 -23.52
N TYR H 179 16.25 29.63 -24.13
CA TYR H 179 17.28 30.49 -23.58
C TYR H 179 16.93 31.11 -22.22
N PRO H 180 15.72 31.60 -21.93
CA PRO H 180 15.37 31.84 -20.53
C PRO H 180 14.96 30.54 -19.85
N PRO H 181 15.62 30.17 -18.76
CA PRO H 181 15.20 28.99 -18.02
C PRO H 181 13.87 29.23 -17.31
N ASP H 182 13.09 28.25 -17.14
CA ASP H 182 11.77 28.42 -16.57
C ASP H 182 11.86 28.79 -15.13
N MET H 183 10.79 29.14 -14.53
CA MET H 183 10.76 29.76 -13.22
C MET H 183 9.62 29.22 -12.37
N PRO H 184 9.83 29.06 -11.07
CA PRO H 184 8.70 28.95 -10.16
C PRO H 184 7.92 30.24 -10.12
N ASP H 185 6.60 30.14 -10.25
CA ASP H 185 5.74 31.31 -10.37
C ASP H 185 5.26 31.84 -9.02
N GLY H 186 5.66 31.21 -7.91
CA GLY H 186 5.21 31.64 -6.61
C GLY H 186 6.28 32.33 -5.79
N ASN H 187 6.36 31.97 -4.51
CA ASN H 187 7.32 32.56 -3.58
C ASN H 187 8.48 31.59 -3.37
N VAL H 188 9.70 32.10 -3.53
CA VAL H 188 10.92 31.32 -3.35
C VAL H 188 11.65 31.83 -2.12
N ASP H 189 12.02 30.91 -1.23
CA ASP H 189 12.67 31.26 0.03
C ASP H 189 14.17 31.03 -0.01
N TYR H 190 14.60 29.80 -0.31
CA TYR H 190 16.01 29.44 -0.36
C TYR H 190 16.34 28.99 -1.78
N LEU H 191 17.46 29.46 -2.30
CA LEU H 191 17.91 29.11 -3.63
C LEU H 191 19.27 28.42 -3.55
N ILE H 192 19.44 27.35 -4.32
CA ILE H 192 20.71 26.65 -4.42
C ILE H 192 21.22 26.83 -5.83
N LEU H 193 22.38 27.50 -5.96
CA LEU H 193 22.92 27.92 -7.24
C LEU H 193 24.19 27.16 -7.60
N GLU H 194 24.76 27.49 -8.76
CA GLU H 194 26.02 26.95 -9.26
C GLU H 194 27.01 28.07 -9.50
N SER H 195 28.30 27.68 -9.52
CA SER H 195 29.36 28.61 -9.86
C SER H 195 30.44 27.95 -10.72
N THR H 196 30.03 27.08 -11.64
CA THR H 196 30.98 26.35 -12.48
C THR H 196 31.73 27.28 -13.42
N TYR H 197 31.03 28.23 -14.02
CA TYR H 197 31.62 29.31 -14.80
C TYR H 197 31.38 30.65 -14.13
N GLY H 198 31.54 30.70 -12.81
CA GLY H 198 31.27 31.88 -12.02
C GLY H 198 32.28 33.00 -12.14
N ASN H 199 33.38 32.78 -12.86
CA ASN H 199 34.33 33.83 -13.17
C ASN H 199 34.49 34.05 -14.68
N LYS H 200 34.54 32.96 -15.45
CA LYS H 200 34.71 33.07 -16.90
C LYS H 200 33.44 33.60 -17.55
N SER H 201 33.58 34.67 -18.32
CA SER H 201 32.44 35.30 -18.97
C SER H 201 32.29 34.80 -20.41
N HIS H 202 31.21 35.25 -21.04
CA HIS H 202 30.83 34.94 -22.43
C HIS H 202 30.73 33.43 -22.71
N ASP H 206 30.98 32.66 -31.48
CA ASP H 206 31.79 31.94 -32.45
C ASP H 206 31.04 30.74 -33.01
N ARG H 207 29.71 30.80 -32.96
CA ARG H 207 28.88 29.75 -33.56
C ARG H 207 28.99 29.77 -35.09
N ASP H 208 29.18 30.95 -35.67
CA ASP H 208 29.47 31.04 -37.10
C ASP H 208 30.93 30.72 -37.41
N ARG H 209 31.82 30.75 -36.42
CA ARG H 209 33.20 30.39 -36.66
C ARG H 209 33.37 28.89 -36.89
N LEU H 210 32.51 28.07 -36.29
CA LEU H 210 32.49 26.64 -36.62
C LEU H 210 32.15 26.43 -38.08
N LEU H 211 31.15 27.16 -38.58
CA LEU H 211 30.79 27.13 -39.99
C LEU H 211 31.92 27.65 -40.88
N GLU H 212 32.61 28.71 -40.43
CA GLU H 212 33.66 29.32 -41.24
C GLU H 212 34.89 28.41 -41.36
N ILE H 213 35.36 27.85 -40.25
CA ILE H 213 36.48 26.92 -40.28
C ILE H 213 36.12 25.61 -40.97
N ALA H 214 34.87 25.14 -40.82
CA ALA H 214 34.43 23.95 -41.54
C ALA H 214 34.34 24.21 -43.04
N LYS H 215 33.99 25.44 -43.43
CA LYS H 215 34.00 25.82 -44.85
C LYS H 215 35.42 25.89 -45.40
N THR H 216 36.32 26.55 -44.68
CA THR H 216 37.67 26.75 -45.21
C THR H 216 38.54 25.51 -45.08
N THR H 217 38.05 24.48 -44.41
CA THR H 217 38.83 23.26 -44.27
C THR H 217 38.49 22.21 -45.33
N CYS H 218 37.23 22.16 -45.74
CA CYS H 218 36.83 21.15 -46.72
C CYS H 218 36.68 21.75 -48.11
N GLY H 222 41.04 17.92 -47.02
CA GLY H 222 41.13 17.12 -45.82
C GLY H 222 39.91 17.26 -44.93
N LYS H 223 39.30 16.13 -44.57
CA LYS H 223 38.16 16.09 -43.67
C LYS H 223 38.54 16.56 -42.27
N VAL H 224 37.62 17.17 -41.55
CA VAL H 224 37.89 17.70 -40.21
C VAL H 224 37.26 16.78 -39.17
N LEU H 225 38.08 16.29 -38.25
CA LEU H 225 37.61 15.61 -37.06
C LEU H 225 37.39 16.67 -36.01
N ILE H 226 36.27 16.59 -35.29
CA ILE H 226 35.98 17.52 -34.17
C ILE H 226 35.40 16.77 -32.98
N PRO H 227 36.17 16.63 -31.90
CA PRO H 227 35.68 15.83 -30.77
C PRO H 227 34.83 16.60 -29.80
N SER H 228 34.03 15.93 -28.95
CA SER H 228 33.29 16.65 -27.94
C SER H 228 32.86 15.65 -26.88
N PHE H 229 32.08 16.12 -25.91
CA PHE H 229 31.41 15.20 -25.01
C PHE H 229 30.32 14.47 -25.78
N ALA H 230 30.11 13.21 -25.41
CA ALA H 230 29.06 12.43 -26.04
C ALA H 230 27.68 12.89 -25.63
N ILE H 231 27.56 13.47 -24.44
CA ILE H 231 26.31 14.05 -23.96
C ILE H 231 26.39 15.57 -24.13
N GLY H 232 25.31 16.14 -24.65
CA GLY H 232 25.21 17.59 -24.75
C GLY H 232 25.82 18.22 -25.98
N ARG H 233 27.16 18.31 -26.01
CA ARG H 233 27.85 19.17 -26.97
C ARG H 233 27.72 18.67 -28.40
N LEU H 234 27.73 17.34 -28.58
CA LEU H 234 27.67 16.73 -29.91
C LEU H 234 26.36 17.07 -30.61
N GLN H 235 25.25 17.12 -29.86
CA GLN H 235 23.97 17.45 -30.46
C GLN H 235 23.84 18.93 -30.78
N GLU H 236 24.49 19.80 -29.98
CA GLU H 236 24.52 21.22 -30.32
C GLU H 236 25.32 21.46 -31.59
N VAL H 237 26.45 20.75 -31.74
CA VAL H 237 27.23 20.87 -32.97
C VAL H 237 26.49 20.27 -34.16
N LEU H 238 25.77 19.16 -33.94
CA LEU H 238 24.89 18.59 -34.97
C LEU H 238 23.82 19.56 -35.44
N TYR H 239 23.28 20.34 -34.51
CA TYR H 239 22.30 21.33 -34.89
C TYR H 239 22.98 22.45 -35.68
N THR H 240 24.12 22.93 -35.20
CA THR H 240 24.77 24.07 -35.86
C THR H 240 25.24 23.71 -37.27
N PHE H 241 25.60 22.45 -37.50
CA PHE H 241 25.80 22.00 -38.87
C PHE H 241 24.51 21.71 -39.60
N SER H 242 23.39 21.57 -38.89
CA SER H 242 22.14 21.27 -39.58
C SER H 242 21.37 22.51 -40.05
N ASN H 243 21.38 23.63 -39.32
CA ASN H 243 20.37 24.66 -39.61
C ASN H 243 20.74 25.44 -40.85
N TYR H 244 22.04 25.58 -41.11
CA TYR H 244 22.59 26.23 -42.27
C TYR H 244 22.97 25.18 -43.31
N ASN H 245 23.28 25.65 -44.51
CA ASN H 245 23.58 24.77 -45.62
C ASN H 245 25.07 24.37 -45.64
N PHE H 246 25.30 23.06 -45.64
CA PHE H 246 26.66 22.55 -45.70
C PHE H 246 26.56 21.38 -46.68
N ASN H 247 27.28 21.45 -47.79
CA ASN H 247 27.21 20.44 -48.84
C ASN H 247 27.99 19.19 -48.48
N PHE H 248 29.15 19.34 -47.83
CA PHE H 248 29.93 18.18 -47.41
C PHE H 248 29.25 17.51 -46.21
N PRO H 249 29.17 16.18 -46.19
CA PRO H 249 28.34 15.49 -45.20
C PRO H 249 28.93 15.53 -43.80
N VAL H 250 28.04 15.46 -42.81
CA VAL H 250 28.43 15.36 -41.40
C VAL H 250 28.09 13.96 -40.88
N TYR H 251 29.00 13.43 -40.06
CA TYR H 251 29.10 12.01 -39.79
C TYR H 251 29.27 11.82 -38.28
N ILE H 252 28.68 10.76 -37.74
CA ILE H 252 28.70 10.46 -36.31
C ILE H 252 29.47 9.17 -36.08
N ASP H 253 30.52 9.24 -35.28
CA ASP H 253 31.19 8.09 -34.70
C ASP H 253 30.84 8.06 -33.20
N SER H 254 31.47 7.15 -32.43
CA SER H 254 31.35 7.04 -30.97
C SER H 254 29.92 6.76 -30.55
N PRO H 255 29.45 5.48 -30.59
CA PRO H 255 28.02 5.18 -30.63
C PRO H 255 27.13 5.60 -29.46
N MET H 256 27.71 6.23 -28.44
CA MET H 256 26.98 7.09 -27.54
C MET H 256 26.36 8.28 -28.26
N GLY H 257 27.08 8.84 -29.23
CA GLY H 257 26.60 10.03 -29.93
C GLY H 257 25.36 9.75 -30.75
N SER H 258 25.36 8.65 -31.50
CA SER H 258 24.20 8.29 -32.32
C SER H 258 23.00 7.91 -31.45
N LYS H 259 23.24 7.25 -30.32
CA LYS H 259 22.14 6.84 -29.45
C LYS H 259 21.53 8.02 -28.70
N VAL H 260 22.35 8.97 -28.24
CA VAL H 260 21.80 10.18 -27.63
C VAL H 260 21.14 11.07 -28.69
N THR H 261 21.65 11.03 -29.93
CA THR H 261 20.99 11.76 -31.03
C THR H 261 19.61 11.21 -31.32
N ASN H 262 19.48 9.87 -31.34
CA ASN H 262 18.16 9.25 -31.47
C ASN H 262 17.27 9.55 -30.27
N LEU H 263 17.83 9.60 -29.05
CA LEU H 263 17.02 9.98 -27.89
C LEU H 263 16.57 11.43 -27.97
N ILE H 264 17.41 12.30 -28.53
CA ILE H 264 17.05 13.70 -28.78
C ILE H 264 15.88 13.76 -29.76
N LYS H 265 15.92 12.92 -30.79
CA LYS H 265 14.84 12.91 -31.78
C LYS H 265 13.53 12.36 -31.20
N GLU H 266 13.59 11.26 -30.43
CA GLU H 266 12.37 10.69 -29.87
C GLU H 266 11.76 11.58 -28.79
N TYR H 267 12.59 12.32 -28.07
CA TYR H 267 12.15 13.18 -26.98
C TYR H 267 12.17 14.63 -27.39
N ASN H 268 11.74 14.86 -28.64
CA ASN H 268 11.74 16.17 -29.28
C ASN H 268 10.87 17.18 -28.57
N ILE H 269 9.76 16.76 -27.96
CA ILE H 269 8.83 17.70 -27.33
C ILE H 269 9.40 18.30 -26.05
N TYR H 270 10.56 17.82 -25.58
CA TYR H 270 11.28 18.32 -24.42
C TYR H 270 12.33 19.36 -24.79
N LEU H 271 12.11 20.08 -25.88
CA LEU H 271 13.09 21.02 -26.43
C LEU H 271 12.37 22.34 -26.66
N LYS H 272 12.97 23.20 -27.48
CA LYS H 272 12.43 24.53 -27.78
C LYS H 272 11.09 24.44 -28.48
N LYS H 273 10.33 25.53 -28.38
CA LYS H 273 9.07 25.67 -29.12
C LYS H 273 9.33 25.71 -30.62
N LYS H 274 10.45 26.29 -31.05
CA LYS H 274 10.79 26.41 -32.46
C LYS H 274 11.21 25.07 -33.07
N LEU H 275 11.48 24.07 -32.22
CA LEU H 275 11.92 22.76 -32.68
C LEU H 275 10.84 21.70 -32.71
N ARG H 276 9.61 22.01 -32.30
CA ARG H 276 8.58 20.98 -32.22
C ARG H 276 7.93 20.74 -33.58
N ASP H 282 8.89 14.60 -40.94
CA ASP H 282 9.63 15.65 -40.25
C ASP H 282 10.85 15.07 -39.54
N ASP H 283 11.74 15.95 -39.09
CA ASP H 283 12.95 15.54 -38.37
C ASP H 283 13.35 16.72 -37.49
N LEU H 284 14.49 16.62 -36.82
CA LEU H 284 14.96 17.71 -36.00
C LEU H 284 16.30 18.12 -36.51
N PHE H 285 17.20 17.16 -36.55
CA PHE H 285 18.57 17.43 -36.98
C PHE H 285 18.76 17.31 -38.48
N ASN H 286 17.67 17.32 -39.26
CA ASN H 286 17.60 16.99 -40.69
C ASN H 286 18.08 15.57 -40.98
N ASN H 287 18.13 15.19 -42.26
CA ASN H 287 18.75 13.93 -42.62
C ASN H 287 20.18 14.14 -43.10
N LYS H 288 20.80 15.23 -42.65
CA LYS H 288 22.13 15.61 -43.15
C LYS H 288 23.21 14.72 -42.57
N TYR H 289 23.05 14.24 -41.35
CA TYR H 289 24.07 13.40 -40.74
C TYR H 289 23.86 11.95 -41.13
N ILE H 290 24.97 11.24 -41.33
CA ILE H 290 24.94 9.80 -41.54
C ILE H 290 25.80 9.19 -40.45
N ALA H 291 25.16 8.52 -39.49
CA ALA H 291 25.89 7.93 -38.39
C ALA H 291 26.66 6.69 -38.84
N ILE H 292 27.69 6.34 -38.08
CA ILE H 292 28.52 5.17 -38.33
C ILE H 292 28.27 4.17 -37.20
N ASN H 293 27.87 2.95 -37.56
CA ASN H 293 27.35 2.00 -36.57
C ASN H 293 28.43 1.09 -36.01
N THR H 294 29.06 0.28 -36.86
CA THR H 294 30.08 -0.65 -36.41
C THR H 294 31.47 -0.03 -36.59
N SER H 295 32.47 -0.73 -36.04
CA SER H 295 33.84 -0.22 -36.05
C SER H 295 34.50 -0.32 -37.42
N ASN H 296 34.05 -1.24 -38.28
CA ASN H 296 34.66 -1.41 -39.59
C ASN H 296 34.40 -0.22 -40.50
N GLN H 297 33.21 0.38 -40.40
CA GLN H 297 32.95 1.61 -41.12
C GLN H 297 33.74 2.79 -40.55
N SER H 298 34.05 2.76 -39.25
CA SER H 298 34.93 3.78 -38.69
C SER H 298 36.36 3.61 -39.22
N LYS H 299 36.80 2.37 -39.42
CA LYS H 299 38.10 2.11 -40.03
C LYS H 299 38.15 2.58 -41.49
N GLU H 300 37.08 2.29 -42.24
CA GLU H 300 36.99 2.72 -43.64
C GLU H 300 36.90 4.25 -43.73
N LEU H 301 36.29 4.88 -42.72
CA LEU H 301 36.22 6.34 -42.68
C LEU H 301 37.56 6.95 -42.31
N SER H 302 38.32 6.26 -41.46
CA SER H 302 39.69 6.65 -41.16
C SER H 302 40.58 6.57 -42.40
N ASN H 303 40.41 5.55 -43.22
CA ASN H 303 41.20 5.41 -44.42
C ASN H 303 40.64 6.20 -45.60
N SER H 304 39.47 6.82 -45.46
CA SER H 304 38.86 7.56 -46.55
C SER H 304 39.52 8.93 -46.74
N LYS H 305 39.43 9.45 -47.96
CA LYS H 305 39.97 10.76 -48.29
C LYS H 305 38.94 11.75 -48.81
N GLU H 306 37.68 11.33 -48.98
CA GLU H 306 36.63 12.26 -49.37
C GLU H 306 36.36 13.24 -48.24
N PRO H 307 36.23 14.53 -48.51
CA PRO H 307 36.05 15.52 -47.44
C PRO H 307 34.68 15.40 -46.77
N ALA H 308 34.70 15.56 -45.45
CA ALA H 308 33.52 15.44 -44.61
C ALA H 308 33.76 16.08 -43.26
N VAL H 309 32.78 15.97 -42.36
CA VAL H 309 32.91 16.42 -40.99
C VAL H 309 32.64 15.22 -40.10
N ILE H 310 33.56 14.91 -39.20
CA ILE H 310 33.40 13.78 -38.28
C ILE H 310 33.24 14.38 -36.89
N ILE H 311 32.12 14.07 -36.23
CA ILE H 311 31.86 14.55 -34.88
C ILE H 311 31.87 13.34 -33.97
N SER H 312 33.04 13.06 -33.39
CA SER H 312 33.21 11.90 -32.54
C SER H 312 33.20 12.35 -31.08
N ALA H 313 33.40 11.41 -30.17
CA ALA H 313 33.27 11.69 -28.74
C ALA H 313 34.06 10.71 -27.88
N ARG H 321 36.04 6.35 -29.39
CA ARG H 321 36.60 5.83 -30.64
C ARG H 321 37.09 6.96 -31.52
N ILE H 322 37.70 7.97 -30.90
CA ILE H 322 38.20 9.12 -31.64
C ILE H 322 39.54 8.82 -32.31
N LEU H 323 40.34 7.94 -31.71
CA LEU H 323 41.74 7.72 -32.11
C LEU H 323 41.87 7.11 -33.49
N ASN H 324 40.91 6.26 -33.90
CA ASN H 324 40.90 5.68 -35.24
C ASN H 324 40.82 6.75 -36.30
N HIS H 325 39.95 7.72 -36.09
CA HIS H 325 39.82 8.90 -36.93
C HIS H 325 40.97 9.90 -36.74
N LEU H 326 41.62 9.92 -35.57
CA LEU H 326 42.60 10.96 -35.26
C LEU H 326 44.00 10.64 -35.80
N GLU H 327 44.41 9.36 -35.73
CA GLU H 327 45.77 9.01 -36.15
C GLU H 327 45.97 9.16 -37.65
N GLN H 328 44.90 9.03 -38.42
CA GLN H 328 44.97 9.43 -39.84
C GLN H 328 45.15 10.94 -39.94
N ILE H 329 44.31 11.68 -39.22
CA ILE H 329 44.22 13.15 -39.30
C ILE H 329 45.50 13.83 -38.84
N LYS H 330 46.12 13.29 -37.78
CA LYS H 330 47.32 13.88 -37.19
C LYS H 330 48.53 13.79 -38.12
N THR H 336 41.54 19.40 -38.99
CA THR H 336 41.84 20.54 -38.14
C THR H 336 41.87 20.11 -36.70
N LEU H 337 40.96 19.23 -36.32
CA LEU H 337 40.85 18.80 -34.94
C LEU H 337 40.31 19.96 -34.11
N ILE H 338 39.44 20.72 -34.59
CA ILE H 338 38.67 21.71 -33.85
C ILE H 338 38.34 21.06 -32.52
N PHE H 339 38.76 21.67 -31.43
CA PHE H 339 38.59 21.08 -30.11
C PHE H 339 37.58 21.92 -29.35
N VAL H 340 36.34 21.46 -29.33
CA VAL H 340 35.29 22.11 -28.54
C VAL H 340 35.12 21.35 -27.23
N GLY H 341 35.14 22.08 -26.13
CA GLY H 341 35.05 21.48 -24.81
C GLY H 341 35.87 22.25 -23.80
N TYR H 342 36.30 21.54 -22.76
CA TYR H 342 36.97 22.15 -21.61
C TYR H 342 38.47 21.95 -21.59
N GLN H 343 38.97 20.87 -22.19
CA GLN H 343 40.36 20.40 -22.13
C GLN H 343 40.84 20.23 -20.70
N ARG H 362 46.43 23.06 -37.10
CA ARG H 362 45.28 23.94 -37.08
C ARG H 362 44.35 23.60 -35.93
N ILE H 363 44.93 23.21 -34.80
CA ILE H 363 44.17 22.85 -33.60
C ILE H 363 43.46 24.10 -33.07
N GLU H 364 42.14 24.04 -32.99
CA GLU H 364 41.33 25.22 -32.70
C GLU H 364 40.59 25.04 -31.39
N LYS H 365 40.08 26.16 -30.87
CA LYS H 365 39.34 26.17 -29.63
C LYS H 365 38.23 27.20 -29.74
N LEU H 366 36.98 26.73 -29.72
CA LEU H 366 35.80 27.60 -29.81
C LEU H 366 35.10 27.56 -28.46
N ASN H 367 35.24 28.63 -27.69
CA ASN H 367 34.64 28.72 -26.36
C ASN H 367 33.24 29.36 -26.43
N SER H 368 32.40 28.75 -27.26
CA SER H 368 31.03 29.24 -27.43
C SER H 368 30.00 28.12 -27.48
N PHE H 369 30.38 26.89 -27.13
CA PHE H 369 29.46 25.75 -27.11
C PHE H 369 29.51 25.09 -25.74
N SER H 370 29.47 25.91 -24.70
CA SER H 370 29.53 25.44 -23.33
C SER H 370 28.19 25.71 -22.66
N ALA H 371 27.58 24.66 -22.11
CA ALA H 371 26.29 24.79 -21.46
C ALA H 371 26.41 25.25 -20.00
N HIS H 372 27.63 25.43 -19.49
CA HIS H 372 27.82 26.01 -18.17
C HIS H 372 27.36 27.47 -18.16
N ALA H 373 26.74 27.88 -17.05
CA ALA H 373 26.14 29.19 -16.97
C ALA H 373 27.17 30.26 -16.66
N ASP H 374 27.11 31.35 -17.43
CA ASP H 374 27.95 32.52 -17.20
C ASP H 374 27.37 33.27 -16.00
N GLN H 375 28.22 34.10 -15.38
CA GLN H 375 27.90 34.98 -14.25
C GLN H 375 26.65 35.83 -14.48
N ASP H 376 26.59 36.48 -15.63
CA ASP H 376 25.48 37.36 -15.90
C ASP H 376 24.17 36.63 -15.88
N GLU H 377 24.08 35.53 -16.60
CA GLU H 377 22.77 34.87 -16.67
C GLU H 377 22.39 34.21 -15.36
N LEU H 378 23.35 33.88 -14.49
CA LEU H 378 23.02 33.53 -13.11
C LEU H 378 22.41 34.71 -12.38
N ILE H 379 22.97 35.91 -12.57
CA ILE H 379 22.42 37.13 -11.98
C ILE H 379 21.03 37.42 -12.55
N ASP H 380 20.84 37.18 -13.85
CA ASP H 380 19.53 37.34 -14.48
C ASP H 380 18.52 36.31 -13.98
N TYR H 381 18.98 35.09 -13.68
CA TYR H 381 18.12 34.08 -13.06
C TYR H 381 17.66 34.52 -11.68
N ILE H 382 18.58 35.09 -10.91
CA ILE H 382 18.23 35.58 -9.56
C ILE H 382 17.26 36.76 -9.66
N GLU H 383 17.49 37.66 -10.61
CA GLU H 383 16.64 38.84 -10.77
C GLU H 383 15.37 38.52 -11.56
N ARG H 384 15.19 37.26 -11.94
CA ARG H 384 13.96 36.81 -12.58
C ARG H 384 13.02 36.06 -11.62
N LEU H 385 13.26 36.15 -10.31
CA LEU H 385 12.38 35.56 -9.30
C LEU H 385 11.42 36.62 -8.78
N LYS H 386 10.16 36.21 -8.56
CA LYS H 386 9.08 37.05 -8.05
C LYS H 386 9.43 37.74 -6.74
N TYR H 387 9.97 36.98 -5.80
CA TYR H 387 10.58 37.52 -4.60
C TYR H 387 12.04 37.10 -4.56
N THR H 388 12.89 37.99 -4.06
CA THR H 388 14.29 37.65 -3.89
C THR H 388 14.42 36.57 -2.81
N PRO H 389 15.25 35.55 -3.02
CA PRO H 389 15.38 34.48 -2.02
C PRO H 389 16.06 34.97 -0.76
N TYR H 390 15.76 34.30 0.35
CA TYR H 390 16.35 34.69 1.62
C TYR H 390 17.84 34.35 1.66
N LYS H 391 18.19 33.12 1.31
CA LYS H 391 19.58 32.67 1.35
C LYS H 391 19.90 31.95 0.05
N VAL H 392 21.02 32.31 -0.56
CA VAL H 392 21.44 31.72 -1.82
C VAL H 392 22.69 30.89 -1.53
N PHE H 393 22.55 29.57 -1.51
CA PHE H 393 23.64 28.68 -1.20
C PHE H 393 24.48 28.44 -2.44
N LEU H 394 25.72 28.75 -2.51
CA LEU H 394 26.52 28.65 -3.75
C LEU H 394 27.45 27.46 -3.88
N VAL H 395 26.97 26.28 -3.84
CA VAL H 395 27.65 25.01 -4.09
C VAL H 395 28.19 25.00 -5.53
N HIS H 396 28.93 23.93 -5.88
CA HIS H 396 29.35 23.66 -7.26
C HIS H 396 30.25 24.70 -7.93
N GLY H 397 31.47 24.83 -7.44
CA GLY H 397 32.48 25.59 -8.14
C GLY H 397 33.80 25.54 -7.41
N GLU H 398 34.82 26.09 -8.05
CA GLU H 398 36.10 26.28 -7.38
C GLU H 398 36.01 27.50 -6.45
N LYS H 399 37.05 27.67 -5.64
CA LYS H 399 37.02 28.66 -4.56
C LYS H 399 36.97 30.09 -5.10
N GLU H 400 37.71 30.36 -6.17
CA GLU H 400 37.78 31.72 -6.71
C GLU H 400 36.46 32.15 -7.35
N GLN H 401 35.81 31.24 -8.08
CA GLN H 401 34.52 31.55 -8.67
C GLN H 401 33.43 31.72 -7.62
N ARG H 402 33.48 30.90 -6.56
CA ARG H 402 32.56 31.07 -5.43
C ARG H 402 32.78 32.40 -4.74
N GLU H 403 34.04 32.83 -4.57
CA GLU H 403 34.31 34.12 -3.93
C GLU H 403 33.84 35.29 -4.79
N ILE H 404 34.07 35.25 -6.11
CA ILE H 404 33.69 36.41 -6.92
C ILE H 404 32.16 36.47 -7.10
N LEU H 405 31.48 35.30 -7.19
CA LEU H 405 30.03 35.35 -7.24
C LEU H 405 29.42 35.72 -5.90
N ALA H 406 30.06 35.31 -4.79
CA ALA H 406 29.64 35.77 -3.47
C ALA H 406 29.78 37.29 -3.35
N LYS H 407 30.87 37.84 -3.88
CA LYS H 407 31.06 39.29 -3.86
C LYS H 407 30.03 40.01 -4.74
N ARG H 408 29.63 39.42 -5.86
CA ARG H 408 28.69 40.10 -6.74
C ARG H 408 27.23 39.88 -6.38
N ILE H 409 26.91 38.92 -5.50
CA ILE H 409 25.53 38.82 -5.02
C ILE H 409 25.42 39.55 -3.68
N ILE H 410 26.54 39.67 -2.94
CA ILE H 410 26.58 40.58 -1.81
C ILE H 410 26.43 42.02 -2.29
N SER H 411 27.03 42.34 -3.44
CA SER H 411 26.80 43.62 -4.10
C SER H 411 25.37 43.74 -4.64
N LYS H 412 24.68 42.63 -4.84
CA LYS H 412 23.26 42.64 -5.16
C LYS H 412 22.38 42.63 -3.92
N LYS H 413 22.99 42.72 -2.73
CA LYS H 413 22.38 42.88 -1.41
C LYS H 413 21.52 41.68 -1.02
N ILE H 414 21.92 40.48 -1.46
CA ILE H 414 21.27 39.23 -1.10
C ILE H 414 22.26 38.36 -0.35
N ARG H 415 21.79 37.67 0.68
CA ARG H 415 22.65 36.87 1.55
C ARG H 415 23.12 35.61 0.84
N VAL H 416 24.42 35.32 0.98
CA VAL H 416 25.06 34.20 0.31
C VAL H 416 25.76 33.34 1.36
N GLU H 417 25.48 32.04 1.36
CA GLU H 417 26.24 31.07 2.13
C GLU H 417 27.22 30.35 1.21
N LEU H 418 28.32 29.89 1.80
CA LEU H 418 29.35 29.14 1.08
C LEU H 418 29.60 27.84 1.83
N PRO H 419 28.78 26.80 1.58
CA PRO H 419 28.97 25.51 2.26
C PRO H 419 30.21 24.77 1.78
N ILE H 428 16.61 31.35 10.75
CA ILE H 428 15.30 31.93 10.50
C ILE H 428 14.28 30.79 10.61
N LEU H 429 13.00 31.13 10.77
CA LEU H 429 11.92 30.17 10.70
C LEU H 429 10.85 30.71 9.77
N ILE H 430 10.41 29.88 8.83
CA ILE H 430 9.25 30.17 7.99
C ILE H 430 8.17 29.17 8.40
N GLU H 431 7.01 29.67 8.78
CA GLU H 431 5.90 28.83 9.23
C GLU H 431 4.74 29.00 8.26
N LYS H 432 4.58 28.04 7.35
CA LYS H 432 3.39 28.00 6.50
C LYS H 432 2.18 27.69 7.36
N LYS H 433 1.40 28.72 7.69
CA LYS H 433 0.30 28.54 8.63
C LYS H 433 -1.04 28.57 7.89
N VAL H 434 -1.98 27.84 8.46
CA VAL H 434 -3.34 27.71 7.92
C VAL H 434 -4.24 28.56 8.80
N VAL H 435 -4.78 29.62 8.22
CA VAL H 435 -5.62 30.56 8.94
C VAL H 435 -7.07 30.16 8.75
N LEU H 436 -7.82 30.10 9.92
CA LEU H 436 -9.19 29.65 9.77
C LEU H 436 -10.10 30.79 9.30
N ASN H 437 -10.09 31.89 9.94
CA ASN H 437 -10.89 33.08 9.57
C ASN H 437 -12.39 32.80 9.48
N ILE H 438 -12.87 31.90 10.34
CA ILE H 438 -14.25 31.44 10.29
C ILE H 438 -14.83 31.44 11.69
N ASN H 439 -16.05 31.96 11.84
CA ASN H 439 -16.77 31.99 13.10
C ASN H 439 -17.07 30.56 13.52
N THR H 440 -16.28 30.04 14.46
CA THR H 440 -16.39 28.67 14.94
C THR H 440 -17.16 28.60 16.25
N ASP H 441 -17.82 29.68 16.66
CA ASP H 441 -18.62 29.66 17.87
C ASP H 441 -19.89 28.86 17.68
N ASN H 442 -20.39 28.75 16.45
CA ASN H 442 -21.59 27.97 16.15
C ASN H 442 -21.16 26.55 15.78
N MET H 443 -21.10 25.69 16.79
CA MET H 443 -20.57 24.33 16.65
C MET H 443 -21.54 23.36 17.31
N CYS H 444 -21.53 22.12 16.85
CA CYS H 444 -22.46 21.10 17.32
C CYS H 444 -21.72 19.81 17.58
N ASN H 445 -22.35 18.93 18.36
CA ASN H 445 -21.82 17.61 18.69
C ASN H 445 -22.75 16.56 18.12
N PHE H 446 -22.20 15.65 17.31
CA PHE H 446 -22.98 14.55 16.76
C PHE H 446 -22.50 13.19 17.21
N ALA H 447 -21.23 12.85 17.00
CA ALA H 447 -20.69 11.53 17.26
C ALA H 447 -19.42 11.64 18.09
N SER H 448 -19.52 12.39 19.20
CA SER H 448 -18.38 12.86 20.01
C SER H 448 -17.36 13.61 19.16
N TYR H 449 -17.86 14.41 18.21
CA TYR H 449 -17.06 15.26 17.34
C TYR H 449 -17.67 16.65 17.33
N ARG H 450 -16.83 17.67 17.51
CA ARG H 450 -17.28 19.07 17.43
C ARG H 450 -17.11 19.55 16.00
N LEU H 451 -18.05 19.16 15.16
CA LEU H 451 -18.01 19.52 13.75
C LEU H 451 -18.91 20.72 13.46
N MET H 452 -18.61 21.41 12.35
CA MET H 452 -19.46 22.46 11.85
C MET H 452 -19.54 22.27 10.35
N PRO H 453 -20.76 22.25 9.80
CA PRO H 453 -20.92 22.27 8.34
C PRO H 453 -20.40 23.58 7.76
N PHE H 454 -19.53 23.45 6.75
CA PHE H 454 -18.68 24.55 6.31
C PHE H 454 -18.86 24.85 4.82
N SER H 455 -18.88 26.15 4.49
CA SER H 455 -19.05 26.63 3.12
C SER H 455 -18.11 27.82 2.89
N GLY H 456 -17.06 27.60 2.12
CA GLY H 456 -16.07 28.64 1.86
C GLY H 456 -15.15 28.35 0.69
N PHE H 457 -13.93 28.90 0.77
CA PHE H 457 -12.92 28.82 -0.27
C PHE H 457 -11.56 28.63 0.38
N ILE H 458 -10.78 27.68 -0.13
CA ILE H 458 -9.40 27.51 0.32
C ILE H 458 -8.54 28.43 -0.53
N VAL H 459 -8.22 29.59 0.02
CA VAL H 459 -7.37 30.54 -0.67
C VAL H 459 -5.91 30.19 -0.40
N GLU H 460 -5.14 30.03 -1.46
CA GLU H 460 -3.73 29.64 -1.34
C GLU H 460 -2.86 30.79 -1.83
N LYS H 461 -2.57 31.71 -0.93
CA LYS H 461 -1.52 32.70 -1.14
C LYS H 461 -0.24 32.23 -0.46
N ASP H 462 0.84 32.98 -0.68
CA ASP H 462 2.14 32.62 -0.13
C ASP H 462 2.16 32.81 1.37
N ASP H 463 2.71 31.80 2.08
CA ASP H 463 3.00 31.71 3.51
C ASP H 463 1.68 31.51 4.29
N ARG H 464 0.56 31.63 3.59
CA ARG H 464 -0.72 31.54 4.28
C ARG H 464 -1.83 30.94 3.46
N ILE H 465 -2.15 29.68 3.72
CA ILE H 465 -3.29 29.03 3.10
C ILE H 465 -4.50 29.40 3.95
N GLU H 466 -4.99 30.61 3.75
CA GLU H 466 -6.13 31.08 4.52
C GLU H 466 -7.41 30.50 3.96
N ILE H 467 -8.25 30.03 4.87
CA ILE H 467 -9.61 29.63 4.54
C ILE H 467 -10.47 30.88 4.66
N ASN H 468 -11.19 31.21 3.58
CA ASN H 468 -12.00 32.42 3.53
C ASN H 468 -13.44 32.08 3.16
N ASP H 469 -14.38 32.72 3.85
CA ASP H 469 -15.78 32.47 3.61
C ASP H 469 -16.34 33.00 2.30
N LYS H 470 -17.65 33.05 2.20
CA LYS H 470 -18.34 33.52 0.99
C LYS H 470 -18.46 35.03 0.96
N ASN H 471 -18.48 35.66 2.14
CA ASN H 471 -18.44 37.12 2.17
C ASN H 471 -17.12 37.64 1.64
N TRP H 472 -16.01 36.92 1.88
CA TRP H 472 -14.73 37.28 1.27
C TRP H 472 -14.80 37.21 -0.25
N PHE H 473 -15.50 36.20 -0.78
CA PHE H 473 -15.71 36.14 -2.22
C PHE H 473 -16.65 37.22 -2.71
N ASP H 474 -17.59 37.66 -1.88
CA ASP H 474 -18.41 38.82 -2.20
C ASP H 474 -17.58 40.10 -2.27
N MET H 475 -16.63 40.28 -1.34
CA MET H 475 -15.72 41.43 -1.41
C MET H 475 -14.64 41.29 -2.48
N ILE H 476 -14.35 40.07 -2.94
CA ILE H 476 -13.41 39.91 -4.05
C ILE H 476 -14.13 40.15 -5.38
N TRP H 477 -15.45 39.93 -5.41
CA TRP H 477 -16.21 40.19 -6.62
C TRP H 477 -16.34 41.68 -6.92
N ASN H 478 -16.31 42.56 -5.91
CA ASN H 478 -16.23 43.98 -6.23
C ASN H 478 -14.76 44.27 -6.57
N LEU H 504 -2.47 22.63 -30.88
CA LEU H 504 -3.19 21.45 -30.45
C LEU H 504 -4.64 21.48 -30.92
N PRO H 505 -5.12 20.37 -31.50
CA PRO H 505 -6.50 20.33 -32.00
C PRO H 505 -7.51 20.32 -30.86
N ASP H 506 -8.69 20.85 -31.14
CA ASP H 506 -9.76 21.02 -30.16
C ASP H 506 -11.07 20.47 -30.72
N MET H 507 -11.46 19.28 -30.27
CA MET H 507 -12.76 18.72 -30.60
C MET H 507 -13.64 18.73 -29.35
N SER H 508 -14.95 18.69 -29.57
CA SER H 508 -15.90 18.81 -28.48
C SER H 508 -15.95 17.53 -27.65
N HIS H 509 -16.70 17.62 -26.53
CA HIS H 509 -16.75 16.48 -25.62
C HIS H 509 -17.59 15.34 -26.16
N ASP H 510 -18.63 15.61 -26.93
CA ASP H 510 -19.40 14.54 -27.55
C ASP H 510 -18.67 13.93 -28.73
N LYS H 511 -17.90 14.72 -29.48
CA LYS H 511 -17.10 14.19 -30.57
C LYS H 511 -15.97 13.31 -30.06
N ILE H 512 -15.34 13.72 -28.96
CA ILE H 512 -14.29 12.91 -28.33
C ILE H 512 -14.87 11.61 -27.80
N ILE H 513 -16.04 11.67 -27.16
CA ILE H 513 -16.67 10.49 -26.57
C ILE H 513 -17.11 9.52 -27.66
N GLU H 514 -17.71 10.02 -28.75
CA GLU H 514 -18.14 9.15 -29.83
C GLU H 514 -16.95 8.58 -30.60
N ASN H 515 -15.84 9.34 -30.68
CA ASN H 515 -14.65 8.83 -31.36
C ASN H 515 -13.98 7.73 -30.54
N ILE H 516 -13.84 7.93 -29.23
CA ILE H 516 -13.23 6.93 -28.37
C ILE H 516 -14.11 5.69 -28.28
N GLU H 517 -15.44 5.87 -28.30
CA GLU H 517 -16.36 4.73 -28.34
C GLU H 517 -16.25 3.95 -29.64
N TYR H 518 -16.16 4.63 -30.78
CA TYR H 518 -16.07 3.95 -32.06
C TYR H 518 -14.73 3.24 -32.23
N LEU H 519 -13.64 3.87 -31.77
CA LEU H 519 -12.34 3.21 -31.83
C LEU H 519 -12.14 2.18 -30.72
N PHE H 520 -12.99 2.18 -29.70
CA PHE H 520 -12.96 1.11 -28.70
C PHE H 520 -13.74 -0.10 -29.18
N ASN H 521 -14.80 0.11 -29.97
CA ASN H 521 -15.54 -1.03 -30.51
C ASN H 521 -14.75 -1.72 -31.62
N ILE H 522 -13.98 -0.96 -32.40
CA ILE H 522 -13.18 -1.53 -33.49
C ILE H 522 -11.75 -1.79 -33.02
N LYS H 523 -11.55 -1.68 -31.70
CA LYS H 523 -10.35 -2.10 -30.96
C LYS H 523 -9.09 -1.35 -31.34
N ILE H 524 -9.19 -0.11 -31.84
CA ILE H 524 -7.98 0.69 -32.05
C ILE H 524 -7.49 1.25 -30.72
N LEU H 525 -8.35 1.97 -30.00
CA LEU H 525 -8.07 2.34 -28.62
C LEU H 525 -8.57 1.21 -27.74
N SER H 526 -7.65 0.48 -27.13
CA SER H 526 -8.00 -0.64 -26.29
C SER H 526 -7.89 -0.22 -24.82
N LYS H 527 -8.05 -1.19 -23.92
CA LYS H 527 -7.92 -0.88 -22.50
C LYS H 527 -6.46 -0.67 -22.11
N ASN H 528 -5.55 -1.44 -22.72
CA ASN H 528 -4.13 -1.26 -22.46
C ASN H 528 -3.62 0.07 -23.00
N ARG H 529 -4.15 0.47 -24.17
CA ARG H 529 -3.82 1.78 -24.75
C ARG H 529 -4.28 2.91 -23.84
N ILE H 530 -5.51 2.82 -23.32
CA ILE H 530 -6.06 3.86 -22.46
C ILE H 530 -5.33 3.91 -21.12
N LYS H 531 -4.95 2.74 -20.59
CA LYS H 531 -4.21 2.70 -19.33
C LYS H 531 -2.80 3.29 -19.48
N GLU H 532 -2.10 2.92 -20.56
CA GLU H 532 -0.76 3.48 -20.79
C GLU H 532 -0.82 4.97 -21.11
N PHE H 533 -1.87 5.40 -21.82
CA PHE H 533 -2.05 6.81 -22.09
C PHE H 533 -2.40 7.58 -20.82
N TRP H 534 -3.12 6.95 -19.89
CA TRP H 534 -3.41 7.63 -18.63
C TRP H 534 -2.17 7.74 -17.76
N GLU H 535 -1.29 6.73 -17.79
CA GLU H 535 0.00 6.85 -17.10
C GLU H 535 0.85 7.95 -17.73
N GLU H 536 0.86 8.04 -19.06
CA GLU H 536 1.64 9.06 -19.74
C GLU H 536 1.04 10.46 -19.58
N PHE H 537 -0.27 10.56 -19.36
CA PHE H 537 -0.91 11.84 -19.06
C PHE H 537 -0.74 12.25 -17.61
N CYS H 538 -0.67 11.28 -16.68
CA CYS H 538 -0.31 11.59 -15.31
C CYS H 538 1.15 12.02 -15.20
N LYS H 539 1.98 11.56 -16.13
CA LYS H 539 3.36 12.04 -16.23
C LYS H 539 3.40 13.51 -16.59
N GLY H 540 2.54 13.93 -17.50
CA GLY H 540 2.53 15.30 -17.98
C GLY H 540 1.90 15.37 -19.36
N GLN H 541 1.68 16.60 -19.82
CA GLN H 541 1.06 16.80 -21.12
C GLN H 541 2.01 16.43 -22.24
N LYS H 542 3.26 16.88 -22.17
CA LYS H 542 4.21 16.62 -23.25
C LYS H 542 4.65 15.17 -23.29
N ALA H 543 4.65 14.48 -22.13
CA ALA H 543 4.91 13.05 -22.12
C ALA H 543 3.82 12.28 -22.86
N ALA H 544 2.56 12.68 -22.66
CA ALA H 544 1.47 12.07 -23.41
C ALA H 544 1.52 12.42 -24.89
N ILE H 545 1.95 13.65 -25.23
CA ILE H 545 2.12 14.03 -26.62
C ILE H 545 3.19 13.19 -27.29
N LYS H 546 4.32 12.98 -26.60
CA LYS H 546 5.39 12.13 -27.10
C LYS H 546 4.94 10.69 -27.28
N TYR H 547 4.16 10.17 -26.31
CA TYR H 547 3.67 8.80 -26.38
C TYR H 547 2.71 8.60 -27.54
N ILE H 548 1.76 9.53 -27.72
CA ILE H 548 0.79 9.42 -28.81
C ILE H 548 1.46 9.65 -30.17
N THR H 549 2.48 10.52 -30.22
CA THR H 549 3.21 10.72 -31.47
C THR H 549 4.02 9.49 -31.85
N GLN H 550 4.62 8.79 -30.88
CA GLN H 550 5.33 7.55 -31.19
C GLN H 550 4.37 6.42 -31.56
N VAL H 551 3.19 6.37 -30.94
CA VAL H 551 2.22 5.36 -31.32
C VAL H 551 1.65 5.62 -32.71
N HIS H 552 1.55 6.90 -33.11
CA HIS H 552 1.01 7.23 -34.42
C HIS H 552 2.09 7.39 -35.50
N ARG H 553 3.38 7.42 -35.14
CA ARG H 553 4.44 7.64 -36.12
C ARG H 553 4.54 6.47 -37.09
N LYS H 554 4.39 6.77 -38.37
CA LYS H 554 4.56 5.76 -39.41
C LYS H 554 6.05 5.57 -39.61
N ASN H 555 6.47 4.33 -39.68
CA ASN H 555 7.86 4.03 -39.94
C ASN H 555 8.12 4.10 -41.44
N PRO H 556 9.09 4.88 -41.91
CA PRO H 556 9.42 4.88 -43.35
C PRO H 556 10.02 3.58 -43.86
N ASN H 557 10.40 2.66 -42.98
CA ASN H 557 11.00 1.39 -43.38
C ASN H 557 10.02 0.23 -43.43
N THR H 558 8.89 0.32 -42.71
CA THR H 558 7.92 -0.76 -42.69
C THR H 558 6.48 -0.33 -42.95
N GLY H 559 6.15 0.94 -42.78
CA GLY H 559 4.76 1.39 -42.93
C GLY H 559 3.84 0.85 -41.85
N ARG H 560 4.33 0.78 -40.62
CA ARG H 560 3.55 0.26 -39.51
C ARG H 560 3.42 1.36 -38.50
N ARG H 561 2.25 1.56 -37.94
CA ARG H 561 2.02 2.69 -37.05
C ARG H 561 2.57 2.46 -35.65
N ASN H 562 2.41 1.24 -35.12
CA ASN H 562 2.38 0.73 -33.73
C ASN H 562 0.99 0.91 -33.12
N TRP H 563 -0.01 1.29 -33.90
CA TRP H 563 -1.38 1.29 -33.40
C TRP H 563 -1.94 -0.13 -33.33
N ASN H 564 -3.16 -0.25 -32.84
CA ASN H 564 -3.84 -1.53 -32.92
C ASN H 564 -4.75 -1.55 -34.14
N PRO H 565 -4.74 -2.63 -34.92
CA PRO H 565 -5.50 -2.67 -36.18
C PRO H 565 -7.01 -2.79 -35.93
N PRO H 566 -7.82 -2.31 -36.86
CA PRO H 566 -9.28 -2.40 -36.70
C PRO H 566 -9.79 -3.81 -36.96
N GLU H 567 -11.10 -3.96 -36.80
CA GLU H 567 -11.79 -5.24 -36.98
C GLU H 567 -12.93 -5.04 -37.96
N GLY H 568 -12.84 -5.66 -39.13
CA GLY H 568 -13.91 -5.63 -40.10
C GLY H 568 -13.37 -5.50 -41.51
N ASP H 569 -14.29 -5.26 -42.45
CA ASP H 569 -13.95 -5.09 -43.86
C ASP H 569 -13.59 -3.63 -44.12
N PHE H 570 -12.39 -3.27 -43.66
CA PHE H 570 -11.90 -1.90 -43.73
C PHE H 570 -10.75 -1.86 -44.74
N THR H 571 -10.84 -0.94 -45.70
CA THR H 571 -9.74 -0.76 -46.65
C THR H 571 -8.66 0.12 -46.04
N ASP H 572 -7.52 0.18 -46.72
CA ASP H 572 -6.31 0.81 -46.18
C ASP H 572 -6.47 2.31 -46.00
N ASN H 573 -7.21 2.97 -46.91
CA ASN H 573 -7.48 4.39 -46.78
C ASN H 573 -8.32 4.69 -45.55
N GLU H 574 -9.35 3.87 -45.30
CA GLU H 574 -10.19 4.07 -44.11
C GLU H 574 -9.42 3.76 -42.84
N ILE H 575 -8.54 2.76 -42.87
CA ILE H 575 -7.72 2.42 -41.70
C ILE H 575 -6.76 3.57 -41.37
N GLU H 576 -6.19 4.19 -42.41
CA GLU H 576 -5.35 5.37 -42.19
C GLU H 576 -6.17 6.55 -41.66
N LYS H 577 -7.42 6.70 -42.14
CA LYS H 577 -8.27 7.78 -41.64
C LYS H 577 -8.65 7.56 -40.17
N LEU H 578 -8.92 6.33 -39.77
CA LEU H 578 -9.25 6.10 -38.35
C LEU H 578 -8.01 6.18 -37.46
N TYR H 579 -6.82 5.87 -38.00
CA TYR H 579 -5.59 6.11 -37.26
C TYR H 579 -5.39 7.61 -37.02
N GLU H 580 -5.63 8.43 -38.05
CA GLU H 580 -5.54 9.88 -37.90
C GLU H 580 -6.63 10.41 -36.97
N THR H 581 -7.81 9.79 -37.00
CA THR H 581 -8.90 10.14 -36.09
C THR H 581 -8.50 9.84 -34.65
N ALA H 582 -7.86 8.70 -34.41
CA ALA H 582 -7.39 8.34 -33.08
C ALA H 582 -6.31 9.30 -32.58
N TYR H 583 -5.39 9.68 -33.48
CA TYR H 583 -4.34 10.64 -33.12
C TYR H 583 -4.92 12.00 -32.75
N ASN H 584 -5.87 12.50 -33.56
CA ASN H 584 -6.47 13.80 -33.28
C ASN H 584 -7.34 13.77 -32.02
N THR H 585 -8.08 12.67 -31.82
CA THR H 585 -8.92 12.52 -30.64
C THR H 585 -8.09 12.47 -29.36
N LEU H 586 -6.98 11.72 -29.40
CA LEU H 586 -6.15 11.62 -28.20
C LEU H 586 -5.38 12.91 -27.94
N LEU H 587 -4.97 13.64 -28.99
CA LEU H 587 -4.35 14.95 -28.79
C LEU H 587 -5.32 15.96 -28.20
N SER H 588 -6.57 15.88 -28.63
CA SER H 588 -7.57 16.74 -28.07
C SER H 588 -7.69 16.40 -26.61
N LEU H 589 -7.76 15.12 -26.31
CA LEU H 589 -7.85 14.70 -24.91
C LEU H 589 -6.65 15.18 -24.09
N ILE H 590 -5.47 15.27 -24.71
CA ILE H 590 -4.29 15.82 -24.02
C ILE H 590 -4.51 17.30 -23.70
N LYS H 591 -5.21 18.03 -24.59
CA LYS H 591 -5.51 19.45 -24.34
C LYS H 591 -6.36 19.67 -23.08
N TYR H 592 -7.23 18.73 -22.74
CA TYR H 592 -8.15 18.85 -21.61
C TYR H 592 -7.39 18.75 -20.28
N ASP H 593 -8.12 18.93 -19.18
CA ASP H 593 -7.50 18.93 -17.86
C ASP H 593 -7.24 17.49 -17.38
N LYS H 594 -6.87 17.33 -16.11
CA LYS H 594 -6.51 16.02 -15.59
C LYS H 594 -7.71 15.31 -14.96
N ASN H 595 -8.89 15.94 -14.97
CA ASN H 595 -10.07 15.39 -14.33
C ASN H 595 -11.11 14.92 -15.35
N LYS H 596 -11.39 15.72 -16.38
CA LYS H 596 -12.36 15.32 -17.39
C LYS H 596 -11.83 14.19 -18.26
N VAL H 597 -10.51 14.09 -18.40
CA VAL H 597 -9.90 12.92 -19.01
C VAL H 597 -10.16 11.68 -18.18
N TYR H 598 -10.02 11.80 -16.86
CA TYR H 598 -10.36 10.70 -15.96
C TYR H 598 -11.85 10.38 -16.01
N ASN H 599 -12.70 11.41 -16.08
CA ASN H 599 -14.13 11.18 -16.18
C ASN H 599 -14.54 10.59 -17.53
N ILE H 600 -13.69 10.70 -18.55
CA ILE H 600 -13.94 10.04 -19.82
C ILE H 600 -13.46 8.59 -19.79
N LEU H 601 -12.25 8.35 -19.28
CA LEU H 601 -11.59 7.07 -19.49
C LEU H 601 -12.01 5.96 -18.51
N ILE H 602 -12.76 6.27 -17.46
CA ILE H 602 -13.35 5.19 -16.65
C ILE H 602 -14.57 4.59 -17.36
N ASN H 603 -15.16 5.31 -18.31
CA ASN H 603 -16.22 4.74 -19.13
C ASN H 603 -15.71 3.67 -20.10
N PHE H 604 -14.40 3.58 -20.31
CA PHE H 604 -13.80 2.58 -21.18
C PHE H 604 -12.73 1.74 -20.50
N ASN H 605 -12.05 2.26 -19.48
CA ASN H 605 -11.10 1.49 -18.67
C ASN H 605 -11.44 1.76 -17.21
N PRO H 606 -12.16 0.84 -16.54
CA PRO H 606 -12.51 1.04 -15.13
C PRO H 606 -11.34 1.18 -14.17
N LYS H 607 -10.19 0.64 -14.52
CA LYS H 607 -9.02 0.74 -13.66
C LYS H 607 -8.38 2.10 -13.79
N LEU H 608 -8.30 2.62 -15.00
CA LEU H 608 -7.69 3.92 -15.26
C LEU H 608 -8.39 4.65 -16.40
N LYS I 433 -43.48 24.55 15.35
CA LYS I 433 -43.98 23.53 14.44
C LYS I 433 -42.95 22.43 14.24
N VAL I 434 -43.41 21.24 13.90
CA VAL I 434 -42.55 20.11 13.54
C VAL I 434 -43.11 19.46 12.28
N VAL I 435 -42.27 19.33 11.25
CA VAL I 435 -42.57 18.51 10.09
C VAL I 435 -41.52 17.41 10.06
N LEU I 436 -41.95 16.15 10.21
CA LEU I 436 -41.02 15.06 10.47
C LEU I 436 -40.22 14.67 9.24
N ASN I 437 -40.79 14.82 8.04
CA ASN I 437 -40.14 14.62 6.74
C ASN I 437 -39.49 13.26 6.53
N ILE I 438 -39.83 12.28 7.36
CA ILE I 438 -39.26 10.95 7.31
C ILE I 438 -40.41 9.97 7.33
N ASN I 439 -40.17 8.76 6.81
CA ASN I 439 -41.15 7.70 6.96
C ASN I 439 -41.20 7.25 8.42
N THR I 440 -42.40 7.24 8.99
CA THR I 440 -42.60 6.81 10.36
C THR I 440 -42.84 5.31 10.47
N ASP I 441 -42.24 4.55 9.55
CA ASP I 441 -42.36 3.10 9.58
C ASP I 441 -41.16 2.49 10.31
N ASN I 442 -40.98 1.18 10.24
CA ASN I 442 -39.90 0.55 11.01
C ASN I 442 -40.09 1.06 12.41
N MET I 443 -41.09 0.80 13.04
CA MET I 443 -41.40 1.15 14.42
C MET I 443 -41.47 -0.13 15.24
N CYS I 444 -40.38 -0.42 15.96
CA CYS I 444 -40.34 -1.56 16.85
C CYS I 444 -40.97 -1.17 18.19
N ASN I 445 -41.16 -2.17 19.06
CA ASN I 445 -41.90 -1.86 20.32
C ASN I 445 -41.06 -2.19 21.56
N PHE I 446 -40.00 -1.45 21.81
CA PHE I 446 -39.22 -1.66 23.06
C PHE I 446 -40.12 -1.36 24.25
N ALA I 447 -40.08 -2.22 25.27
CA ALA I 447 -40.92 -2.02 26.47
C ALA I 447 -42.36 -1.78 26.04
N SER I 448 -43.01 -0.77 26.61
CA SER I 448 -44.41 -0.42 26.21
C SER I 448 -44.37 0.84 25.34
N TYR I 449 -43.27 1.07 24.63
CA TYR I 449 -43.14 2.30 23.82
C TYR I 449 -42.73 1.95 22.40
N ARG I 450 -43.55 2.33 21.43
CA ARG I 450 -43.22 2.07 20.00
C ARG I 450 -42.14 3.07 19.58
N LEU I 451 -40.87 2.73 19.82
CA LEU I 451 -39.76 3.64 19.46
C LEU I 451 -39.41 3.44 17.98
N MET I 452 -38.25 3.95 17.56
CA MET I 452 -37.78 3.79 16.16
C MET I 452 -36.45 4.54 16.08
N PRO I 453 -35.29 3.85 16.13
CA PRO I 453 -34.01 4.57 16.17
C PRO I 453 -33.78 5.38 14.91
N PHE I 454 -33.24 6.58 15.09
CA PHE I 454 -33.15 7.54 14.00
C PHE I 454 -31.86 8.33 14.12
N SER I 455 -31.34 8.75 12.97
CA SER I 455 -30.21 9.67 12.91
C SER I 455 -30.50 10.60 11.73
N GLY I 456 -30.67 11.89 12.02
CA GLY I 456 -31.01 12.85 10.99
C GLY I 456 -30.55 14.26 11.28
N PHE I 457 -31.28 15.25 10.78
CA PHE I 457 -30.90 16.65 10.92
C PHE I 457 -32.09 17.45 11.42
N ILE I 458 -31.89 18.25 12.46
CA ILE I 458 -32.87 19.25 12.87
C ILE I 458 -32.55 20.55 12.16
N VAL I 459 -33.52 21.09 11.44
CA VAL I 459 -33.33 22.31 10.66
C VAL I 459 -34.42 23.30 11.04
N GLU I 460 -34.02 24.50 11.46
CA GLU I 460 -34.97 25.59 11.71
C GLU I 460 -35.38 26.24 10.39
N ARG I 464 -40.70 27.22 12.89
CA ARG I 464 -40.89 26.26 11.81
C ARG I 464 -39.74 25.26 11.76
N ILE I 465 -39.46 24.65 12.92
CA ILE I 465 -38.44 23.61 13.00
C ILE I 465 -38.90 22.37 12.22
N GLU I 466 -37.96 21.73 11.52
CA GLU I 466 -38.32 20.58 10.69
C GLU I 466 -37.17 19.57 10.82
N ILE I 467 -37.46 18.47 11.53
CA ILE I 467 -36.59 17.28 11.55
C ILE I 467 -36.64 16.68 10.15
N ASN I 468 -35.49 16.38 9.55
CA ASN I 468 -35.51 15.80 8.21
C ASN I 468 -34.23 14.97 8.06
N ASP I 469 -34.23 14.00 7.12
CA ASP I 469 -33.25 12.92 7.08
C ASP I 469 -31.97 13.31 6.31
N LYS I 470 -31.17 12.30 5.94
CA LYS I 470 -29.93 12.50 5.20
C LYS I 470 -30.16 13.01 3.77
N ASN I 471 -31.37 12.84 3.22
CA ASN I 471 -31.67 13.31 1.86
C ASN I 471 -31.62 14.83 1.77
N TRP I 472 -31.98 15.52 2.85
CA TRP I 472 -31.82 16.97 2.94
C TRP I 472 -30.37 17.36 2.88
N PHE I 473 -29.50 16.60 3.55
CA PHE I 473 -28.09 16.94 3.57
C PHE I 473 -27.44 16.65 2.23
N ASP I 474 -27.91 15.61 1.54
CA ASP I 474 -27.51 15.38 0.16
C ASP I 474 -27.95 16.52 -0.75
N MET I 475 -29.20 16.99 -0.59
CA MET I 475 -29.73 18.06 -1.43
C MET I 475 -29.01 19.38 -1.18
N ILE I 476 -28.84 19.73 0.09
CA ILE I 476 -28.13 20.95 0.49
C ILE I 476 -26.65 20.89 0.12
N TRP I 477 -26.03 19.70 0.19
CA TRP I 477 -24.61 19.60 -0.11
C TRP I 477 -24.37 19.70 -1.61
N ASN I 478 -25.22 19.03 -2.41
CA ASN I 478 -25.13 19.18 -3.85
C ASN I 478 -25.43 20.60 -4.30
N GLU I 479 -26.44 21.23 -3.68
CA GLU I 479 -26.84 22.59 -4.04
C GLU I 479 -25.73 23.59 -3.80
N GLU I 480 -25.18 23.62 -2.58
CA GLU I 480 -24.15 24.61 -2.29
C GLU I 480 -22.78 24.22 -2.81
N TYR I 481 -22.50 22.92 -2.97
CA TYR I 481 -21.25 22.48 -3.57
C TYR I 481 -21.19 22.79 -5.05
N ASN I 482 -22.33 22.78 -5.76
CA ASN I 482 -22.33 23.26 -7.14
C ASN I 482 -22.52 24.76 -7.26
N LYS I 483 -23.15 25.40 -6.28
CA LYS I 483 -23.27 26.86 -6.29
C LYS I 483 -21.96 27.55 -5.95
N MET I 484 -21.02 26.83 -5.32
CA MET I 484 -19.67 27.34 -5.15
C MET I 484 -18.71 26.91 -6.24
N ARG I 485 -19.09 25.95 -7.09
CA ARG I 485 -18.28 25.56 -8.23
C ARG I 485 -18.34 26.58 -9.36
N SER I 486 -19.23 27.57 -9.24
CA SER I 486 -19.38 28.61 -10.26
C SER I 486 -18.23 29.62 -10.11
N GLN I 487 -17.07 29.22 -10.63
CA GLN I 487 -15.80 29.96 -10.58
C GLN I 487 -15.39 30.40 -9.18
N LEU I 504 -36.28 2.89 -11.95
CA LEU I 504 -35.89 1.64 -11.32
C LEU I 504 -37.01 0.61 -11.39
N PRO I 505 -36.68 -0.68 -11.45
CA PRO I 505 -37.73 -1.72 -11.43
C PRO I 505 -38.43 -1.78 -10.08
N ASP I 506 -39.67 -2.25 -10.11
CA ASP I 506 -40.47 -2.31 -8.89
C ASP I 506 -41.10 -3.67 -8.74
N MET I 507 -40.46 -4.54 -8.00
CA MET I 507 -40.99 -5.87 -7.68
C MET I 507 -41.31 -5.95 -6.20
N SER I 508 -42.18 -6.89 -5.84
CA SER I 508 -42.79 -6.91 -4.51
C SER I 508 -41.78 -7.28 -3.44
N HIS I 509 -42.03 -6.79 -2.21
CA HIS I 509 -41.12 -6.98 -1.09
C HIS I 509 -40.98 -8.44 -0.69
N ASP I 510 -42.11 -9.17 -0.72
CA ASP I 510 -42.08 -10.62 -0.46
C ASP I 510 -41.26 -11.35 -1.51
N LYS I 511 -41.39 -10.95 -2.78
CA LYS I 511 -40.60 -11.56 -3.84
C LYS I 511 -39.14 -11.16 -3.74
N ILE I 512 -38.86 -9.94 -3.25
CA ILE I 512 -37.47 -9.53 -2.99
C ILE I 512 -36.83 -10.43 -1.94
N ILE I 513 -37.54 -10.65 -0.81
CA ILE I 513 -37.01 -11.47 0.27
C ILE I 513 -36.85 -12.92 -0.17
N GLU I 514 -37.84 -13.44 -0.91
CA GLU I 514 -37.77 -14.82 -1.40
C GLU I 514 -36.64 -15.01 -2.41
N ASN I 515 -36.42 -14.02 -3.29
CA ASN I 515 -35.37 -14.17 -4.29
C ASN I 515 -33.98 -14.00 -3.68
N ILE I 516 -33.82 -13.12 -2.68
CA ILE I 516 -32.52 -13.02 -2.01
C ILE I 516 -32.26 -14.29 -1.21
N GLU I 517 -33.29 -14.89 -0.62
CA GLU I 517 -33.12 -16.17 0.07
C GLU I 517 -32.74 -17.29 -0.89
N TYR I 518 -33.37 -17.33 -2.07
CA TYR I 518 -33.05 -18.34 -3.07
C TYR I 518 -31.62 -18.19 -3.59
N LEU I 519 -31.23 -16.96 -3.93
CA LEU I 519 -29.88 -16.73 -4.43
C LEU I 519 -28.83 -16.86 -3.33
N PHE I 520 -29.23 -16.68 -2.08
CA PHE I 520 -28.31 -16.92 -0.97
C PHE I 520 -28.09 -18.41 -0.73
N ASN I 521 -29.12 -19.23 -0.96
CA ASN I 521 -28.96 -20.67 -0.80
C ASN I 521 -28.08 -21.26 -1.89
N ILE I 522 -28.17 -20.75 -3.13
CA ILE I 522 -27.37 -21.29 -4.22
C ILE I 522 -26.08 -20.50 -4.41
N LYS I 523 -25.81 -19.53 -3.53
CA LYS I 523 -24.53 -18.81 -3.44
C LYS I 523 -24.22 -17.98 -4.69
N ILE I 524 -25.26 -17.35 -5.23
CA ILE I 524 -25.05 -16.23 -6.15
C ILE I 524 -24.89 -14.93 -5.35
N LEU I 525 -25.74 -14.74 -4.35
CA LEU I 525 -25.63 -13.65 -3.40
C LEU I 525 -25.00 -14.19 -2.14
N SER I 526 -23.92 -13.57 -1.69
CA SER I 526 -23.14 -14.06 -0.56
C SER I 526 -22.97 -12.94 0.45
N LYS I 527 -22.35 -13.28 1.58
CA LYS I 527 -22.17 -12.29 2.66
C LYS I 527 -21.18 -11.20 2.28
N ASN I 528 -20.24 -11.50 1.38
CA ASN I 528 -19.38 -10.44 0.85
C ASN I 528 -20.14 -9.53 -0.11
N ARG I 529 -21.04 -10.11 -0.92
CA ARG I 529 -21.81 -9.30 -1.86
C ARG I 529 -22.86 -8.46 -1.15
N ILE I 530 -23.57 -9.05 -0.18
CA ILE I 530 -24.56 -8.33 0.61
C ILE I 530 -23.94 -7.24 1.47
N LYS I 531 -22.68 -7.39 1.89
CA LYS I 531 -21.99 -6.33 2.63
C LYS I 531 -21.47 -5.24 1.72
N GLU I 532 -20.88 -5.61 0.57
CA GLU I 532 -20.34 -4.61 -0.37
C GLU I 532 -21.47 -3.79 -1.00
N PHE I 533 -22.58 -4.45 -1.35
CA PHE I 533 -23.74 -3.75 -1.88
C PHE I 533 -24.35 -2.83 -0.82
N TRP I 534 -24.31 -3.23 0.44
CA TRP I 534 -24.77 -2.36 1.52
C TRP I 534 -23.86 -1.14 1.68
N GLU I 535 -22.55 -1.33 1.51
CA GLU I 535 -21.61 -0.21 1.57
C GLU I 535 -21.84 0.77 0.43
N GLU I 536 -22.09 0.27 -0.77
CA GLU I 536 -22.40 1.17 -1.88
C GLU I 536 -23.81 1.75 -1.77
N PHE I 537 -24.70 1.09 -1.04
CA PHE I 537 -26.01 1.67 -0.79
C PHE I 537 -25.94 2.81 0.21
N CYS I 538 -25.05 2.71 1.20
CA CYS I 538 -24.84 3.81 2.13
C CYS I 538 -24.18 5.00 1.46
N LYS I 539 -23.40 4.75 0.40
CA LYS I 539 -22.78 5.83 -0.36
C LYS I 539 -23.74 6.54 -1.29
N GLY I 540 -24.96 6.05 -1.44
CA GLY I 540 -25.98 6.69 -2.23
C GLY I 540 -26.74 5.67 -3.04
N GLN I 541 -27.62 6.18 -3.90
CA GLN I 541 -28.44 5.37 -4.79
C GLN I 541 -27.83 5.36 -6.20
N LYS I 542 -26.79 6.14 -6.41
CA LYS I 542 -26.06 6.20 -7.66
C LYS I 542 -24.78 5.37 -7.64
N ALA I 543 -24.17 5.20 -6.47
CA ALA I 543 -23.04 4.28 -6.36
C ALA I 543 -23.52 2.83 -6.36
N ALA I 544 -24.73 2.58 -5.82
CA ALA I 544 -25.28 1.23 -5.81
C ALA I 544 -25.65 0.77 -7.21
N ILE I 545 -26.17 1.68 -8.03
CA ILE I 545 -26.47 1.39 -9.44
C ILE I 545 -25.19 1.02 -10.18
N LYS I 546 -24.12 1.79 -9.94
CA LYS I 546 -22.83 1.55 -10.57
C LYS I 546 -22.23 0.22 -10.13
N TYR I 547 -22.35 -0.11 -8.85
CA TYR I 547 -21.78 -1.36 -8.34
C TYR I 547 -22.54 -2.58 -8.87
N ILE I 548 -23.87 -2.52 -8.87
CA ILE I 548 -24.67 -3.64 -9.34
C ILE I 548 -24.52 -3.82 -10.85
N THR I 549 -24.40 -2.71 -11.59
CA THR I 549 -24.13 -2.77 -13.03
C THR I 549 -22.75 -3.35 -13.31
N GLN I 550 -21.75 -2.98 -12.49
CA GLN I 550 -20.39 -3.49 -12.65
C GLN I 550 -20.32 -4.99 -12.37
N VAL I 551 -21.03 -5.45 -11.34
CA VAL I 551 -21.06 -6.88 -11.03
C VAL I 551 -21.82 -7.65 -12.12
N HIS I 552 -22.95 -7.11 -12.58
CA HIS I 552 -23.80 -7.84 -13.51
C HIS I 552 -23.25 -7.91 -14.92
N ARG I 553 -22.37 -6.99 -15.32
CA ARG I 553 -22.03 -6.82 -16.73
C ARG I 553 -21.23 -8.01 -17.25
N LYS I 554 -21.46 -8.31 -18.53
CA LYS I 554 -20.73 -9.35 -19.23
C LYS I 554 -19.58 -8.66 -19.94
N ASN I 555 -18.36 -9.02 -19.57
CA ASN I 555 -17.18 -8.49 -20.23
C ASN I 555 -17.15 -9.04 -21.65
N PRO I 556 -17.07 -8.18 -22.67
CA PRO I 556 -17.26 -8.64 -24.06
C PRO I 556 -16.21 -9.64 -24.54
N ASN I 557 -15.01 -9.59 -23.98
CA ASN I 557 -13.95 -10.49 -24.41
C ASN I 557 -14.06 -11.86 -23.74
N THR I 558 -14.38 -11.88 -22.45
CA THR I 558 -14.43 -13.14 -21.72
C THR I 558 -15.85 -13.70 -21.67
N GLY I 559 -16.85 -12.85 -21.44
CA GLY I 559 -18.20 -13.32 -21.21
C GLY I 559 -18.48 -13.70 -19.77
N ARG I 560 -17.64 -13.27 -18.84
CA ARG I 560 -17.71 -13.70 -17.45
C ARG I 560 -18.35 -12.58 -16.63
N ARG I 561 -19.55 -12.83 -16.13
CA ARG I 561 -20.16 -11.91 -15.18
C ARG I 561 -19.46 -12.02 -13.84
N ASN I 562 -19.47 -10.92 -13.09
CA ASN I 562 -18.73 -10.84 -11.83
C ASN I 562 -19.51 -11.40 -10.65
N TRP I 563 -20.66 -12.03 -10.88
CA TRP I 563 -21.38 -12.69 -9.81
C TRP I 563 -20.63 -13.93 -9.35
N ASN I 564 -20.94 -14.36 -8.13
CA ASN I 564 -20.52 -15.68 -7.70
C ASN I 564 -21.35 -16.72 -8.45
N PRO I 565 -20.72 -17.72 -9.05
CA PRO I 565 -21.47 -18.76 -9.79
C PRO I 565 -22.39 -19.56 -8.89
N PRO I 566 -23.52 -20.03 -9.42
CA PRO I 566 -24.47 -20.79 -8.58
C PRO I 566 -23.91 -22.14 -8.17
N GLU I 567 -24.42 -22.65 -7.06
CA GLU I 567 -24.02 -23.95 -6.53
C GLU I 567 -25.11 -24.96 -6.84
N GLY I 568 -24.82 -25.91 -7.71
CA GLY I 568 -25.80 -26.88 -8.13
C GLY I 568 -25.51 -27.38 -9.54
N ASP I 569 -26.57 -27.81 -10.21
CA ASP I 569 -26.48 -28.40 -11.54
C ASP I 569 -27.22 -27.58 -12.59
N PHE I 570 -27.25 -26.25 -12.41
CA PHE I 570 -27.98 -25.38 -13.32
C PHE I 570 -27.33 -25.29 -14.69
N THR I 571 -28.13 -25.30 -15.75
CA THR I 571 -27.60 -25.18 -17.10
C THR I 571 -27.38 -23.71 -17.44
N ASP I 572 -27.01 -23.43 -18.70
CA ASP I 572 -26.54 -22.11 -19.09
C ASP I 572 -27.64 -21.06 -19.05
N ASN I 573 -28.80 -21.37 -19.64
CA ASN I 573 -29.91 -20.41 -19.68
C ASN I 573 -30.48 -20.17 -18.29
N GLU I 574 -30.53 -21.21 -17.46
CA GLU I 574 -30.98 -21.05 -16.08
C GLU I 574 -29.99 -20.22 -15.27
N ILE I 575 -28.69 -20.39 -15.52
CA ILE I 575 -27.66 -19.61 -14.83
C ILE I 575 -27.77 -18.13 -15.21
N GLU I 576 -27.98 -17.84 -16.50
CA GLU I 576 -28.14 -16.45 -16.90
C GLU I 576 -29.47 -15.86 -16.43
N LYS I 577 -30.52 -16.69 -16.32
CA LYS I 577 -31.79 -16.23 -15.78
C LYS I 577 -31.66 -15.88 -14.30
N LEU I 578 -30.91 -16.69 -13.54
CA LEU I 578 -30.68 -16.37 -12.13
C LEU I 578 -29.77 -15.16 -11.96
N TYR I 579 -28.82 -14.96 -12.87
CA TYR I 579 -28.01 -13.75 -12.85
C TYR I 579 -28.86 -12.50 -13.10
N GLU I 580 -29.78 -12.59 -14.07
CA GLU I 580 -30.71 -11.49 -14.31
C GLU I 580 -31.68 -11.29 -13.15
N THR I 581 -32.04 -12.39 -12.47
CA THR I 581 -32.88 -12.29 -11.27
C THR I 581 -32.15 -11.55 -10.15
N ALA I 582 -30.86 -11.84 -9.98
CA ALA I 582 -30.04 -11.11 -9.00
C ALA I 582 -29.91 -9.64 -9.37
N TYR I 583 -29.73 -9.35 -10.66
CA TYR I 583 -29.66 -7.96 -11.14
C TYR I 583 -30.95 -7.21 -10.88
N ASN I 584 -32.09 -7.79 -11.24
CA ASN I 584 -33.37 -7.12 -11.07
C ASN I 584 -33.74 -6.98 -9.60
N THR I 585 -33.39 -7.98 -8.79
CA THR I 585 -33.72 -7.95 -7.38
C THR I 585 -32.90 -6.90 -6.64
N LEU I 586 -31.58 -6.89 -6.87
CA LEU I 586 -30.77 -5.87 -6.24
C LEU I 586 -30.96 -4.51 -6.87
N LEU I 587 -31.48 -4.43 -8.09
CA LEU I 587 -31.83 -3.12 -8.66
C LEU I 587 -33.09 -2.56 -8.04
N SER I 588 -34.11 -3.42 -7.84
CA SER I 588 -35.36 -2.98 -7.23
C SER I 588 -35.23 -2.75 -5.74
N LEU I 589 -34.20 -3.34 -5.11
CA LEU I 589 -34.03 -3.16 -3.68
C LEU I 589 -33.55 -1.72 -3.41
N ILE I 590 -32.91 -1.09 -4.35
CA ILE I 590 -32.41 0.22 -4.08
C ILE I 590 -33.58 1.18 -3.97
N LYS I 591 -34.66 0.92 -4.69
CA LYS I 591 -35.78 1.85 -4.68
C LYS I 591 -36.39 2.00 -3.30
N TYR I 592 -35.96 1.18 -2.34
CA TYR I 592 -36.48 1.22 -0.98
C TYR I 592 -35.56 2.06 -0.11
N ASP I 593 -36.08 2.47 1.05
CA ASP I 593 -35.31 3.31 1.97
C ASP I 593 -34.30 2.48 2.75
N LYS I 594 -33.39 3.19 3.45
CA LYS I 594 -32.24 2.57 4.11
C LYS I 594 -32.65 1.60 5.19
N ASN I 595 -33.69 1.94 5.96
CA ASN I 595 -34.16 1.08 7.04
C ASN I 595 -34.77 -0.21 6.50
N LYS I 596 -35.55 -0.12 5.43
CA LYS I 596 -36.18 -1.30 4.83
C LYS I 596 -35.14 -2.22 4.19
N VAL I 597 -34.15 -1.63 3.51
CA VAL I 597 -33.00 -2.36 2.98
C VAL I 597 -32.23 -3.06 4.09
N TYR I 598 -32.08 -2.38 5.24
CA TYR I 598 -31.36 -2.96 6.37
C TYR I 598 -32.11 -4.15 6.96
N ASN I 599 -33.44 -4.04 7.13
CA ASN I 599 -34.18 -5.18 7.69
C ASN I 599 -34.27 -6.34 6.70
N ILE I 600 -34.23 -6.04 5.41
CA ILE I 600 -34.22 -7.12 4.43
C ILE I 600 -32.90 -7.88 4.47
N LEU I 601 -31.77 -7.16 4.49
CA LEU I 601 -30.51 -7.90 4.39
C LEU I 601 -29.92 -8.29 5.75
N ILE I 602 -30.53 -7.87 6.86
CA ILE I 602 -29.96 -8.21 8.17
C ILE I 602 -30.21 -9.67 8.52
N ASN I 603 -31.19 -10.31 7.88
CA ASN I 603 -31.42 -11.74 8.10
C ASN I 603 -30.35 -12.57 7.43
N PHE I 604 -29.99 -12.19 6.20
CA PHE I 604 -29.04 -12.98 5.41
C PHE I 604 -27.61 -12.78 5.89
N ASN I 605 -27.24 -11.54 6.23
CA ASN I 605 -25.93 -11.24 6.79
C ASN I 605 -26.13 -10.59 8.15
N PRO I 606 -25.88 -11.28 9.25
CA PRO I 606 -26.14 -10.72 10.58
C PRO I 606 -25.16 -9.65 11.04
N LYS I 607 -24.09 -9.38 10.30
CA LYS I 607 -23.08 -8.40 10.67
C LYS I 607 -22.91 -7.36 9.57
N LEU I 608 -24.02 -6.83 9.08
CA LEU I 608 -24.01 -5.77 8.08
C LEU I 608 -23.55 -4.45 8.69
N LYS J 3 4.24 -39.07 13.87
CA LYS J 3 3.77 -38.96 12.50
C LYS J 3 4.94 -38.95 11.52
N THR J 4 4.62 -39.00 10.24
CA THR J 4 5.61 -39.00 9.18
C THR J 4 5.30 -37.90 8.18
N MET J 5 6.33 -37.49 7.44
CA MET J 5 6.20 -36.52 6.36
C MET J 5 6.92 -37.05 5.14
N LYS J 6 6.39 -36.76 3.96
CA LYS J 6 6.97 -37.27 2.72
C LYS J 6 7.69 -36.14 2.01
N LYS J 7 8.97 -36.34 1.72
CA LYS J 7 9.80 -35.36 1.01
C LYS J 7 10.08 -35.90 -0.39
N ILE J 8 9.65 -35.17 -1.41
CA ILE J 8 9.97 -35.49 -2.80
C ILE J 8 10.82 -34.34 -3.31
N TYR J 9 12.13 -34.54 -3.37
CA TYR J 9 13.04 -33.57 -3.95
C TYR J 9 13.06 -33.80 -5.45
N VAL J 10 12.56 -32.85 -6.21
CA VAL J 10 12.54 -32.94 -7.67
C VAL J 10 13.64 -32.05 -8.22
N THR J 11 14.38 -32.62 -9.17
CA THR J 11 15.44 -31.93 -9.90
C THR J 11 15.05 -31.96 -11.37
N MET J 12 14.80 -30.62 -11.86
CA MET J 12 14.33 -30.39 -13.24
C MET J 12 15.33 -29.86 -14.26
N LYS J 13 15.58 -30.72 -15.35
CA LYS J 13 16.52 -30.29 -16.38
C LYS J 13 15.72 -29.86 -17.60
N THR J 14 16.08 -28.72 -18.16
CA THR J 14 15.25 -28.05 -19.15
C THR J 14 15.67 -28.51 -20.53
N LEU J 15 14.74 -29.12 -21.28
CA LEU J 15 15.07 -29.79 -22.55
C LEU J 15 14.90 -28.88 -23.75
N SER J 16 13.91 -28.00 -23.71
CA SER J 16 13.69 -27.04 -24.76
C SER J 16 13.66 -25.71 -24.10
N PRO J 17 13.53 -24.64 -24.88
CA PRO J 17 13.52 -23.39 -24.12
C PRO J 17 12.36 -23.35 -23.14
N LEU J 18 12.50 -22.52 -22.10
CA LEU J 18 11.45 -22.37 -21.11
C LEU J 18 11.10 -20.89 -20.96
N TYR J 19 9.82 -20.62 -20.76
CA TYR J 19 9.35 -19.26 -20.53
C TYR J 19 8.21 -19.29 -19.51
N THR J 20 8.44 -18.68 -18.36
CA THR J 20 7.37 -18.29 -17.44
C THR J 20 7.44 -16.78 -17.30
N GLY J 21 6.35 -16.09 -17.66
CA GLY J 21 6.38 -14.65 -17.69
C GLY J 21 6.46 -14.04 -16.31
N GLU J 22 6.97 -12.82 -16.25
CA GLU J 22 7.06 -12.17 -14.99
C GLU J 22 5.68 -11.85 -14.56
N VAL J 23 5.50 -11.68 -13.27
CA VAL J 23 4.19 -11.38 -12.71
C VAL J 23 4.15 -10.05 -11.97
N ARG J 24 5.28 -9.58 -11.46
CA ARG J 24 5.30 -8.34 -10.70
C ARG J 24 5.19 -7.15 -11.64
N ARG J 25 4.34 -6.18 -11.28
CA ARG J 25 4.08 -5.03 -12.15
C ARG J 25 5.30 -4.14 -12.28
N GLU J 26 5.95 -3.83 -11.15
CA GLU J 26 7.18 -3.07 -11.08
C GLU J 26 8.38 -3.75 -11.74
N ASP J 27 8.33 -5.05 -12.02
CA ASP J 27 9.43 -5.68 -12.72
C ASP J 27 9.13 -5.86 -14.20
N LYS J 28 7.89 -5.70 -14.61
CA LYS J 28 7.56 -5.72 -16.02
C LYS J 28 7.63 -4.33 -16.65
N GLU J 29 6.94 -3.36 -16.05
CA GLU J 29 6.87 -2.00 -16.61
C GLU J 29 8.21 -1.28 -16.56
N ALA J 30 9.13 -1.71 -15.70
CA ALA J 30 10.50 -1.23 -15.75
C ALA J 30 11.35 -1.99 -16.77
N ALA J 31 10.82 -3.05 -17.36
CA ALA J 31 11.57 -3.87 -18.31
C ALA J 31 10.96 -3.87 -19.71
N GLN J 32 9.86 -3.14 -19.94
CA GLN J 32 9.26 -3.12 -21.27
C GLN J 32 10.07 -2.27 -22.25
N LYS J 33 10.97 -1.42 -21.77
CA LYS J 33 11.86 -0.68 -22.65
C LYS J 33 13.03 -1.51 -23.14
N ARG J 34 13.17 -2.74 -22.61
CA ARG J 34 14.28 -3.62 -22.97
C ARG J 34 13.84 -4.93 -23.58
N VAL J 35 12.80 -5.53 -23.05
CA VAL J 35 12.27 -6.81 -23.52
C VAL J 35 10.76 -6.75 -23.44
N ASN J 36 10.10 -7.62 -24.22
CA ASN J 36 8.64 -7.63 -24.21
C ASN J 36 8.06 -8.72 -23.33
N PHE J 37 8.77 -9.84 -23.16
CA PHE J 37 8.33 -10.94 -22.30
C PHE J 37 9.46 -11.31 -21.36
N PRO J 38 9.58 -10.61 -20.23
CA PRO J 38 10.61 -10.99 -19.25
C PRO J 38 10.26 -12.30 -18.55
N VAL J 39 11.29 -13.12 -18.30
CA VAL J 39 11.06 -14.37 -17.60
C VAL J 39 10.87 -14.11 -16.11
N ARG J 40 10.11 -14.99 -15.45
CA ARG J 40 9.77 -14.81 -14.05
C ARG J 40 10.99 -15.04 -13.17
N LYS J 41 11.25 -14.11 -12.26
CA LYS J 41 12.50 -14.05 -11.53
C LYS J 41 12.30 -13.77 -10.05
N THR J 42 13.33 -14.11 -9.28
CA THR J 42 13.48 -13.65 -7.91
C THR J 42 14.16 -12.28 -7.88
N ALA J 43 14.24 -11.72 -6.69
CA ALA J 43 15.08 -10.53 -6.49
C ALA J 43 16.54 -10.89 -6.27
N THR J 44 16.85 -12.16 -6.07
CA THR J 44 18.21 -12.66 -6.02
C THR J 44 18.70 -13.14 -7.38
N ASN J 45 18.00 -12.75 -8.45
CA ASN J 45 18.33 -13.06 -9.85
C ASN J 45 18.34 -14.57 -10.10
N LYS J 46 17.25 -15.22 -9.73
CA LYS J 46 17.04 -16.63 -9.97
C LYS J 46 15.65 -16.80 -10.57
N VAL J 47 15.45 -17.86 -11.33
CA VAL J 47 14.22 -18.02 -12.10
C VAL J 47 13.17 -18.75 -11.27
N LEU J 48 11.97 -18.17 -11.20
CA LEU J 48 10.83 -18.73 -10.50
C LEU J 48 9.85 -19.37 -11.48
N ILE J 49 9.42 -20.59 -11.17
CA ILE J 49 8.35 -21.23 -11.93
C ILE J 49 7.27 -21.68 -10.95
N PRO J 50 6.00 -21.33 -11.18
CA PRO J 50 4.92 -21.91 -10.36
C PRO J 50 4.79 -23.40 -10.63
N PHE J 51 4.72 -24.18 -9.55
CA PHE J 51 4.81 -25.63 -9.64
C PHE J 51 3.58 -26.36 -9.14
N LYS J 52 2.86 -25.81 -8.17
CA LYS J 52 1.68 -26.48 -7.64
C LYS J 52 0.55 -26.52 -8.65
N GLY J 53 0.36 -25.44 -9.39
CA GLY J 53 -0.69 -25.39 -10.39
C GLY J 53 -0.50 -26.33 -11.55
N ALA J 54 0.76 -26.55 -11.95
CA ALA J 54 1.03 -27.51 -13.02
C ALA J 54 0.74 -28.94 -12.58
N LEU J 55 1.13 -29.28 -11.34
CA LEU J 55 0.80 -30.59 -10.76
C LEU J 55 -0.70 -30.77 -10.63
N ARG J 56 -1.40 -29.74 -10.15
CA ARG J 56 -2.84 -29.81 -9.97
C ARG J 56 -3.57 -29.93 -11.31
N SER J 57 -3.15 -29.15 -12.32
CA SER J 57 -3.78 -29.22 -13.64
C SER J 57 -3.56 -30.58 -14.28
N ALA J 58 -2.33 -31.11 -14.14
CA ALA J 58 -2.01 -32.45 -14.64
C ALA J 58 -2.91 -33.49 -13.99
N LEU J 59 -2.97 -33.50 -12.65
CA LEU J 59 -3.72 -34.53 -11.94
C LEU J 59 -5.22 -34.40 -12.18
N GLU J 60 -5.74 -33.18 -12.32
CA GLU J 60 -7.16 -33.05 -12.64
C GLU J 60 -7.48 -33.53 -14.06
N ILE J 61 -6.60 -33.31 -15.05
CA ILE J 61 -6.84 -33.84 -16.39
C ILE J 61 -6.85 -35.36 -16.41
N MET J 62 -5.82 -36.00 -15.83
CA MET J 62 -5.75 -37.46 -15.90
C MET J 62 -6.77 -38.14 -14.98
N LEU J 63 -7.04 -37.59 -13.80
CA LEU J 63 -8.07 -38.18 -12.93
C LEU J 63 -9.49 -37.90 -13.42
N LYS J 64 -9.71 -36.81 -14.17
CA LYS J 64 -11.01 -36.58 -14.77
C LYS J 64 -11.24 -37.53 -15.94
N ALA J 65 -10.21 -37.75 -16.76
CA ALA J 65 -10.39 -38.67 -17.88
C ALA J 65 -10.28 -40.14 -17.48
N LYS J 66 -9.89 -40.46 -16.24
CA LYS J 66 -9.88 -41.86 -15.80
C LYS J 66 -11.25 -42.33 -15.32
N GLY J 67 -12.19 -41.42 -15.05
CA GLY J 67 -13.51 -41.80 -14.59
C GLY J 67 -13.77 -41.58 -13.11
N GLU J 68 -12.72 -41.29 -12.32
CA GLU J 68 -12.93 -40.90 -10.93
C GLU J 68 -13.51 -39.50 -10.80
N ASN J 69 -14.30 -39.31 -9.75
CA ASN J 69 -14.84 -37.99 -9.43
C ASN J 69 -13.71 -37.12 -8.87
N VAL J 70 -13.43 -36.05 -9.61
CA VAL J 70 -12.57 -34.95 -9.20
C VAL J 70 -13.26 -33.66 -9.55
N CYS J 71 -13.07 -32.66 -8.71
CA CYS J 71 -13.53 -31.31 -8.99
C CYS J 71 -12.67 -30.68 -10.07
N ASP J 72 -13.27 -29.75 -10.81
CA ASP J 72 -12.57 -29.02 -11.85
C ASP J 72 -12.38 -27.60 -11.32
N THR J 73 -11.16 -27.30 -10.89
CA THR J 73 -10.79 -25.96 -10.45
C THR J 73 -10.28 -25.10 -11.59
N GLY J 74 -10.43 -25.58 -12.83
CA GLY J 74 -9.99 -24.85 -13.98
C GLY J 74 -10.99 -23.80 -14.41
N GLU J 75 -12.28 -24.08 -14.22
CA GLU J 75 -13.32 -23.13 -14.56
C GLU J 75 -13.26 -21.92 -13.64
N SER J 76 -13.77 -20.80 -14.13
CA SER J 76 -13.66 -19.54 -13.41
C SER J 76 -14.53 -19.55 -12.18
N ARG J 77 -13.76 -19.11 -11.02
CA ARG J 77 -14.42 -19.09 -9.71
C ARG J 77 -15.04 -20.42 -9.47
N ALA J 78 -14.36 -21.42 -9.53
CA ALA J 78 -14.73 -22.79 -9.18
C ALA J 78 -14.49 -23.04 -7.70
N ARG J 79 -15.24 -23.99 -7.16
CA ARG J 79 -15.14 -24.36 -5.76
C ARG J 79 -14.70 -25.82 -5.67
N PRO J 80 -13.61 -26.12 -4.98
CA PRO J 80 -13.22 -27.52 -4.79
C PRO J 80 -14.24 -28.27 -3.95
N CYS J 81 -14.43 -29.54 -4.30
CA CYS J 81 -15.48 -30.34 -3.65
C CYS J 81 -15.09 -30.72 -2.22
N GLY J 82 -13.80 -30.86 -1.94
CA GLY J 82 -13.36 -31.25 -0.62
C GLY J 82 -13.32 -32.74 -0.37
N ARG J 83 -13.75 -33.55 -1.35
CA ARG J 83 -13.80 -34.99 -1.18
C ARG J 83 -12.90 -35.76 -2.14
N CYS J 84 -12.43 -35.14 -3.22
CA CYS J 84 -11.68 -35.86 -4.23
C CYS J 84 -10.22 -35.99 -3.83
N VAL J 85 -9.44 -36.64 -4.70
CA VAL J 85 -8.04 -36.92 -4.41
C VAL J 85 -7.21 -35.66 -4.51
N THR J 86 -7.44 -34.84 -5.54
CA THR J 86 -6.70 -33.59 -5.67
C THR J 86 -7.13 -32.57 -4.63
N CYS J 87 -8.34 -32.69 -4.10
CA CYS J 87 -8.76 -31.87 -2.97
C CYS J 87 -7.97 -32.22 -1.72
N SER J 88 -7.71 -33.51 -1.50
CA SER J 88 -6.91 -33.92 -0.36
C SER J 88 -5.45 -33.56 -0.55
N LEU J 89 -4.93 -33.68 -1.77
CA LEU J 89 -3.52 -33.45 -2.00
C LEU J 89 -3.17 -31.96 -2.06
N PHE J 90 -3.88 -31.21 -2.90
CA PHE J 90 -3.52 -29.82 -3.20
C PHE J 90 -4.45 -28.81 -2.56
N GLY J 91 -5.38 -29.24 -1.72
CA GLY J 91 -6.17 -28.31 -0.94
C GLY J 91 -7.59 -28.17 -1.47
N SER J 92 -8.42 -27.57 -0.64
CA SER J 92 -9.79 -27.35 -1.01
C SER J 92 -10.25 -26.16 -0.26
N MET J 93 -11.54 -25.91 -0.31
CA MET J 93 -12.10 -24.80 0.42
C MET J 93 -12.63 -25.35 1.72
N GLY J 94 -11.91 -25.17 2.79
CA GLY J 94 -12.19 -25.62 4.14
C GLY J 94 -11.08 -26.45 4.72
N ARG J 95 -10.24 -27.00 3.85
CA ARG J 95 -9.04 -27.70 4.29
C ARG J 95 -7.85 -27.08 3.57
N ALA J 96 -6.66 -27.65 3.73
CA ALA J 96 -5.46 -27.16 3.06
C ALA J 96 -4.76 -28.31 2.39
N GLY J 97 -3.81 -27.97 1.53
CA GLY J 97 -3.05 -29.00 0.82
C GLY J 97 -2.10 -29.72 1.75
N ARG J 98 -2.19 -31.05 1.76
CA ARG J 98 -1.14 -31.83 2.40
C ARG J 98 0.18 -31.66 1.66
N ALA J 99 0.14 -31.66 0.34
CA ALA J 99 1.34 -31.51 -0.49
C ALA J 99 1.61 -30.02 -0.69
N SER J 100 2.49 -29.48 0.15
CA SER J 100 3.03 -28.15 -0.06
C SER J 100 4.13 -28.24 -1.11
N VAL J 101 3.94 -27.53 -2.22
CA VAL J 101 4.78 -27.62 -3.40
C VAL J 101 5.59 -26.34 -3.50
N ASP J 102 6.91 -26.44 -3.35
CA ASP J 102 7.76 -25.26 -3.47
C ASP J 102 7.87 -24.78 -4.91
N PHE J 103 8.33 -23.55 -5.05
CA PHE J 103 8.67 -22.96 -6.32
C PHE J 103 9.88 -23.66 -6.92
N LEU J 104 9.99 -23.59 -8.24
CA LEU J 104 11.11 -24.21 -8.93
C LEU J 104 12.24 -23.19 -8.97
N ILE J 105 13.14 -23.27 -8.00
CA ILE J 105 14.27 -22.35 -7.90
C ILE J 105 15.39 -22.85 -8.79
N SER J 106 15.90 -21.98 -9.65
CA SER J 106 17.04 -22.33 -10.50
C SER J 106 18.31 -22.40 -9.67
N ASN J 107 19.20 -23.33 -10.04
CA ASN J 107 20.50 -23.43 -9.38
C ASN J 107 21.48 -22.37 -9.86
N ASP J 108 21.18 -21.70 -10.97
CA ASP J 108 22.07 -20.71 -11.55
C ASP J 108 21.42 -19.33 -11.52
N THR J 109 22.24 -18.27 -11.89
CA THR J 109 21.62 -16.96 -11.80
C THR J 109 20.84 -16.72 -13.08
N LYS J 110 20.65 -15.50 -13.49
CA LYS J 110 20.07 -15.24 -14.80
C LYS J 110 21.18 -14.99 -15.83
N GLU J 111 22.37 -14.49 -15.36
CA GLU J 111 23.45 -14.27 -16.30
C GLU J 111 24.02 -15.55 -16.88
N GLN J 112 23.67 -16.71 -16.32
CA GLN J 112 24.12 -17.99 -16.84
C GLN J 112 23.05 -18.70 -17.66
N ILE J 113 21.79 -18.70 -17.22
CA ILE J 113 20.80 -19.56 -17.87
C ILE J 113 19.57 -18.80 -18.39
N VAL J 114 19.65 -17.48 -18.51
CA VAL J 114 18.59 -16.69 -19.11
C VAL J 114 19.18 -15.93 -20.30
N ARG J 115 18.55 -16.05 -21.47
CA ARG J 115 18.94 -15.28 -22.63
C ARG J 115 17.74 -14.51 -23.15
N GLU J 116 18.02 -13.61 -24.08
CA GLU J 116 17.05 -12.65 -24.59
C GLU J 116 16.91 -12.85 -26.09
N SER J 117 15.84 -13.52 -26.50
CA SER J 117 15.61 -13.96 -27.87
C SER J 117 14.72 -12.98 -28.63
N THR J 118 14.74 -13.11 -29.94
CA THR J 118 13.97 -12.26 -30.86
C THR J 118 13.06 -13.16 -31.67
N HIS J 119 11.76 -13.11 -31.40
CA HIS J 119 10.79 -13.88 -32.17
C HIS J 119 10.03 -12.96 -33.12
N LEU J 120 9.47 -13.56 -34.17
CA LEU J 120 8.84 -12.83 -35.25
C LEU J 120 7.41 -13.30 -35.45
N ARG J 121 6.75 -12.64 -36.38
CA ARG J 121 5.45 -13.06 -36.93
C ARG J 121 5.47 -12.70 -38.40
N ILE J 122 5.17 -13.68 -39.25
CA ILE J 122 5.49 -13.64 -40.67
C ILE J 122 4.18 -13.73 -41.46
N GLU J 123 4.02 -12.82 -42.43
CA GLU J 123 2.85 -12.83 -43.30
C GLU J 123 2.86 -14.08 -44.18
N ARG J 124 1.65 -14.53 -44.56
CA ARG J 124 1.52 -15.80 -45.25
C ARG J 124 1.60 -15.64 -46.76
N GLN J 125 1.08 -14.54 -47.31
CA GLN J 125 1.09 -14.34 -48.76
C GLN J 125 2.49 -13.98 -49.25
N THR J 126 3.20 -13.13 -48.52
CA THR J 126 4.44 -12.54 -48.99
C THR J 126 5.69 -12.99 -48.26
N LYS J 127 5.55 -13.73 -47.14
CA LYS J 127 6.66 -14.27 -46.33
C LYS J 127 7.63 -13.19 -45.86
N SER J 128 7.10 -12.20 -45.15
CA SER J 128 7.88 -11.10 -44.62
C SER J 128 7.64 -10.97 -43.12
N ALA J 129 8.66 -10.51 -42.40
CA ALA J 129 8.58 -10.39 -40.95
C ALA J 129 7.66 -9.26 -40.55
N SER J 130 6.39 -9.60 -40.29
CA SER J 130 5.39 -8.58 -40.02
C SER J 130 5.55 -7.98 -38.63
N ASP J 131 5.77 -8.83 -37.62
CA ASP J 131 5.93 -8.36 -36.25
C ASP J 131 7.22 -8.88 -35.67
N THR J 132 7.78 -8.13 -34.72
CA THR J 132 8.95 -8.55 -33.97
C THR J 132 8.70 -8.28 -32.49
N PHE J 133 9.09 -9.25 -31.65
CA PHE J 133 9.05 -9.06 -30.22
C PHE J 133 10.23 -9.79 -29.61
N LYS J 134 10.58 -9.40 -28.39
CA LYS J 134 11.72 -9.97 -27.69
C LYS J 134 11.28 -10.62 -26.40
N GLY J 135 11.82 -11.80 -26.12
CA GLY J 135 11.43 -12.52 -24.93
C GLY J 135 12.59 -13.15 -24.20
N GLU J 136 12.57 -13.09 -22.88
CA GLU J 136 13.60 -13.76 -22.09
C GLU J 136 13.21 -15.22 -21.94
N GLU J 137 14.12 -16.11 -22.34
CA GLU J 137 13.88 -17.55 -22.21
C GLU J 137 14.97 -18.17 -21.35
N VAL J 138 14.63 -19.28 -20.72
CA VAL J 138 15.58 -20.06 -19.95
C VAL J 138 16.25 -21.06 -20.88
N ILE J 139 17.59 -21.15 -20.79
CA ILE J 139 18.36 -22.00 -21.68
C ILE J 139 18.12 -23.48 -21.37
N GLU J 140 18.58 -24.32 -22.27
CA GLU J 140 18.40 -25.76 -22.16
C GLU J 140 19.42 -26.34 -21.20
N GLY J 141 18.99 -27.34 -20.43
CA GLY J 141 19.86 -27.93 -19.44
C GLY J 141 20.00 -27.16 -18.16
N ALA J 142 19.22 -26.09 -17.98
CA ALA J 142 19.22 -25.36 -16.72
C ALA J 142 18.59 -26.21 -15.62
N THR J 143 19.22 -26.24 -14.47
CA THR J 143 18.71 -27.10 -13.44
C THR J 143 17.92 -26.35 -12.43
N PHE J 144 16.74 -26.84 -12.16
CA PHE J 144 15.83 -26.29 -11.19
C PHE J 144 15.60 -27.33 -10.10
N THR J 145 15.31 -26.87 -8.89
CA THR J 145 15.07 -27.77 -7.78
C THR J 145 13.83 -27.34 -7.01
N ALA J 146 13.08 -28.32 -6.52
CA ALA J 146 11.94 -28.04 -5.66
C ALA J 146 11.73 -29.22 -4.74
N THR J 147 10.95 -29.00 -3.70
CA THR J 147 10.68 -30.01 -2.67
C THR J 147 9.18 -30.06 -2.43
N ILE J 148 8.58 -31.22 -2.62
CA ILE J 148 7.18 -31.43 -2.29
C ILE J 148 7.12 -32.07 -0.92
N THR J 149 6.48 -31.40 0.03
CA THR J 149 6.37 -31.88 1.40
C THR J 149 4.92 -32.28 1.63
N ILE J 150 4.68 -33.55 1.92
CA ILE J 150 3.34 -34.06 2.16
C ILE J 150 3.21 -34.32 3.65
N SER J 151 2.19 -33.70 4.26
CA SER J 151 2.07 -33.65 5.71
C SER J 151 1.52 -34.96 6.28
N ASN J 152 0.35 -35.38 5.82
CA ASN J 152 -0.21 -36.68 6.18
C ASN J 152 -0.11 -37.59 4.96
N PRO J 153 0.98 -38.34 4.79
CA PRO J 153 1.15 -39.11 3.56
C PRO J 153 0.31 -40.38 3.53
N GLN J 154 -0.12 -40.73 2.32
CA GLN J 154 -0.81 -41.98 2.05
C GLN J 154 0.08 -42.85 1.16
N GLU J 155 -0.48 -43.97 0.73
CA GLU J 155 0.27 -44.90 -0.12
C GLU J 155 0.20 -44.54 -1.60
N LYS J 156 -0.58 -43.52 -1.93
CA LYS J 156 -0.79 -43.15 -3.32
C LYS J 156 -0.56 -41.69 -3.63
N ASP J 157 0.20 -40.99 -2.80
CA ASP J 157 0.53 -39.60 -3.09
C ASP J 157 1.78 -39.47 -3.96
N LEU J 158 2.80 -40.29 -3.70
CA LEU J 158 4.03 -40.25 -4.49
C LEU J 158 3.77 -40.74 -5.91
N SER J 159 2.91 -41.75 -6.07
CA SER J 159 2.55 -42.24 -7.39
C SER J 159 1.81 -41.18 -8.20
N LEU J 160 0.90 -40.45 -7.56
CA LEU J 160 0.16 -39.40 -8.26
C LEU J 160 1.07 -38.21 -8.60
N ILE J 161 2.02 -37.90 -7.70
CA ILE J 161 2.99 -36.83 -7.98
C ILE J 161 3.89 -37.21 -9.15
N GLN J 162 4.34 -38.47 -9.20
CA GLN J 162 5.19 -38.93 -10.29
C GLN J 162 4.41 -38.99 -11.61
N SER J 163 3.13 -39.37 -11.57
CA SER J 163 2.29 -39.35 -12.76
C SER J 163 2.06 -37.93 -13.27
N ALA J 164 1.85 -36.98 -12.35
CA ALA J 164 1.74 -35.58 -12.74
C ALA J 164 3.03 -35.05 -13.33
N LEU J 165 4.19 -35.49 -12.79
CA LEU J 165 5.47 -35.09 -13.35
C LEU J 165 5.68 -35.64 -14.75
N LYS J 166 5.28 -36.90 -14.98
CA LYS J 166 5.40 -37.47 -16.32
C LYS J 166 4.46 -36.79 -17.31
N PHE J 167 3.26 -36.41 -16.86
CA PHE J 167 2.36 -35.62 -17.70
C PHE J 167 2.93 -34.23 -17.98
N ILE J 168 3.70 -33.68 -17.05
CA ILE J 168 4.34 -32.38 -17.28
C ILE J 168 5.45 -32.50 -18.32
N GLU J 169 6.27 -33.56 -18.22
CA GLU J 169 7.28 -33.80 -19.26
C GLU J 169 6.65 -34.08 -20.63
N GLU J 170 5.46 -34.67 -20.65
CA GLU J 170 4.81 -34.90 -21.94
C GLU J 170 4.19 -33.61 -22.50
N ASN J 171 3.56 -32.79 -21.64
CA ASN J 171 2.94 -31.55 -22.09
C ASN J 171 3.89 -30.35 -22.08
N GLY J 172 4.44 -30.02 -20.92
CA GLY J 172 5.28 -28.85 -20.77
C GLY J 172 4.88 -28.09 -19.52
N ILE J 173 5.83 -27.31 -18.99
CA ILE J 173 5.60 -26.48 -17.83
C ILE J 173 5.77 -25.03 -18.26
N GLY J 174 5.09 -24.13 -17.55
CA GLY J 174 5.22 -22.72 -17.87
C GLY J 174 4.36 -22.31 -19.07
N GLY J 175 4.82 -21.27 -19.76
CA GLY J 175 4.10 -20.70 -20.86
C GLY J 175 4.65 -21.10 -22.22
N TRP J 176 3.92 -20.67 -23.26
CA TRP J 176 4.22 -20.93 -24.68
C TRP J 176 4.34 -22.41 -24.98
N LEU J 177 3.42 -23.20 -24.42
CA LEU J 177 3.55 -24.66 -24.45
C LEU J 177 3.32 -25.24 -25.84
N ASN J 178 2.44 -24.63 -26.63
CA ASN J 178 2.14 -25.15 -27.96
C ASN J 178 3.22 -24.82 -28.98
N LYS J 179 4.09 -23.87 -28.70
CA LYS J 179 5.19 -23.53 -29.60
C LYS J 179 6.41 -24.42 -29.39
N GLY J 180 6.36 -25.31 -28.40
CA GLY J 180 7.48 -26.15 -28.07
C GLY J 180 8.25 -25.73 -26.84
N TYR J 181 7.91 -24.57 -26.26
CA TYR J 181 8.62 -24.10 -25.08
C TYR J 181 8.21 -24.90 -23.84
N GLY J 182 9.17 -25.14 -22.96
CA GLY J 182 8.88 -25.69 -21.66
C GLY J 182 8.90 -27.19 -21.53
N ARG J 183 9.43 -27.93 -22.51
CA ARG J 183 9.59 -29.36 -22.37
C ARG J 183 10.75 -29.64 -21.41
N VAL J 184 10.50 -30.50 -20.41
CA VAL J 184 11.41 -30.68 -19.29
C VAL J 184 11.64 -32.16 -19.03
N SER J 185 12.59 -32.45 -18.15
CA SER J 185 12.88 -33.79 -17.65
C SER J 185 13.00 -33.73 -16.14
N PHE J 186 12.41 -34.70 -15.45
CA PHE J 186 12.31 -34.70 -14.00
C PHE J 186 13.06 -35.88 -13.40
N GLU J 187 13.72 -35.64 -12.27
CA GLU J 187 14.35 -36.67 -11.46
C GLU J 187 13.81 -36.53 -10.05
N VAL J 188 13.41 -37.64 -9.45
CA VAL J 188 12.76 -37.63 -8.14
C VAL J 188 13.64 -38.35 -7.13
N LYS J 189 13.80 -37.74 -5.96
CA LYS J 189 14.40 -38.38 -4.80
C LYS J 189 13.36 -38.33 -3.69
N SER J 190 12.76 -39.48 -3.38
CA SER J 190 11.68 -39.56 -2.41
C SER J 190 12.21 -40.16 -1.12
N GLU J 191 11.76 -39.60 0.00
CA GLU J 191 12.14 -40.11 1.32
C GLU J 191 11.02 -39.82 2.31
N ASP J 192 11.02 -40.57 3.40
CA ASP J 192 9.95 -40.50 4.38
C ASP J 192 10.58 -40.13 5.73
N VAL J 193 10.50 -38.85 6.08
CA VAL J 193 11.09 -38.34 7.30
C VAL J 193 10.10 -38.40 8.45
N ALA J 194 10.59 -38.27 9.67
CA ALA J 194 9.74 -38.10 10.83
C ALA J 194 9.52 -36.62 11.08
N THR J 195 8.34 -36.29 11.60
CA THR J 195 8.01 -34.89 11.84
C THR J 195 8.77 -34.33 13.04
N ASP J 196 9.11 -35.17 14.02
CA ASP J 196 9.86 -34.76 15.20
C ASP J 196 11.37 -34.85 15.00
N ARG J 197 11.85 -34.72 13.76
CA ARG J 197 13.27 -34.98 13.50
C ARG J 197 14.16 -33.79 13.83
N PHE J 198 13.60 -32.60 14.06
CA PHE J 198 14.41 -31.43 14.32
C PHE J 198 14.66 -31.22 15.80
N LEU J 199 14.14 -32.09 16.65
CA LEU J 199 14.25 -31.93 18.09
C LEU J 199 15.52 -32.59 18.62
N LYS K 139 20.28 40.70 22.61
CA LYS K 139 20.96 41.84 21.98
C LYS K 139 19.94 42.78 21.36
N ILE K 140 19.84 43.99 21.93
CA ILE K 140 18.94 45.03 21.42
C ILE K 140 19.75 46.32 21.30
N THR K 141 20.04 46.74 20.08
CA THR K 141 20.67 48.03 19.84
C THR K 141 19.59 49.08 19.58
N PHE K 142 20.18 50.33 19.33
CA PHE K 142 19.31 51.45 19.09
C PHE K 142 19.76 52.28 17.90
N TYR K 143 18.77 53.04 17.34
CA TYR K 143 19.16 54.00 16.30
C TYR K 143 18.16 55.15 16.33
N ASN K 144 18.13 55.94 15.25
CA ASN K 144 17.31 57.15 15.20
C ASN K 144 15.83 56.87 14.98
N ASN K 145 15.00 57.12 15.99
CA ASN K 145 13.54 57.10 15.81
C ASN K 145 13.02 58.33 15.04
N SER K 153 15.65 53.15 16.59
CA SER K 153 15.15 51.97 15.93
C SER K 153 15.54 50.71 16.70
N VAL K 154 14.53 49.95 17.14
CA VAL K 154 14.78 48.73 17.91
C VAL K 154 15.28 47.63 16.98
N PHE K 155 16.36 46.98 17.38
CA PHE K 155 17.09 45.98 16.59
C PHE K 155 17.25 44.69 17.39
N ILE K 156 16.15 44.15 17.88
CA ILE K 156 16.16 42.95 18.73
C ILE K 156 16.64 41.71 17.96
N GLU K 157 17.81 41.19 18.35
CA GLU K 157 18.33 39.93 17.81
C GLU K 157 17.90 38.79 18.71
N THR K 158 17.22 37.82 18.14
CA THR K 158 16.95 36.57 18.83
C THR K 158 17.72 35.45 18.13
N HIS K 159 17.56 34.24 18.66
CA HIS K 159 18.12 33.06 18.01
C HIS K 159 17.38 32.72 16.72
N ASN K 160 16.15 33.17 16.57
CA ASN K 160 15.34 32.97 15.38
C ASN K 160 15.00 34.34 14.79
N GLY K 161 15.73 34.74 13.76
CA GLY K 161 15.42 35.94 13.03
C GLY K 161 16.06 37.18 13.62
N ASN K 162 16.04 38.25 12.83
CA ASN K 162 16.68 39.50 13.22
C ASN K 162 15.67 40.62 12.96
N TYR K 163 14.86 40.92 13.95
CA TYR K 163 13.81 41.93 13.77
C TYR K 163 14.41 43.34 13.82
N LEU K 164 13.76 44.26 13.10
CA LEU K 164 14.15 45.67 13.16
C LEU K 164 12.86 46.49 13.15
N PHE K 165 12.56 47.12 14.28
CA PHE K 165 11.42 48.02 14.42
C PHE K 165 11.89 49.42 14.06
N SER K 166 11.35 49.99 12.97
CA SER K 166 11.70 51.34 12.58
C SER K 166 10.61 52.33 12.99
N ASP K 182 19.45 56.61 10.51
CA ASP K 182 20.54 55.66 10.78
C ASP K 182 20.02 54.24 10.61
N MET K 183 20.88 53.37 10.09
CA MET K 183 20.56 51.98 9.85
C MET K 183 21.67 51.09 10.39
N PRO K 184 21.36 49.85 10.77
CA PRO K 184 22.42 48.95 11.26
C PRO K 184 23.30 48.37 10.17
N ASP K 185 24.20 47.46 10.58
CA ASP K 185 25.16 46.86 9.66
C ASP K 185 24.98 45.37 9.46
N GLY K 186 24.18 44.70 10.28
CA GLY K 186 23.97 43.27 10.17
C GLY K 186 22.76 42.91 9.34
N ASN K 187 22.36 41.64 9.36
CA ASN K 187 21.19 41.23 8.61
C ASN K 187 19.90 41.63 9.30
N VAL K 188 19.02 42.33 8.59
CA VAL K 188 17.73 42.71 9.14
C VAL K 188 16.68 41.80 8.54
N ASP K 189 16.52 40.61 9.08
CA ASP K 189 15.58 39.65 8.47
C ASP K 189 14.11 40.08 8.36
N TYR K 190 13.58 40.70 9.41
CA TYR K 190 12.26 41.31 9.38
C TYR K 190 12.39 42.80 9.67
N LEU K 191 11.85 43.62 8.78
CA LEU K 191 11.82 45.08 8.92
C LEU K 191 10.37 45.54 9.10
N ILE K 192 10.13 46.43 10.05
CA ILE K 192 8.78 46.92 10.33
C ILE K 192 8.75 48.42 10.11
N LEU K 193 7.84 48.88 9.24
CA LEU K 193 7.77 50.28 8.91
C LEU K 193 6.41 50.84 9.31
N GLU K 377 10.44 58.00 0.17
CA GLU K 377 11.80 58.18 0.69
C GLU K 377 12.28 56.97 1.48
N LEU K 378 11.34 56.21 2.04
CA LEU K 378 11.71 55.02 2.78
C LEU K 378 12.34 53.96 1.89
N ILE K 379 11.95 53.95 0.62
CA ILE K 379 12.56 52.99 -0.29
C ILE K 379 14.06 53.21 -0.20
N ASP K 380 14.51 54.46 -0.20
CA ASP K 380 15.95 54.67 -0.01
C ASP K 380 16.41 54.10 1.31
N TYR K 381 15.57 54.20 2.36
CA TYR K 381 15.87 53.57 3.65
C TYR K 381 15.88 52.06 3.51
N ILE K 382 15.09 51.50 2.59
CA ILE K 382 15.23 50.09 2.27
C ILE K 382 16.51 49.85 1.47
N GLU K 383 16.81 50.72 0.51
CA GLU K 383 17.90 50.43 -0.44
C GLU K 383 19.28 50.66 0.15
N ARG K 384 19.31 51.45 1.26
CA ARG K 384 20.57 51.74 1.93
C ARG K 384 20.89 50.68 2.94
N LEU K 385 20.05 49.67 3.04
CA LEU K 385 20.20 48.71 4.13
C LEU K 385 20.67 47.37 3.58
N LYS K 386 21.81 46.88 4.08
CA LYS K 386 22.44 45.68 3.56
C LYS K 386 21.61 44.44 3.92
N TYR K 387 21.70 43.42 3.06
CA TYR K 387 21.02 42.11 3.19
C TYR K 387 19.50 42.29 3.25
N THR K 388 18.95 42.70 2.08
CA THR K 388 17.57 43.02 1.75
C THR K 388 16.56 42.12 2.46
N PRO K 389 15.61 42.69 3.21
CA PRO K 389 14.86 41.91 4.19
C PRO K 389 13.94 40.88 3.59
N TYR K 390 13.69 39.82 4.36
CA TYR K 390 12.88 38.71 3.89
C TYR K 390 11.42 39.11 3.72
N LYS K 391 10.83 39.76 4.72
CA LYS K 391 9.40 40.03 4.70
C LYS K 391 9.15 41.25 5.59
N VAL K 392 8.68 42.33 4.99
CA VAL K 392 8.45 43.56 5.73
C VAL K 392 7.04 43.56 6.31
N PHE K 393 6.88 44.20 7.46
CA PHE K 393 5.60 44.27 8.16
C PHE K 393 5.14 45.73 8.12
N LEU K 394 4.26 46.05 7.19
CA LEU K 394 3.77 47.41 7.06
C LEU K 394 2.71 47.72 8.10
N LYS K 399 -4.96 55.51 5.56
CA LYS K 399 -4.42 54.22 6.01
C LYS K 399 -4.31 53.25 4.85
N GLU K 400 -5.13 53.45 3.82
CA GLU K 400 -5.16 52.58 2.66
C GLU K 400 -3.94 52.77 1.77
N GLN K 401 -3.22 53.91 1.92
CA GLN K 401 -2.03 54.22 1.12
C GLN K 401 -0.94 53.17 1.26
N ARG K 402 -0.86 52.53 2.45
CA ARG K 402 -0.11 51.32 2.77
C ARG K 402 -0.15 50.28 1.67
N GLU K 403 -1.37 49.94 1.24
CA GLU K 403 -1.57 48.95 0.18
C GLU K 403 -0.92 49.39 -1.12
N ILE K 404 -1.09 50.67 -1.48
CA ILE K 404 -0.42 51.21 -2.65
C ILE K 404 1.10 51.17 -2.44
N LEU K 405 1.54 51.53 -1.23
CA LEU K 405 2.93 51.39 -0.84
C LEU K 405 3.37 49.93 -0.91
N ALA K 406 2.48 49.02 -0.49
CA ALA K 406 2.78 47.59 -0.56
C ALA K 406 2.94 47.12 -1.99
N LYS K 407 2.19 47.73 -2.92
CA LYS K 407 2.36 47.43 -4.34
C LYS K 407 3.75 47.81 -4.80
N ARG K 408 4.24 48.97 -4.34
CA ARG K 408 5.62 49.38 -4.61
C ARG K 408 6.59 48.40 -3.97
N ILE K 409 6.26 47.94 -2.75
CA ILE K 409 7.09 46.93 -2.09
C ILE K 409 6.99 45.61 -2.83
N ILE K 410 5.84 45.36 -3.46
CA ILE K 410 5.71 44.19 -4.32
C ILE K 410 6.57 44.36 -5.56
N SER K 411 6.65 45.59 -6.08
CA SER K 411 7.42 45.82 -7.31
C SER K 411 8.92 45.83 -7.03
N LYS K 412 9.30 46.10 -5.79
CA LYS K 412 10.70 46.20 -5.34
C LYS K 412 11.30 44.81 -5.11
N LYS K 413 10.49 43.76 -5.37
CA LYS K 413 10.84 42.33 -5.23
C LYS K 413 11.07 41.97 -3.76
N ILE K 414 10.18 42.47 -2.89
CA ILE K 414 10.26 42.26 -1.45
C ILE K 414 8.89 41.83 -0.96
N ARG K 415 8.83 40.73 -0.20
CA ARG K 415 7.58 40.27 0.39
C ARG K 415 7.07 41.25 1.44
N VAL K 416 5.75 41.47 1.44
CA VAL K 416 5.12 42.44 2.34
C VAL K 416 3.86 41.81 2.93
N GLU K 417 3.71 41.91 4.24
CA GLU K 417 2.51 41.45 4.94
C GLU K 417 1.77 42.65 5.50
N LEU K 418 0.44 42.66 5.35
CA LEU K 418 -0.41 43.75 5.79
C LEU K 418 -1.34 43.26 6.90
N PRO K 419 -1.02 43.51 8.18
CA PRO K 419 -1.89 43.13 9.30
C PRO K 419 -3.23 43.88 9.30
N LYS K 433 -5.09 26.75 18.32
CA LYS K 433 -4.97 25.36 17.91
C LYS K 433 -4.59 25.28 16.44
N VAL K 434 -3.63 24.40 16.14
CA VAL K 434 -3.10 24.20 14.79
C VAL K 434 -4.17 23.60 13.89
N VAL K 435 -4.24 24.05 12.64
CA VAL K 435 -5.29 23.69 11.69
C VAL K 435 -4.65 22.91 10.56
N LEU K 436 -5.22 21.73 10.25
CA LEU K 436 -4.69 20.87 9.19
C LEU K 436 -5.74 20.70 8.09
N ASN K 437 -5.26 20.49 6.85
CA ASN K 437 -6.09 20.29 5.68
C ASN K 437 -6.02 18.81 5.26
N ILE K 438 -7.19 18.18 5.10
CA ILE K 438 -7.28 16.79 4.65
C ILE K 438 -8.00 16.91 3.30
N ASN K 439 -7.65 17.95 2.56
CA ASN K 439 -8.38 18.31 1.35
C ASN K 439 -7.75 17.66 0.11
N THR K 440 -8.18 18.11 -1.07
CA THR K 440 -7.78 17.69 -2.40
C THR K 440 -6.81 18.74 -2.97
N ASP K 441 -6.50 18.64 -4.26
CA ASP K 441 -5.75 19.71 -4.89
C ASP K 441 -6.60 20.61 -5.78
N ASN K 442 -7.34 20.07 -6.76
CA ASN K 442 -8.11 20.81 -7.78
C ASN K 442 -7.45 22.08 -8.31
N MET K 443 -7.57 23.17 -7.55
CA MET K 443 -7.02 24.51 -7.78
C MET K 443 -7.66 25.26 -8.94
N CYS K 444 -7.30 26.53 -9.05
CA CYS K 444 -7.81 27.52 -10.00
C CYS K 444 -6.99 28.80 -9.84
N ASN K 445 -7.09 29.72 -10.79
CA ASN K 445 -6.47 31.04 -10.66
C ASN K 445 -7.46 32.10 -11.11
N PHE K 446 -8.08 32.79 -10.16
CA PHE K 446 -9.08 33.82 -10.45
C PHE K 446 -8.72 35.08 -9.68
N ALA K 447 -8.58 36.19 -10.41
CA ALA K 447 -8.28 37.54 -9.89
C ALA K 447 -6.99 37.56 -9.06
N SER K 448 -5.94 36.91 -9.60
CA SER K 448 -4.62 36.77 -8.97
C SER K 448 -4.71 36.14 -7.57
N TYR K 449 -5.49 35.06 -7.48
CA TYR K 449 -5.70 34.35 -6.23
C TYR K 449 -5.87 32.88 -6.54
N ARG K 450 -5.02 32.03 -5.97
CA ARG K 450 -5.12 30.60 -6.22
C ARG K 450 -6.20 30.03 -5.31
N LEU K 451 -7.27 29.52 -5.99
CA LEU K 451 -8.41 29.10 -5.19
C LEU K 451 -8.79 27.66 -5.20
N MET K 452 -9.87 27.39 -4.48
CA MET K 452 -10.41 26.03 -4.37
C MET K 452 -11.88 26.10 -3.98
N PRO K 453 -12.78 25.67 -4.87
CA PRO K 453 -14.23 25.66 -4.57
C PRO K 453 -14.67 24.43 -3.78
N PHE K 454 -14.46 24.53 -2.47
CA PHE K 454 -14.78 23.42 -1.59
C PHE K 454 -15.60 23.75 -0.36
N SER K 455 -16.62 22.94 -0.09
CA SER K 455 -17.40 23.06 1.13
C SER K 455 -17.17 21.83 1.99
N GLY K 456 -17.01 22.03 3.30
CA GLY K 456 -16.61 20.92 4.14
C GLY K 456 -17.01 20.93 5.60
N PHE K 457 -16.05 20.65 6.48
CA PHE K 457 -16.34 20.34 7.87
C PHE K 457 -15.16 20.73 8.75
N ILE K 458 -15.43 21.53 9.78
CA ILE K 458 -14.41 22.01 10.70
C ILE K 458 -14.52 21.18 11.98
N VAL K 459 -13.55 20.30 12.21
CA VAL K 459 -13.58 19.37 13.33
C VAL K 459 -12.62 19.86 14.41
N GLU K 460 -13.12 19.99 15.64
CA GLU K 460 -12.44 20.66 16.73
C GLU K 460 -12.02 19.61 17.76
N LYS K 461 -10.73 19.33 17.84
CA LYS K 461 -10.19 18.44 18.85
C LYS K 461 -9.43 19.25 19.89
N ASP K 462 -8.75 18.56 20.81
CA ASP K 462 -8.16 19.22 21.97
C ASP K 462 -6.96 20.06 21.57
N ASP K 463 -6.26 19.62 20.53
CA ASP K 463 -5.07 20.34 20.06
C ASP K 463 -5.13 20.69 18.59
N ARG K 464 -5.86 19.92 17.81
CA ARG K 464 -5.95 20.15 16.37
C ARG K 464 -7.36 20.55 15.95
N ILE K 465 -7.44 21.43 14.97
CA ILE K 465 -8.65 21.68 14.20
C ILE K 465 -8.37 21.22 12.78
N GLU K 466 -9.16 20.29 12.27
CA GLU K 466 -8.91 19.78 10.92
C GLU K 466 -10.09 20.11 10.01
N ILE K 467 -9.79 20.22 8.72
CA ILE K 467 -10.77 20.55 7.70
C ILE K 467 -10.99 19.27 6.89
N ASN K 468 -12.13 18.63 7.10
CA ASN K 468 -12.44 17.36 6.44
C ASN K 468 -13.58 17.53 5.45
N ASP K 469 -13.61 16.65 4.45
CA ASP K 469 -14.60 16.70 3.38
C ASP K 469 -15.87 15.96 3.80
N LYS K 470 -16.85 15.90 2.90
CA LYS K 470 -18.11 15.21 3.17
C LYS K 470 -17.97 13.70 3.22
N ASN K 471 -16.89 13.16 2.64
CA ASN K 471 -16.68 11.71 2.65
C ASN K 471 -16.42 11.20 4.06
N TRP K 472 -15.64 11.96 4.84
CA TRP K 472 -15.40 11.65 6.25
C TRP K 472 -16.68 11.70 7.07
N PHE K 473 -17.55 12.68 6.77
CA PHE K 473 -18.85 12.72 7.44
C PHE K 473 -19.73 11.56 7.02
N ASP K 474 -19.58 11.05 5.80
CA ASP K 474 -20.35 9.89 5.42
C ASP K 474 -19.86 8.62 6.10
N MET K 475 -18.46 8.72 6.41
CA MET K 475 -17.88 7.63 7.18
C MET K 475 -18.48 7.66 8.57
N ILE K 476 -18.60 8.76 9.17
CA ILE K 476 -19.08 8.99 10.54
C ILE K 476 -20.59 8.71 10.62
N TRP K 477 -21.33 9.04 9.57
CA TRP K 477 -22.76 8.78 9.53
C TRP K 477 -23.06 7.29 9.36
N ASN K 478 -22.23 6.57 8.60
CA ASN K 478 -22.37 5.11 8.51
C ASN K 478 -22.10 4.44 9.85
N GLU K 479 -21.07 4.89 10.57
CA GLU K 479 -20.78 4.36 11.90
C GLU K 479 -21.90 4.67 12.89
N GLU K 480 -22.45 5.89 12.83
CA GLU K 480 -23.52 6.25 13.76
C GLU K 480 -24.82 5.54 13.43
N TYR K 481 -25.07 5.29 12.13
CA TYR K 481 -26.22 4.49 11.73
C TYR K 481 -26.09 3.06 12.25
N ASN K 482 -24.91 2.45 12.06
CA ASN K 482 -24.69 1.08 12.51
C ASN K 482 -24.66 0.99 14.03
N LYS K 483 -24.46 2.11 14.70
CA LYS K 483 -24.50 2.11 16.15
C LYS K 483 -25.93 2.19 16.61
N MET K 484 -26.70 3.06 16.03
CA MET K 484 -28.09 3.21 16.42
C MET K 484 -28.90 1.96 16.15
N ARG K 485 -28.67 1.33 14.98
CA ARG K 485 -29.49 0.16 14.67
C ARG K 485 -29.31 -0.97 15.67
N SER K 486 -28.11 -1.16 16.22
CA SER K 486 -27.91 -2.21 17.20
C SER K 486 -28.11 -1.72 18.63
N GLN K 487 -29.19 -0.99 18.88
CA GLN K 487 -29.59 -0.70 20.25
C GLN K 487 -30.98 -1.26 20.54
N ILE K 488 -31.97 -0.85 19.75
CA ILE K 488 -33.32 -1.37 19.91
C ILE K 488 -33.50 -2.59 19.02
N VAL K 489 -33.84 -3.71 19.64
CA VAL K 489 -33.96 -4.99 18.94
C VAL K 489 -35.29 -5.62 19.34
N ALA K 490 -36.16 -5.83 18.34
CA ALA K 490 -37.41 -6.64 18.42
C ALA K 490 -38.30 -6.13 19.55
N GLU K 491 -38.67 -6.99 20.51
CA GLU K 491 -39.66 -6.67 21.53
C GLU K 491 -38.96 -6.78 22.88
N ASP K 492 -37.84 -6.06 23.05
CA ASP K 492 -37.14 -5.98 24.33
C ASP K 492 -38.07 -5.49 25.43
N PHE K 493 -38.08 -6.23 26.55
CA PHE K 493 -38.89 -5.99 27.75
C PHE K 493 -40.39 -5.87 27.44
N LEU K 504 -42.93 -24.04 23.31
CA LEU K 504 -41.57 -24.23 23.77
C LEU K 504 -41.56 -25.69 24.23
N PRO K 505 -40.35 -26.30 24.29
CA PRO K 505 -40.31 -27.67 24.82
C PRO K 505 -40.61 -27.63 26.28
N ASP K 506 -40.52 -28.75 26.95
CA ASP K 506 -40.72 -28.72 28.37
C ASP K 506 -40.16 -29.94 29.05
N MET K 507 -39.46 -29.70 30.16
CA MET K 507 -38.93 -30.79 30.91
C MET K 507 -39.20 -30.44 32.33
N SER K 508 -38.96 -31.38 33.22
CA SER K 508 -39.15 -31.09 34.63
C SER K 508 -37.99 -30.26 35.19
N HIS K 509 -38.26 -29.65 36.36
CA HIS K 509 -37.33 -28.73 37.01
C HIS K 509 -36.04 -29.43 37.44
N ASP K 510 -36.16 -30.64 37.98
CA ASP K 510 -34.98 -31.36 38.46
C ASP K 510 -34.11 -31.84 37.32
N LYS K 511 -34.74 -32.25 36.21
CA LYS K 511 -33.98 -32.62 35.01
C LYS K 511 -33.24 -31.42 34.45
N ILE K 512 -33.84 -30.23 34.53
CA ILE K 512 -33.16 -28.99 34.18
C ILE K 512 -31.95 -28.76 35.09
N ILE K 513 -32.10 -29.04 36.39
CA ILE K 513 -30.96 -28.97 37.32
C ILE K 513 -29.84 -29.89 36.90
N GLU K 514 -30.12 -31.19 36.65
CA GLU K 514 -28.99 -32.08 36.38
C GLU K 514 -28.38 -31.85 35.00
N ASN K 515 -29.16 -31.33 34.05
CA ASN K 515 -28.56 -30.98 32.76
C ASN K 515 -27.67 -29.75 32.87
N ILE K 516 -28.08 -28.73 33.64
CA ILE K 516 -27.23 -27.55 33.79
C ILE K 516 -25.98 -27.88 34.64
N GLU K 517 -26.12 -28.79 35.62
CA GLU K 517 -24.94 -29.25 36.36
C GLU K 517 -23.97 -30.03 35.46
N TYR K 518 -24.51 -30.86 34.57
CA TYR K 518 -23.65 -31.69 33.72
C TYR K 518 -22.96 -30.85 32.65
N LEU K 519 -23.66 -29.86 32.09
CA LEU K 519 -23.01 -28.97 31.13
C LEU K 519 -22.13 -27.92 31.81
N PHE K 520 -22.32 -27.69 33.11
CA PHE K 520 -21.39 -26.84 33.85
C PHE K 520 -20.10 -27.58 34.15
N ASN K 521 -20.18 -28.88 34.44
CA ASN K 521 -18.98 -29.65 34.78
C ASN K 521 -18.08 -29.85 33.57
N ILE K 522 -18.68 -29.99 32.39
CA ILE K 522 -17.93 -30.24 31.16
C ILE K 522 -17.71 -28.94 30.40
N LYS K 523 -18.11 -27.82 31.02
CA LYS K 523 -17.87 -26.45 30.56
C LYS K 523 -18.51 -26.17 29.20
N ILE K 524 -19.68 -26.74 28.92
CA ILE K 524 -20.45 -26.31 27.76
C ILE K 524 -21.25 -25.06 28.09
N LEU K 525 -22.03 -25.11 29.16
CA LEU K 525 -22.72 -23.94 29.68
C LEU K 525 -21.82 -23.32 30.75
N SER K 526 -21.24 -22.17 30.42
CA SER K 526 -20.35 -21.52 31.33
C SER K 526 -20.99 -20.32 31.99
N LYS K 527 -20.29 -19.72 32.93
CA LYS K 527 -20.88 -18.62 33.69
C LYS K 527 -21.19 -17.43 32.79
N ASN K 528 -20.38 -17.21 31.76
CA ASN K 528 -20.64 -16.13 30.82
C ASN K 528 -21.88 -16.41 29.97
N ARG K 529 -22.07 -17.67 29.55
CA ARG K 529 -23.25 -18.05 28.80
C ARG K 529 -24.51 -17.92 29.63
N ILE K 530 -24.42 -18.29 30.92
CA ILE K 530 -25.54 -18.11 31.85
C ILE K 530 -25.83 -16.63 32.06
N LYS K 531 -24.79 -15.80 32.09
CA LYS K 531 -24.98 -14.35 32.25
C LYS K 531 -25.68 -13.73 31.05
N GLU K 532 -25.23 -14.05 29.83
CA GLU K 532 -25.93 -13.53 28.65
C GLU K 532 -27.31 -14.15 28.47
N PHE K 533 -27.51 -15.39 28.94
CA PHE K 533 -28.84 -15.98 28.95
C PHE K 533 -29.77 -15.23 29.89
N TRP K 534 -29.27 -14.82 31.06
CA TRP K 534 -30.10 -14.06 31.99
C TRP K 534 -30.39 -12.66 31.47
N GLU K 535 -29.41 -12.03 30.80
CA GLU K 535 -29.67 -10.72 30.20
C GLU K 535 -30.67 -10.81 29.06
N GLU K 536 -30.58 -11.84 28.22
CA GLU K 536 -31.55 -12.00 27.14
C GLU K 536 -32.91 -12.49 27.65
N PHE K 537 -32.94 -13.11 28.83
CA PHE K 537 -34.22 -13.49 29.44
C PHE K 537 -34.89 -12.29 30.09
N CYS K 538 -34.12 -11.35 30.63
CA CYS K 538 -34.70 -10.13 31.16
C CYS K 538 -35.26 -9.24 30.07
N LYS K 539 -34.69 -9.32 28.86
CA LYS K 539 -35.22 -8.58 27.71
C LYS K 539 -36.48 -9.21 27.14
N GLY K 540 -36.87 -10.39 27.60
CA GLY K 540 -38.11 -10.99 27.18
C GLY K 540 -37.91 -12.38 26.63
N GLN K 541 -39.01 -12.98 26.19
CA GLN K 541 -39.01 -14.35 25.72
C GLN K 541 -38.40 -14.45 24.33
N LYS K 542 -38.80 -13.56 23.42
CA LYS K 542 -38.39 -13.65 22.02
C LYS K 542 -36.92 -13.31 21.82
N ALA K 543 -36.39 -12.38 22.60
CA ALA K 543 -34.96 -12.06 22.54
C ALA K 543 -34.11 -13.24 23.00
N ALA K 544 -34.56 -13.94 24.04
CA ALA K 544 -33.85 -15.13 24.48
C ALA K 544 -33.98 -16.28 23.49
N ILE K 545 -35.14 -16.41 22.83
CA ILE K 545 -35.32 -17.40 21.77
C ILE K 545 -34.37 -17.13 20.61
N LYS K 546 -34.25 -15.85 20.24
CA LYS K 546 -33.31 -15.44 19.20
C LYS K 546 -31.86 -15.72 19.61
N TYR K 547 -31.54 -15.52 20.88
CA TYR K 547 -30.19 -15.78 21.37
C TYR K 547 -29.84 -17.27 21.32
N ILE K 548 -30.73 -18.14 21.80
CA ILE K 548 -30.42 -19.57 21.74
C ILE K 548 -30.47 -20.13 20.32
N THR K 549 -31.34 -19.61 19.44
CA THR K 549 -31.30 -20.06 18.06
C THR K 549 -30.07 -19.52 17.32
N GLN K 550 -29.50 -18.40 17.76
CA GLN K 550 -28.22 -17.94 17.22
C GLN K 550 -27.07 -18.80 17.73
N VAL K 551 -27.11 -19.16 19.01
CA VAL K 551 -26.00 -19.89 19.64
C VAL K 551 -25.95 -21.33 19.12
N HIS K 552 -27.11 -21.97 18.99
CA HIS K 552 -27.19 -23.34 18.50
C HIS K 552 -27.24 -23.43 16.98
N ARG K 553 -26.93 -22.35 16.29
CA ARG K 553 -27.01 -22.36 14.85
C ARG K 553 -25.84 -23.07 14.27
N LYS K 554 -26.07 -24.24 13.72
CA LYS K 554 -25.01 -24.95 13.02
C LYS K 554 -24.67 -24.22 11.73
N ASN K 555 -23.39 -23.91 11.55
CA ASN K 555 -22.97 -23.17 10.37
C ASN K 555 -22.91 -24.09 9.17
N PRO K 556 -23.63 -23.80 8.08
CA PRO K 556 -23.64 -24.73 6.94
C PRO K 556 -22.33 -24.80 6.18
N ASN K 557 -21.57 -23.70 6.14
CA ASN K 557 -20.29 -23.63 5.44
C ASN K 557 -19.10 -23.84 6.36
N THR K 558 -19.30 -23.94 7.66
CA THR K 558 -18.19 -24.12 8.58
C THR K 558 -18.33 -25.36 9.45
N GLY K 559 -19.55 -25.66 9.91
CA GLY K 559 -19.76 -26.84 10.73
C GLY K 559 -19.55 -26.65 12.20
N ARG K 560 -19.56 -25.42 12.70
CA ARG K 560 -19.45 -25.17 14.13
C ARG K 560 -20.61 -24.30 14.59
N ARG K 561 -21.00 -24.50 15.85
CA ARG K 561 -21.96 -23.62 16.50
C ARG K 561 -21.23 -22.74 17.52
N ASN K 562 -21.96 -21.76 18.06
CA ASN K 562 -21.38 -20.83 19.03
C ASN K 562 -21.50 -21.37 20.45
N TRP K 563 -20.91 -22.54 20.66
CA TRP K 563 -20.89 -23.20 21.96
C TRP K 563 -19.45 -23.41 22.39
N ASN K 564 -19.23 -23.41 23.68
CA ASN K 564 -17.96 -23.89 24.21
C ASN K 564 -17.90 -25.40 24.02
N PRO K 565 -16.85 -25.93 23.41
CA PRO K 565 -16.72 -27.39 23.29
C PRO K 565 -16.55 -28.05 24.64
N PRO K 566 -17.13 -29.24 24.83
CA PRO K 566 -16.97 -29.93 26.12
C PRO K 566 -15.56 -30.44 26.34
N GLU K 567 -15.19 -30.58 27.60
CA GLU K 567 -13.93 -31.20 27.97
C GLU K 567 -14.16 -32.69 28.19
N GLY K 568 -13.18 -33.50 27.79
CA GLY K 568 -13.33 -34.94 27.87
C GLY K 568 -13.10 -35.64 26.54
N ASP K 569 -12.86 -36.96 26.59
CA ASP K 569 -12.61 -37.75 25.39
C ASP K 569 -13.95 -38.13 24.76
N PHE K 570 -14.37 -37.31 23.81
CA PHE K 570 -15.67 -37.45 23.15
C PHE K 570 -15.49 -37.56 21.65
N THR K 571 -16.49 -38.14 20.99
CA THR K 571 -16.58 -38.14 19.54
C THR K 571 -17.68 -37.18 19.10
N ASP K 572 -17.94 -37.15 17.79
CA ASP K 572 -18.83 -36.14 17.22
C ASP K 572 -20.30 -36.39 17.57
N ASN K 573 -20.70 -37.65 17.71
CA ASN K 573 -22.11 -37.97 17.92
C ASN K 573 -22.58 -37.54 19.30
N GLU K 574 -21.82 -37.86 20.34
CA GLU K 574 -22.23 -37.47 21.69
C GLU K 574 -22.03 -35.98 21.92
N ILE K 575 -21.08 -35.35 21.21
CA ILE K 575 -20.93 -33.90 21.28
C ILE K 575 -22.13 -33.19 20.66
N GLU K 576 -22.60 -33.69 19.50
CA GLU K 576 -23.81 -33.15 18.88
C GLU K 576 -25.04 -33.40 19.73
N LYS K 577 -25.11 -34.57 20.39
CA LYS K 577 -26.21 -34.86 21.29
C LYS K 577 -26.19 -33.95 22.52
N LEU K 578 -25.00 -33.65 23.04
CA LEU K 578 -24.88 -32.76 24.20
C LEU K 578 -25.24 -31.33 23.83
N TYR K 579 -24.90 -30.90 22.61
CA TYR K 579 -25.37 -29.60 22.12
C TYR K 579 -26.88 -29.59 21.98
N GLU K 580 -27.47 -30.72 21.58
CA GLU K 580 -28.93 -30.81 21.46
C GLU K 580 -29.62 -30.73 22.82
N THR K 581 -29.07 -31.43 23.84
CA THR K 581 -29.64 -31.27 25.18
C THR K 581 -29.38 -29.91 25.79
N ALA K 582 -28.28 -29.23 25.43
CA ALA K 582 -28.10 -27.84 25.84
C ALA K 582 -29.16 -26.95 25.22
N TYR K 583 -29.46 -27.17 23.93
CA TYR K 583 -30.51 -26.44 23.24
C TYR K 583 -31.88 -26.69 23.87
N ASN K 584 -32.19 -27.95 24.17
CA ASN K 584 -33.48 -28.29 24.75
C ASN K 584 -33.62 -27.82 26.20
N THR K 585 -32.52 -27.85 26.96
CA THR K 585 -32.56 -27.39 28.35
C THR K 585 -32.74 -25.87 28.41
N LEU K 586 -31.96 -25.12 27.62
CA LEU K 586 -32.16 -23.69 27.59
C LEU K 586 -33.44 -23.29 26.86
N LEU K 587 -34.03 -24.16 26.03
CA LEU K 587 -35.33 -23.83 25.49
C LEU K 587 -36.44 -24.04 26.52
N SER K 588 -36.40 -25.14 27.27
CA SER K 588 -37.42 -25.44 28.27
C SER K 588 -37.31 -24.56 29.51
N LEU K 589 -36.13 -24.00 29.79
CA LEU K 589 -36.00 -23.08 30.91
C LEU K 589 -36.67 -21.73 30.61
N ILE K 590 -36.80 -21.36 29.34
CA ILE K 590 -37.44 -20.10 28.97
C ILE K 590 -38.94 -20.08 29.29
N LYS K 591 -39.62 -21.22 29.21
CA LYS K 591 -41.04 -21.25 29.52
C LYS K 591 -41.34 -21.03 31.01
N TYR K 592 -40.36 -21.23 31.88
CA TYR K 592 -40.54 -21.00 33.31
C TYR K 592 -40.55 -19.50 33.61
N ASP K 593 -40.98 -19.14 34.82
CA ASP K 593 -41.02 -17.74 35.21
C ASP K 593 -39.63 -17.24 35.59
N LYS K 594 -39.55 -15.94 35.91
CA LYS K 594 -38.27 -15.32 36.23
C LYS K 594 -37.73 -15.74 37.59
N ASN K 595 -38.63 -16.04 38.54
CA ASN K 595 -38.16 -16.44 39.88
C ASN K 595 -37.51 -17.82 39.86
N LYS K 596 -38.11 -18.78 39.14
CA LYS K 596 -37.49 -20.09 39.02
C LYS K 596 -36.19 -20.03 38.25
N VAL K 597 -36.11 -19.21 37.19
CA VAL K 597 -34.89 -19.08 36.40
C VAL K 597 -33.78 -18.45 37.23
N TYR K 598 -34.13 -17.45 38.06
CA TYR K 598 -33.15 -16.84 38.96
C TYR K 598 -32.65 -17.82 40.01
N ASN K 599 -33.56 -18.60 40.61
CA ASN K 599 -33.15 -19.62 41.58
C ASN K 599 -32.43 -20.80 40.92
N ILE K 600 -32.61 -21.00 39.62
CA ILE K 600 -31.87 -22.02 38.88
C ILE K 600 -30.47 -21.57 38.53
N LEU K 601 -30.24 -20.27 38.28
CA LEU K 601 -28.95 -19.82 37.76
C LEU K 601 -28.05 -19.14 38.80
N ILE K 602 -28.57 -18.79 39.98
CA ILE K 602 -27.70 -18.27 41.05
C ILE K 602 -26.76 -19.36 41.57
N ASN K 603 -27.21 -20.60 41.55
CA ASN K 603 -26.38 -21.72 42.03
C ASN K 603 -25.13 -21.90 41.20
N PHE K 604 -25.18 -21.47 39.95
CA PHE K 604 -24.06 -21.61 39.02
C PHE K 604 -23.35 -20.29 38.75
N ASN K 605 -24.11 -19.21 38.58
CA ASN K 605 -23.55 -17.88 38.38
C ASN K 605 -24.07 -17.06 39.56
N PRO K 606 -23.26 -16.86 40.60
CA PRO K 606 -23.74 -16.11 41.78
C PRO K 606 -24.01 -14.63 41.52
N LYS K 607 -23.46 -14.05 40.46
CA LYS K 607 -23.69 -12.64 40.17
C LYS K 607 -24.87 -12.46 39.22
N LYS L 432 -50.40 13.76 14.61
CA LYS L 432 -50.32 14.05 16.03
C LYS L 432 -49.30 15.15 16.32
N LYS L 433 -49.46 15.81 17.46
CA LYS L 433 -48.53 16.87 17.86
C LYS L 433 -47.18 16.27 18.24
N VAL L 434 -46.10 16.91 17.78
CA VAL L 434 -44.75 16.38 17.90
C VAL L 434 -43.89 17.37 18.66
N VAL L 435 -43.21 16.89 19.72
CA VAL L 435 -42.47 17.73 20.65
C VAL L 435 -41.02 17.27 20.69
N LEU L 436 -40.09 18.22 20.59
CA LEU L 436 -38.67 17.94 20.73
C LEU L 436 -38.26 18.00 22.19
N ASN L 437 -37.81 16.86 22.73
CA ASN L 437 -37.12 16.87 24.01
C ASN L 437 -35.62 17.12 23.86
N ILE L 438 -35.13 17.16 22.62
CA ILE L 438 -33.70 17.34 22.39
C ILE L 438 -33.30 18.79 22.64
N ASN L 439 -32.02 19.00 22.92
CA ASN L 439 -31.48 20.32 23.18
C ASN L 439 -31.14 21.01 21.88
N THR L 440 -31.77 22.15 21.63
CA THR L 440 -31.51 22.94 20.43
C THR L 440 -30.42 23.99 20.66
N ASP L 441 -29.84 24.04 21.87
CA ASP L 441 -28.82 25.03 22.20
C ASP L 441 -27.41 24.59 21.81
N ASN L 442 -27.27 24.07 20.60
CA ASN L 442 -26.00 23.81 19.91
C ASN L 442 -26.34 23.70 18.43
N MET L 443 -25.92 24.77 17.68
CA MET L 443 -26.31 24.81 16.29
C MET L 443 -25.27 25.32 15.34
N CYS L 444 -25.53 25.10 14.05
CA CYS L 444 -24.66 25.63 13.01
C CYS L 444 -25.50 26.28 11.92
N ASN L 445 -24.90 27.20 11.17
CA ASN L 445 -25.56 27.97 10.12
C ASN L 445 -24.95 27.59 8.78
N PHE L 446 -25.69 26.81 7.99
CA PHE L 446 -25.24 26.43 6.64
C PHE L 446 -26.33 26.76 5.61
N ALA L 447 -26.05 27.67 4.68
CA ALA L 447 -26.94 28.06 3.59
C ALA L 447 -28.19 28.76 4.11
N SER L 448 -28.00 29.57 5.18
CA SER L 448 -29.01 30.28 5.97
C SER L 448 -29.94 29.34 6.75
N TYR L 449 -29.73 28.03 6.64
CA TYR L 449 -30.43 27.03 7.43
C TYR L 449 -29.68 26.79 8.73
N ARG L 450 -30.40 26.92 9.84
CA ARG L 450 -29.86 26.65 11.16
C ARG L 450 -30.02 25.15 11.40
N LEU L 451 -28.97 24.40 11.09
CA LEU L 451 -29.01 22.95 11.14
C LEU L 451 -28.18 22.40 12.30
N MET L 452 -28.48 21.15 12.65
CA MET L 452 -27.77 20.38 13.67
C MET L 452 -27.87 18.88 13.38
N PRO L 453 -26.74 18.20 13.18
CA PRO L 453 -26.75 16.73 13.20
C PRO L 453 -27.16 16.20 14.56
N PHE L 454 -28.10 15.24 14.54
CA PHE L 454 -28.63 14.65 15.78
C PHE L 454 -28.87 13.16 15.63
N SER L 455 -28.91 12.42 16.73
CA SER L 455 -29.06 10.97 16.66
C SER L 455 -30.08 10.48 17.67
N GLY L 456 -31.19 11.17 17.79
CA GLY L 456 -32.24 10.84 18.72
C GLY L 456 -33.27 9.89 18.13
N PHE L 457 -34.14 9.39 19.01
CA PHE L 457 -35.13 8.37 18.66
C PHE L 457 -36.51 8.99 18.69
N ILE L 458 -37.28 8.72 17.65
CA ILE L 458 -38.67 9.13 17.57
C ILE L 458 -39.54 8.07 18.24
N VAL L 459 -40.41 8.51 19.13
CA VAL L 459 -41.26 7.66 19.97
C VAL L 459 -42.69 8.06 19.67
N GLU L 460 -43.51 7.11 19.24
CA GLU L 460 -44.95 7.35 19.25
C GLU L 460 -45.41 7.16 20.69
N LYS L 461 -46.18 8.13 21.21
CA LYS L 461 -46.79 8.02 22.54
C LYS L 461 -48.20 8.57 22.50
N ASP L 462 -49.17 7.73 22.13
CA ASP L 462 -50.60 7.94 22.34
C ASP L 462 -51.08 9.30 21.81
N ASP L 463 -50.92 9.45 20.49
CA ASP L 463 -51.18 10.69 19.76
C ASP L 463 -50.35 11.87 20.28
N ARG L 464 -49.11 11.59 20.66
CA ARG L 464 -48.15 12.63 21.03
C ARG L 464 -46.76 12.08 20.73
N ILE L 465 -46.24 12.38 19.56
CA ILE L 465 -44.94 11.89 19.12
C ILE L 465 -43.86 12.76 19.74
N GLU L 466 -42.69 12.17 19.98
CA GLU L 466 -41.56 12.93 20.52
C GLU L 466 -40.27 12.40 19.92
N ILE L 467 -39.21 13.21 19.96
CA ILE L 467 -37.89 12.75 19.50
C ILE L 467 -36.90 13.03 20.63
N ASN L 468 -36.57 12.01 21.39
CA ASN L 468 -35.71 12.17 22.56
C ASN L 468 -34.34 11.55 22.36
N ASP L 469 -33.40 11.92 23.23
CA ASP L 469 -31.99 11.68 22.97
C ASP L 469 -31.58 10.23 23.26
N LYS L 470 -30.29 9.99 23.18
CA LYS L 470 -29.79 8.69 23.52
C LYS L 470 -29.83 8.52 25.03
N ASN L 471 -29.59 9.59 25.78
CA ASN L 471 -29.70 9.47 27.21
C ASN L 471 -31.08 8.91 27.58
N TRP L 472 -32.12 9.40 26.91
CA TRP L 472 -33.48 8.95 27.23
C TRP L 472 -33.57 7.43 27.21
N PHE L 473 -33.11 6.82 26.10
CA PHE L 473 -33.09 5.37 25.95
C PHE L 473 -32.19 4.69 26.96
N ASP L 474 -31.07 5.34 27.32
CA ASP L 474 -30.24 4.84 28.40
C ASP L 474 -31.04 4.78 29.71
N MET L 475 -31.83 5.83 29.98
CA MET L 475 -32.59 5.91 31.22
C MET L 475 -33.72 4.87 31.28
N ILE L 476 -34.45 4.70 30.18
CA ILE L 476 -35.54 3.72 30.16
C ILE L 476 -35.04 2.29 30.01
N TRP L 477 -33.90 2.07 29.35
CA TRP L 477 -33.28 0.75 29.38
C TRP L 477 -32.88 0.40 30.81
N ASN L 478 -32.37 1.38 31.56
CA ASN L 478 -32.10 1.19 32.97
C ASN L 478 -33.38 0.96 33.77
N GLU L 479 -34.45 1.67 33.45
CA GLU L 479 -35.70 1.53 34.22
C GLU L 479 -36.32 0.16 33.98
N GLU L 480 -36.28 -0.33 32.72
CA GLU L 480 -36.80 -1.66 32.43
C GLU L 480 -35.93 -2.75 33.02
N TYR L 481 -34.60 -2.53 33.07
CA TYR L 481 -33.73 -3.51 33.73
C TYR L 481 -33.99 -3.56 35.23
N ASN L 482 -34.23 -2.41 35.87
CA ASN L 482 -34.55 -2.40 37.29
C ASN L 482 -35.94 -2.97 37.55
N LYS L 483 -36.88 -2.78 36.60
CA LYS L 483 -38.21 -3.38 36.72
C LYS L 483 -38.14 -4.90 36.57
N MET L 484 -37.25 -5.39 35.71
CA MET L 484 -37.01 -6.82 35.60
C MET L 484 -36.13 -7.36 36.72
N ARG L 485 -35.51 -6.49 37.51
CA ARG L 485 -34.77 -6.89 38.70
C ARG L 485 -35.64 -6.88 39.95
N SER L 486 -36.93 -6.58 39.82
CA SER L 486 -37.85 -6.51 40.96
C SER L 486 -38.46 -7.88 41.25
N GLN L 487 -37.59 -8.82 41.64
CA GLN L 487 -38.02 -10.18 41.95
C GLN L 487 -37.11 -10.82 43.00
N HIS L 509 -14.17 -22.61 73.86
CA HIS L 509 -14.43 -21.17 73.80
C HIS L 509 -13.14 -20.38 73.96
N ASP L 510 -12.27 -20.85 74.86
CA ASP L 510 -10.95 -20.26 75.00
C ASP L 510 -10.08 -20.53 73.78
N LYS L 511 -10.19 -21.74 73.21
CA LYS L 511 -9.46 -22.08 72.00
C LYS L 511 -9.97 -21.30 70.81
N ILE L 512 -11.26 -20.97 70.79
CA ILE L 512 -11.83 -20.12 69.74
C ILE L 512 -11.23 -18.73 69.79
N ILE L 513 -11.14 -18.15 70.99
CA ILE L 513 -10.56 -16.82 71.15
C ILE L 513 -9.06 -16.82 70.84
N GLU L 514 -8.36 -17.91 71.16
CA GLU L 514 -6.95 -18.00 70.80
C GLU L 514 -6.76 -18.14 69.28
N ASN L 515 -7.68 -18.84 68.61
CA ASN L 515 -7.63 -18.90 67.14
C ASN L 515 -7.89 -17.54 66.52
N ILE L 516 -8.80 -16.75 67.11
CA ILE L 516 -9.01 -15.39 66.61
C ILE L 516 -7.78 -14.52 66.86
N GLU L 517 -7.10 -14.73 68.01
CA GLU L 517 -5.85 -14.01 68.28
C GLU L 517 -4.76 -14.33 67.26
N TYR L 518 -4.59 -15.62 66.93
CA TYR L 518 -3.61 -16.00 65.91
C TYR L 518 -3.97 -15.43 64.54
N LEU L 519 -5.25 -15.55 64.16
CA LEU L 519 -5.68 -15.16 62.83
C LEU L 519 -5.66 -13.65 62.64
N PHE L 520 -6.05 -12.89 63.66
CA PHE L 520 -5.93 -11.43 63.58
C PHE L 520 -4.50 -10.98 63.77
N ASN L 521 -3.64 -11.81 64.39
CA ASN L 521 -2.23 -11.46 64.49
C ASN L 521 -1.54 -11.55 63.14
N ILE L 522 -1.93 -12.50 62.28
CA ILE L 522 -1.41 -12.49 60.92
C ILE L 522 -2.40 -11.93 59.91
N LYS L 523 -3.54 -11.41 60.37
CA LYS L 523 -4.49 -10.59 59.60
C LYS L 523 -5.11 -11.36 58.42
N ILE L 524 -5.73 -12.49 58.75
CA ILE L 524 -6.53 -13.24 57.78
C ILE L 524 -7.99 -13.07 58.21
N LEU L 525 -8.18 -12.82 59.50
CA LEU L 525 -9.50 -12.63 60.10
C LEU L 525 -9.64 -11.19 60.56
N SER L 526 -9.35 -10.28 59.64
CA SER L 526 -9.05 -8.88 59.92
C SER L 526 -10.28 -8.09 60.34
N LYS L 527 -10.12 -6.75 60.40
CA LYS L 527 -11.11 -5.87 61.00
C LYS L 527 -12.41 -5.82 60.21
N ASN L 528 -12.32 -5.76 58.88
CA ASN L 528 -13.54 -5.76 58.06
C ASN L 528 -14.24 -7.11 58.10
N ARG L 529 -13.48 -8.19 58.31
CA ARG L 529 -14.07 -9.50 58.52
C ARG L 529 -14.89 -9.55 59.80
N ILE L 530 -14.33 -9.02 60.89
CA ILE L 530 -15.02 -8.98 62.18
C ILE L 530 -16.26 -8.10 62.09
N LYS L 531 -16.15 -6.97 61.36
CA LYS L 531 -17.29 -6.09 61.15
C LYS L 531 -18.41 -6.77 60.38
N GLU L 532 -18.08 -7.35 59.22
CA GLU L 532 -19.11 -7.97 58.38
C GLU L 532 -19.67 -9.24 59.01
N PHE L 533 -18.90 -9.89 59.89
CA PHE L 533 -19.46 -10.95 60.71
C PHE L 533 -20.44 -10.38 61.75
N TRP L 534 -20.15 -9.21 62.27
CA TRP L 534 -21.06 -8.61 63.21
C TRP L 534 -22.27 -8.19 62.42
N GLU L 535 -22.06 -7.62 61.23
CA GLU L 535 -23.17 -7.19 60.40
C GLU L 535 -24.04 -8.41 60.19
N GLU L 536 -23.49 -9.58 60.49
CA GLU L 536 -24.24 -10.81 60.30
C GLU L 536 -24.28 -11.63 61.59
N ALA L 544 -25.76 -15.33 58.82
CA ALA L 544 -24.31 -15.28 58.79
C ALA L 544 -23.73 -16.59 58.27
N ILE L 545 -24.56 -17.63 58.24
CA ILE L 545 -24.14 -18.91 57.70
C ILE L 545 -23.92 -18.82 56.19
N LYS L 546 -24.83 -18.13 55.49
CA LYS L 546 -24.68 -17.93 54.05
C LYS L 546 -23.54 -17.00 53.72
N TYR L 547 -23.28 -16.01 54.59
CA TYR L 547 -22.10 -15.14 54.43
C TYR L 547 -20.82 -15.96 54.54
N ILE L 548 -20.70 -16.75 55.61
CA ILE L 548 -19.49 -17.54 55.88
C ILE L 548 -19.30 -18.61 54.82
N THR L 549 -20.40 -19.17 54.29
CA THR L 549 -20.33 -20.03 53.11
C THR L 549 -19.81 -19.26 51.89
N GLN L 550 -20.23 -18.01 51.73
CA GLN L 550 -19.81 -17.22 50.58
C GLN L 550 -18.41 -16.63 50.70
N VAL L 551 -17.77 -16.69 51.86
CA VAL L 551 -16.44 -16.08 51.91
C VAL L 551 -15.37 -17.17 52.10
N HIS L 552 -15.80 -18.44 52.14
CA HIS L 552 -14.83 -19.52 52.20
C HIS L 552 -14.80 -20.40 50.96
N ARG L 553 -15.85 -20.41 50.13
CA ARG L 553 -15.96 -21.35 49.02
C ARG L 553 -14.90 -21.09 47.97
N LYS L 554 -14.04 -22.09 47.76
CA LYS L 554 -12.96 -21.99 46.79
C LYS L 554 -13.54 -21.90 45.39
N ASN L 555 -13.01 -20.96 44.60
CA ASN L 555 -13.40 -20.86 43.22
C ASN L 555 -12.86 -22.07 42.46
N PRO L 556 -13.70 -22.83 41.77
CA PRO L 556 -13.22 -24.05 41.10
C PRO L 556 -12.26 -23.79 39.95
N ASN L 557 -12.23 -22.58 39.40
CA ASN L 557 -11.41 -22.26 38.24
C ASN L 557 -10.04 -21.73 38.65
N THR L 558 -9.97 -20.85 39.65
CA THR L 558 -8.72 -20.22 40.04
C THR L 558 -8.21 -20.66 41.41
N GLY L 559 -9.04 -21.28 42.24
CA GLY L 559 -8.64 -21.60 43.60
C GLY L 559 -8.45 -20.37 44.46
N ARG L 560 -9.33 -19.38 44.32
CA ARG L 560 -9.19 -18.09 45.00
C ARG L 560 -10.24 -18.00 46.10
N ARG L 561 -9.88 -18.43 47.30
CA ARG L 561 -10.71 -18.17 48.47
C ARG L 561 -10.66 -16.68 48.78
N ASN L 562 -11.80 -16.12 49.19
CA ASN L 562 -11.93 -14.68 49.37
C ASN L 562 -11.39 -14.18 50.70
N TRP L 563 -10.59 -14.97 51.43
CA TRP L 563 -9.98 -14.53 52.67
C TRP L 563 -8.78 -13.65 52.39
N ASN L 564 -8.05 -13.31 53.42
CA ASN L 564 -6.81 -12.57 53.28
C ASN L 564 -5.62 -13.51 53.23
N PRO L 565 -4.55 -13.12 52.53
CA PRO L 565 -3.29 -13.83 52.68
C PRO L 565 -2.74 -13.62 54.10
N PRO L 566 -2.05 -14.63 54.65
CA PRO L 566 -1.56 -14.48 56.03
C PRO L 566 -0.29 -13.64 56.11
N THR L 571 4.04 -22.01 54.57
CA THR L 571 3.84 -22.79 53.35
C THR L 571 2.38 -22.77 52.92
N ASP L 572 2.10 -23.34 51.74
CA ASP L 572 0.74 -23.36 51.22
C ASP L 572 -0.15 -24.32 51.98
N ASN L 573 0.41 -25.41 52.49
CA ASN L 573 -0.34 -26.34 53.33
C ASN L 573 -0.78 -25.67 54.63
N GLU L 574 0.13 -24.87 55.22
CA GLU L 574 -0.24 -24.07 56.38
C GLU L 574 -1.26 -22.99 56.04
N ILE L 575 -1.21 -22.47 54.81
CA ILE L 575 -2.17 -21.48 54.36
C ILE L 575 -3.58 -22.07 54.27
N GLU L 576 -3.69 -23.29 53.72
CA GLU L 576 -4.99 -23.94 53.63
C GLU L 576 -5.47 -24.43 55.00
N LYS L 577 -4.54 -24.79 55.88
CA LYS L 577 -4.95 -25.16 57.25
C LYS L 577 -5.48 -23.90 57.93
N LEU L 578 -4.77 -22.78 57.80
CA LEU L 578 -5.18 -21.51 58.43
C LEU L 578 -6.53 -21.08 57.86
N TYR L 579 -6.72 -21.22 56.55
CA TYR L 579 -8.02 -20.87 55.93
C TYR L 579 -9.12 -21.74 56.53
N GLU L 580 -8.86 -23.05 56.65
CA GLU L 580 -9.85 -23.96 57.26
C GLU L 580 -10.07 -23.56 58.72
N THR L 581 -8.99 -23.23 59.42
CA THR L 581 -9.11 -22.80 60.84
C THR L 581 -10.09 -21.63 60.91
N ALA L 582 -9.96 -20.67 60.00
CA ALA L 582 -10.86 -19.49 60.01
C ALA L 582 -12.30 -19.98 59.85
N TYR L 583 -12.57 -20.79 58.83
CA TYR L 583 -13.96 -21.22 58.57
C TYR L 583 -14.50 -21.85 59.85
N ASN L 584 -13.69 -22.70 60.48
CA ASN L 584 -14.13 -23.38 61.73
C ASN L 584 -14.43 -22.32 62.80
N THR L 585 -13.46 -21.44 63.07
CA THR L 585 -13.64 -20.44 64.15
C THR L 585 -14.85 -19.55 63.82
N LEU L 586 -14.97 -19.13 62.56
CA LEU L 586 -16.07 -18.21 62.18
C LEU L 586 -17.41 -18.91 62.40
N LEU L 587 -17.50 -20.18 62.03
CA LEU L 587 -18.78 -20.93 62.17
C LEU L 587 -19.10 -21.12 63.66
N SER L 588 -18.09 -21.46 64.46
CA SER L 588 -18.35 -21.74 65.90
C SER L 588 -18.83 -20.47 66.61
N LEU L 589 -18.18 -19.33 66.35
CA LEU L 589 -18.54 -18.09 67.08
C LEU L 589 -20.02 -17.76 66.82
N ILE L 590 -20.51 -18.04 65.61
CA ILE L 590 -21.97 -17.83 65.33
C ILE L 590 -22.77 -18.80 66.20
N LYS L 591 -22.20 -19.97 66.51
CA LYS L 591 -22.89 -20.92 67.44
C LYS L 591 -23.04 -20.24 68.80
N TYR L 592 -21.94 -19.65 69.31
CA TYR L 592 -22.01 -18.90 70.59
C TYR L 592 -23.08 -17.82 70.48
N ASP L 593 -23.79 -17.54 71.58
CA ASP L 593 -24.90 -16.55 71.53
C ASP L 593 -24.33 -15.14 71.35
N LYS L 594 -25.22 -14.16 71.08
CA LYS L 594 -24.77 -12.76 70.89
C LYS L 594 -24.22 -12.22 72.22
N ASN L 595 -23.59 -11.04 72.19
CA ASN L 595 -23.04 -10.43 73.42
C ASN L 595 -21.75 -11.16 73.82
N LYS L 596 -21.84 -12.48 74.09
CA LYS L 596 -20.60 -13.25 74.37
C LYS L 596 -19.64 -13.00 73.21
N VAL L 597 -20.06 -13.35 71.99
CA VAL L 597 -19.21 -13.11 70.78
C VAL L 597 -19.01 -11.60 70.63
N TYR L 598 -20.07 -10.81 70.84
CA TYR L 598 -19.96 -9.35 70.64
C TYR L 598 -18.82 -8.82 71.51
N ASN L 599 -18.83 -9.18 72.80
CA ASN L 599 -17.74 -8.74 73.70
C ASN L 599 -16.43 -9.37 73.21
N ILE L 600 -16.43 -10.70 73.00
CA ILE L 600 -15.24 -11.32 72.41
C ILE L 600 -14.71 -10.48 71.27
N LEU L 601 -15.59 -10.04 70.35
CA LEU L 601 -15.06 -9.39 69.14
C LEU L 601 -14.66 -7.93 69.31
N ILE L 602 -15.14 -7.22 70.34
CA ILE L 602 -14.82 -5.79 70.54
C ILE L 602 -13.35 -5.46 70.80
N ASN L 603 -12.65 -6.19 71.69
CA ASN L 603 -11.26 -5.85 71.94
C ASN L 603 -10.34 -6.26 70.79
N PHE L 604 -10.87 -7.00 69.82
CA PHE L 604 -10.13 -7.42 68.64
C PHE L 604 -10.28 -6.44 67.48
N ASN L 605 -11.50 -5.96 67.22
CA ASN L 605 -11.75 -4.86 66.29
C ASN L 605 -12.83 -4.00 66.91
N PRO L 606 -12.46 -2.92 67.59
CA PRO L 606 -13.46 -2.03 68.19
C PRO L 606 -14.17 -1.19 67.13
N LYS L 607 -15.48 -1.43 66.99
CA LYS L 607 -16.30 -0.69 66.06
C LYS L 607 -17.75 -0.66 66.51
#